data_1PFJ
#
_entry.id   1PFJ
#
_entity_poly.entity_id   1
_entity_poly.type   'polypeptide(L)'
_entity_poly.pdbx_seq_one_letter_code
;MATSSEEVLLIVKKVRQKKQDGALYLMAERIAWAPEGKDRFTISHMYADIKCQKISPEGKAKIQLQLVLHAGDTTNFHFS
NESTAVKERDAVKDLLQQLLPKFKRKAN
;
_entity_poly.pdbx_strand_id   A
#
# COMPACT_ATOMS: atom_id res chain seq x y z
N MET A 1 -2.37 11.35 -19.22
CA MET A 1 -1.35 12.23 -19.86
C MET A 1 -2.05 13.36 -20.62
N ALA A 2 -3.18 13.79 -20.14
CA ALA A 2 -3.89 14.87 -20.81
C ALA A 2 -3.70 16.17 -20.04
N THR A 3 -3.29 16.09 -18.81
CA THR A 3 -3.09 17.30 -18.02
C THR A 3 -1.59 17.49 -17.76
N SER A 4 -0.99 16.57 -17.04
CA SER A 4 0.42 16.68 -16.76
C SER A 4 1.04 15.30 -16.62
N SER A 5 1.10 14.78 -15.42
CA SER A 5 1.67 13.46 -15.22
C SER A 5 0.82 12.69 -14.22
N GLU A 6 1.20 11.48 -13.90
CA GLU A 6 0.43 10.70 -12.95
C GLU A 6 0.40 11.42 -11.60
N GLU A 7 -0.53 11.08 -10.76
CA GLU A 7 -0.59 11.71 -9.46
C GLU A 7 -0.43 10.63 -8.37
N VAL A 8 0.67 10.64 -7.66
CA VAL A 8 0.88 9.62 -6.65
C VAL A 8 0.52 10.18 -5.28
N LEU A 9 0.16 9.33 -4.37
CA LEU A 9 -0.27 9.79 -3.06
C LEU A 9 0.86 9.71 -2.01
N LEU A 10 1.52 8.59 -1.82
CA LEU A 10 2.57 8.57 -0.81
C LEU A 10 3.55 7.43 -1.06
N ILE A 11 4.73 7.52 -0.49
CA ILE A 11 5.72 6.48 -0.71
C ILE A 11 6.44 6.19 0.62
N VAL A 12 6.69 4.95 0.89
CA VAL A 12 7.38 4.58 2.12
C VAL A 12 8.65 3.81 1.79
N LYS A 13 9.76 4.47 1.86
CA LYS A 13 11.06 3.86 1.57
C LYS A 13 11.29 2.64 2.46
N LYS A 14 10.57 2.56 3.52
CA LYS A 14 10.74 1.44 4.42
C LYS A 14 9.48 0.58 4.48
N VAL A 15 9.58 -0.67 4.08
CA VAL A 15 8.45 -1.56 4.27
C VAL A 15 8.91 -2.98 4.44
N ARG A 16 8.17 -3.73 5.19
CA ARG A 16 8.50 -5.10 5.45
C ARG A 16 7.34 -5.97 5.02
N GLN A 17 7.61 -7.00 4.28
CA GLN A 17 6.55 -7.87 3.88
C GLN A 17 7.09 -9.28 4.00
N LYS A 18 6.29 -10.18 4.54
CA LYS A 18 6.77 -11.53 4.80
C LYS A 18 7.73 -12.00 3.70
N LYS A 19 7.65 -11.45 2.53
CA LYS A 19 8.59 -11.86 1.50
C LYS A 19 9.94 -11.15 1.73
N GLN A 20 9.92 -9.85 1.75
CA GLN A 20 11.12 -9.06 1.83
C GLN A 20 10.86 -7.72 2.50
N ASP A 21 11.88 -7.02 2.82
CA ASP A 21 11.69 -5.72 3.38
C ASP A 21 12.05 -4.85 2.19
N GLY A 22 11.20 -3.92 1.88
CA GLY A 22 11.40 -3.11 0.72
C GLY A 22 10.55 -1.85 0.81
N ALA A 23 10.81 -0.89 -0.02
CA ALA A 23 10.08 0.35 0.07
C ALA A 23 8.76 0.24 -0.71
N LEU A 24 7.75 0.78 -0.09
CA LEU A 24 6.41 0.68 -0.62
C LEU A 24 5.96 2.05 -1.16
N TYR A 25 5.45 2.06 -2.36
CA TYR A 25 5.01 3.29 -2.99
C TYR A 25 3.50 3.24 -3.15
N LEU A 26 2.75 4.26 -2.83
CA LEU A 26 1.33 4.17 -3.01
C LEU A 26 0.93 5.18 -4.10
N MET A 27 0.17 4.75 -5.07
CA MET A 27 -0.26 5.66 -6.12
C MET A 27 -1.78 5.80 -6.05
N ALA A 28 -2.29 6.90 -6.51
CA ALA A 28 -3.72 7.11 -6.45
C ALA A 28 -4.49 5.82 -6.75
N GLU A 29 -4.26 5.18 -7.87
CA GLU A 29 -5.03 3.99 -8.19
C GLU A 29 -4.23 2.70 -7.96
N ARG A 30 -3.06 2.74 -7.39
CA ARG A 30 -2.36 1.47 -7.22
C ARG A 30 -1.33 1.50 -6.11
N ILE A 31 -0.89 0.34 -5.71
CA ILE A 31 0.11 0.23 -4.67
C ILE A 31 1.40 -0.30 -5.32
N ALA A 32 2.49 0.40 -5.15
CA ALA A 32 3.74 -0.02 -5.76
C ALA A 32 4.73 -0.49 -4.70
N TRP A 33 5.65 -1.31 -5.13
CA TRP A 33 6.65 -1.82 -4.20
C TRP A 33 8.02 -1.75 -4.83
N ALA A 34 9.02 -1.50 -4.05
CA ALA A 34 10.37 -1.46 -4.57
C ALA A 34 11.39 -1.86 -3.50
N PRO A 35 12.57 -2.21 -3.94
CA PRO A 35 13.63 -2.55 -2.97
C PRO A 35 14.72 -1.49 -3.04
N GLU A 36 15.81 -1.68 -2.36
CA GLU A 36 16.87 -0.69 -2.42
C GLU A 36 17.14 -0.33 -3.89
N GLY A 37 16.56 0.73 -4.37
CA GLY A 37 16.77 1.10 -5.77
C GLY A 37 16.90 2.63 -5.89
N LYS A 38 16.14 3.22 -6.77
CA LYS A 38 16.23 4.66 -6.94
C LYS A 38 14.94 5.33 -6.39
N ASP A 39 14.02 5.68 -7.25
CA ASP A 39 12.81 6.33 -6.77
C ASP A 39 11.59 5.74 -7.49
N ARG A 40 11.72 4.56 -8.04
CA ARG A 40 10.59 3.95 -8.72
C ARG A 40 10.11 2.74 -7.91
N PHE A 41 9.40 1.83 -8.52
CA PHE A 41 8.97 0.67 -7.74
C PHE A 41 9.06 -0.61 -8.56
N THR A 42 9.34 -1.67 -7.86
CA THR A 42 9.46 -2.98 -8.47
C THR A 42 8.09 -3.42 -9.03
N ILE A 43 7.02 -3.04 -8.39
CA ILE A 43 5.70 -3.46 -8.85
C ILE A 43 4.65 -2.38 -8.58
N SER A 44 3.44 -2.64 -9.00
CA SER A 44 2.36 -1.70 -8.78
C SER A 44 1.04 -2.41 -9.09
N HIS A 45 0.15 -2.52 -8.13
CA HIS A 45 -1.11 -3.20 -8.38
C HIS A 45 -2.23 -2.17 -8.41
N MET A 46 -2.91 -2.05 -9.52
CA MET A 46 -3.98 -1.08 -9.62
C MET A 46 -5.14 -1.48 -8.71
N TYR A 47 -5.45 -0.65 -7.77
CA TYR A 47 -6.53 -0.94 -6.85
C TYR A 47 -7.71 -1.59 -7.60
N ALA A 48 -8.13 -1.05 -8.73
CA ALA A 48 -9.24 -1.67 -9.46
C ALA A 48 -8.75 -3.02 -10.04
N ASP A 49 -7.50 -3.05 -10.36
CA ASP A 49 -6.84 -4.24 -10.88
C ASP A 49 -6.73 -5.28 -9.76
N ILE A 50 -7.14 -4.93 -8.58
CA ILE A 50 -7.09 -5.87 -7.48
C ILE A 50 -8.36 -5.74 -6.64
N LYS A 51 -8.93 -6.81 -6.11
CA LYS A 51 -10.12 -6.59 -5.30
C LYS A 51 -10.22 -7.55 -4.13
N CYS A 52 -9.92 -7.02 -2.99
CA CYS A 52 -10.04 -7.73 -1.74
C CYS A 52 -9.42 -6.83 -0.69
N GLN A 53 -10.05 -6.58 0.40
CA GLN A 53 -9.42 -5.70 1.35
C GLN A 53 -9.68 -6.12 2.78
N LYS A 54 -8.62 -6.30 3.50
CA LYS A 54 -8.71 -6.69 4.89
C LYS A 54 -7.90 -5.68 5.70
N ILE A 55 -8.48 -5.11 6.72
CA ILE A 55 -7.74 -4.15 7.50
C ILE A 55 -7.42 -4.77 8.85
N SER A 56 -6.21 -5.20 9.03
CA SER A 56 -5.85 -5.85 10.27
C SER A 56 -4.78 -5.08 11.08
N PRO A 57 -4.63 -3.79 10.91
CA PRO A 57 -3.62 -3.16 11.81
C PRO A 57 -4.23 -2.08 12.70
N GLU A 58 -5.12 -2.46 13.56
CA GLU A 58 -5.71 -1.51 14.48
C GLU A 58 -5.10 -1.79 15.86
N GLY A 59 -4.96 -3.05 16.18
CA GLY A 59 -4.33 -3.45 17.43
C GLY A 59 -3.54 -4.73 17.11
N LYS A 60 -2.74 -4.69 16.07
CA LYS A 60 -2.02 -5.90 15.68
C LYS A 60 -0.50 -5.77 15.80
N ALA A 61 0.18 -6.81 15.37
CA ALA A 61 1.63 -6.87 15.42
C ALA A 61 2.22 -5.47 15.28
N LYS A 62 2.18 -4.88 14.11
CA LYS A 62 2.72 -3.55 13.98
C LYS A 62 2.34 -2.91 12.66
N ILE A 63 1.13 -3.02 12.19
CA ILE A 63 0.72 -2.36 10.95
C ILE A 63 0.96 -3.19 9.67
N GLN A 64 0.02 -4.08 9.42
CA GLN A 64 0.07 -4.94 8.25
C GLN A 64 -1.26 -4.88 7.50
N LEU A 65 -1.23 -4.66 6.21
CA LEU A 65 -2.48 -4.61 5.47
C LEU A 65 -2.54 -5.77 4.47
N GLN A 66 -3.71 -6.04 3.93
CA GLN A 66 -3.82 -7.14 2.98
C GLN A 66 -4.86 -6.80 1.89
N LEU A 67 -4.49 -7.02 0.65
CA LEU A 67 -5.38 -6.74 -0.45
C LEU A 67 -5.26 -7.90 -1.42
N VAL A 68 -6.28 -8.19 -2.17
CA VAL A 68 -6.16 -9.30 -3.09
C VAL A 68 -6.51 -8.86 -4.49
N LEU A 69 -6.03 -9.59 -5.42
CA LEU A 69 -6.22 -9.28 -6.79
C LEU A 69 -7.49 -9.97 -7.27
N HIS A 70 -8.27 -9.34 -8.14
CA HIS A 70 -9.46 -10.01 -8.64
C HIS A 70 -9.04 -11.44 -8.98
N ALA A 71 -7.80 -11.55 -9.40
CA ALA A 71 -7.23 -12.83 -9.71
C ALA A 71 -6.97 -13.55 -8.39
N GLY A 72 -6.01 -14.44 -8.37
CA GLY A 72 -5.74 -15.20 -7.15
C GLY A 72 -4.40 -14.76 -6.58
N ASP A 73 -4.26 -13.48 -6.41
CA ASP A 73 -3.02 -12.98 -5.89
C ASP A 73 -3.29 -12.04 -4.74
N THR A 74 -2.58 -12.21 -3.66
CA THR A 74 -2.81 -11.37 -2.51
C THR A 74 -1.65 -10.40 -2.38
N THR A 75 -1.83 -9.36 -1.62
CA THR A 75 -0.79 -8.41 -1.44
C THR A 75 -0.72 -8.12 0.06
N ASN A 76 0.29 -8.61 0.74
CA ASN A 76 0.38 -8.35 2.15
C ASN A 76 1.54 -7.41 2.39
N PHE A 77 1.38 -6.44 3.25
CA PHE A 77 2.49 -5.53 3.46
C PHE A 77 2.59 -5.13 4.94
N HIS A 78 3.79 -4.84 5.36
CA HIS A 78 4.00 -4.48 6.75
C HIS A 78 5.07 -3.39 6.87
N PHE A 79 4.95 -2.64 7.90
CA PHE A 79 5.91 -1.58 8.17
C PHE A 79 6.37 -1.81 9.61
N SER A 80 7.63 -1.71 9.97
CA SER A 80 7.93 -1.89 11.38
C SER A 80 9.43 -1.67 11.60
N ASN A 81 9.76 -1.09 12.70
CA ASN A 81 11.16 -0.88 13.03
C ASN A 81 11.30 -0.87 14.54
N GLU A 82 12.47 -0.61 15.05
CA GLU A 82 12.62 -0.57 16.48
C GLU A 82 11.55 0.37 17.04
N SER A 83 11.25 1.43 16.33
CA SER A 83 10.24 2.35 16.79
C SER A 83 9.56 3.05 15.60
N THR A 84 9.62 2.50 14.42
CA THR A 84 9.00 3.19 13.30
C THR A 84 7.74 2.44 12.85
N ALA A 85 7.24 1.51 13.63
CA ALA A 85 6.00 0.86 13.27
C ALA A 85 4.86 1.62 13.95
N VAL A 86 4.58 2.79 13.50
CA VAL A 86 3.53 3.57 14.13
C VAL A 86 2.86 4.57 13.15
N LYS A 87 2.58 5.76 13.63
CA LYS A 87 1.93 6.78 12.81
C LYS A 87 2.38 6.73 11.35
N GLU A 88 3.67 6.78 11.11
CA GLU A 88 4.17 6.73 9.73
C GLU A 88 3.32 5.77 8.90
N ARG A 89 3.53 4.54 9.14
CA ARG A 89 2.81 3.49 8.44
C ARG A 89 1.33 3.70 8.74
N ASP A 90 1.03 4.02 9.97
CA ASP A 90 -0.35 4.27 10.36
C ASP A 90 -1.01 5.06 9.23
N ALA A 91 -0.48 6.22 8.92
CA ALA A 91 -1.05 7.03 7.86
C ALA A 91 -0.96 6.26 6.52
N VAL A 92 0.10 5.51 6.31
CA VAL A 92 0.18 4.75 5.06
C VAL A 92 -1.15 4.02 4.88
N LYS A 93 -1.41 3.06 5.73
CA LYS A 93 -2.66 2.35 5.65
C LYS A 93 -3.77 3.40 5.56
N ASP A 94 -3.71 4.37 6.45
CA ASP A 94 -4.69 5.44 6.47
C ASP A 94 -4.92 5.94 5.05
N LEU A 95 -3.97 5.77 4.17
CA LEU A 95 -4.18 6.18 2.80
C LEU A 95 -4.97 5.06 2.14
N LEU A 96 -4.48 3.85 2.29
CA LEU A 96 -5.14 2.68 1.71
C LEU A 96 -6.66 2.83 1.82
N GLN A 97 -7.17 2.87 3.02
CA GLN A 97 -8.62 3.00 3.20
C GLN A 97 -9.10 4.36 2.71
N GLN A 98 -8.19 5.19 2.29
CA GLN A 98 -8.56 6.50 1.79
C GLN A 98 -8.83 6.40 0.27
N LEU A 99 -8.08 5.57 -0.43
CA LEU A 99 -8.31 5.42 -1.86
C LEU A 99 -9.35 4.32 -2.07
N LEU A 100 -9.44 3.43 -1.14
CA LEU A 100 -10.37 2.32 -1.26
C LEU A 100 -11.72 2.88 -1.76
N PRO A 101 -11.96 4.11 -1.41
CA PRO A 101 -13.21 4.77 -1.83
C PRO A 101 -13.18 5.21 -3.30
N LYS A 102 -12.07 5.07 -3.97
CA LYS A 102 -11.98 5.49 -5.37
C LYS A 102 -12.46 4.39 -6.32
N PHE A 103 -12.01 3.19 -6.08
CA PHE A 103 -12.38 2.11 -6.97
C PHE A 103 -13.41 1.22 -6.30
N LYS A 104 -13.87 1.59 -5.13
CA LYS A 104 -14.88 0.80 -4.44
C LYS A 104 -15.56 1.68 -3.40
N ARG A 105 -16.69 2.24 -3.71
CA ARG A 105 -17.37 3.09 -2.75
C ARG A 105 -17.88 2.24 -1.59
N LYS A 106 -17.55 2.61 -0.37
CA LYS A 106 -18.02 1.84 0.76
C LYS A 106 -19.31 2.46 1.30
N ALA A 107 -19.31 3.73 1.57
CA ALA A 107 -20.51 4.37 2.07
C ALA A 107 -20.96 5.45 1.08
N ASN A 108 -22.20 5.85 1.15
CA ASN A 108 -22.70 6.87 0.24
C ASN A 108 -21.83 8.12 0.36
N MET A 1 -1.48 23.17 -10.88
CA MET A 1 -0.60 22.04 -11.26
C MET A 1 0.28 22.44 -12.44
N ALA A 2 1.33 21.70 -12.69
CA ALA A 2 2.20 22.04 -13.80
C ALA A 2 2.25 20.88 -14.78
N THR A 3 1.82 19.72 -14.38
CA THR A 3 1.84 18.58 -15.27
C THR A 3 0.63 17.68 -14.97
N SER A 4 -0.24 17.50 -15.93
CA SER A 4 -1.40 16.66 -15.70
C SER A 4 -1.03 15.20 -15.93
N SER A 5 -0.15 14.66 -15.13
CA SER A 5 0.25 13.28 -15.31
C SER A 5 -0.39 12.42 -14.21
N GLU A 6 0.14 11.25 -13.98
CA GLU A 6 -0.45 10.41 -12.94
C GLU A 6 -0.37 11.13 -11.60
N GLU A 7 -1.28 10.83 -10.72
CA GLU A 7 -1.26 11.46 -9.42
C GLU A 7 -1.13 10.39 -8.34
N VAL A 8 -0.02 10.29 -7.67
CA VAL A 8 0.10 9.26 -6.67
C VAL A 8 -0.18 9.89 -5.30
N LEU A 9 -0.62 9.11 -4.36
CA LEU A 9 -0.98 9.69 -3.08
C LEU A 9 0.12 9.52 -2.00
N LEU A 10 0.92 8.48 -1.97
CA LEU A 10 1.93 8.43 -0.92
C LEU A 10 2.84 7.21 -1.07
N ILE A 11 3.98 7.24 -0.43
CA ILE A 11 4.90 6.13 -0.52
C ILE A 11 5.55 5.84 0.83
N VAL A 12 5.74 4.60 1.16
CA VAL A 12 6.41 4.26 2.39
C VAL A 12 7.83 3.85 1.99
N LYS A 13 8.80 4.31 2.73
CA LYS A 13 10.18 4.10 2.36
C LYS A 13 10.83 2.81 2.86
N LYS A 14 10.52 2.31 3.99
CA LYS A 14 11.08 1.00 4.29
C LYS A 14 10.04 0.04 4.81
N VAL A 15 9.53 -0.82 3.99
CA VAL A 15 8.45 -1.66 4.44
C VAL A 15 8.88 -3.10 4.59
N ARG A 16 8.09 -3.82 5.33
CA ARG A 16 8.33 -5.19 5.60
C ARG A 16 7.11 -5.97 5.17
N GLN A 17 7.26 -6.88 4.29
CA GLN A 17 6.11 -7.64 3.92
C GLN A 17 6.47 -9.11 4.06
N LYS A 18 5.52 -9.90 4.50
CA LYS A 18 5.79 -11.30 4.82
C LYS A 18 6.80 -11.91 3.84
N LYS A 19 6.99 -11.36 2.68
CA LYS A 19 7.97 -11.94 1.78
C LYS A 19 9.35 -11.24 1.95
N GLN A 20 9.34 -9.94 1.86
CA GLN A 20 10.56 -9.16 1.87
C GLN A 20 10.31 -7.78 2.43
N ASP A 21 11.35 -7.06 2.70
CA ASP A 21 11.16 -5.71 3.17
C ASP A 21 11.54 -4.90 1.95
N GLY A 22 10.77 -3.91 1.64
CA GLY A 22 11.01 -3.13 0.45
C GLY A 22 10.26 -1.81 0.60
N ALA A 23 10.52 -0.83 -0.22
CA ALA A 23 9.81 0.42 -0.06
C ALA A 23 8.50 0.27 -0.80
N LEU A 24 7.48 0.78 -0.20
CA LEU A 24 6.15 0.61 -0.73
C LEU A 24 5.65 1.93 -1.29
N TYR A 25 5.08 1.90 -2.46
CA TYR A 25 4.58 3.11 -3.06
C TYR A 25 3.08 2.97 -3.20
N LEU A 26 2.33 3.98 -2.88
CA LEU A 26 0.90 3.88 -3.00
C LEU A 26 0.47 4.92 -4.04
N MET A 27 -0.45 4.58 -4.90
CA MET A 27 -0.90 5.52 -5.90
C MET A 27 -2.42 5.42 -5.98
N ALA A 28 -3.08 6.50 -6.32
CA ALA A 28 -4.53 6.48 -6.41
C ALA A 28 -5.01 5.14 -6.98
N GLU A 29 -4.56 4.80 -8.15
CA GLU A 29 -5.07 3.60 -8.77
C GLU A 29 -4.30 2.33 -8.39
N ARG A 30 -3.16 2.38 -7.75
CA ARG A 30 -2.52 1.10 -7.45
C ARG A 30 -1.44 1.22 -6.38
N ILE A 31 -1.03 0.09 -5.88
CA ILE A 31 0.02 0.05 -4.88
C ILE A 31 1.27 -0.57 -5.53
N ALA A 32 2.42 0.04 -5.39
CA ALA A 32 3.61 -0.50 -6.01
C ALA A 32 4.66 -0.83 -4.95
N TRP A 33 5.45 -1.83 -5.19
CA TRP A 33 6.47 -2.20 -4.24
C TRP A 33 7.83 -2.21 -4.95
N ALA A 34 8.83 -1.68 -4.33
CA ALA A 34 10.14 -1.66 -4.97
C ALA A 34 11.28 -1.64 -3.93
N PRO A 35 12.46 -1.92 -4.42
CA PRO A 35 13.64 -1.89 -3.52
C PRO A 35 14.46 -0.63 -3.83
N GLU A 36 15.73 -0.61 -3.48
CA GLU A 36 16.53 0.57 -3.77
C GLU A 36 17.80 0.18 -4.51
N GLY A 37 17.73 0.02 -5.81
CA GLY A 37 18.92 -0.34 -6.57
C GLY A 37 18.70 0.00 -8.05
N LYS A 38 19.19 -0.80 -8.95
CA LYS A 38 19.00 -0.53 -10.37
C LYS A 38 17.69 -1.20 -10.81
N ASP A 39 16.69 -1.12 -9.97
CA ASP A 39 15.39 -1.66 -10.27
C ASP A 39 14.46 -1.02 -9.25
N ARG A 40 13.32 -0.48 -9.61
CA ARG A 40 12.50 0.11 -8.57
C ARG A 40 11.15 -0.60 -8.51
N PHE A 41 10.16 -0.03 -9.10
CA PHE A 41 8.85 -0.63 -9.08
C PHE A 41 8.91 -2.13 -9.29
N THR A 42 8.96 -2.86 -8.21
CA THR A 42 9.01 -4.29 -8.29
C THR A 42 7.57 -4.81 -8.37
N ILE A 43 6.65 -4.06 -7.82
CA ILE A 43 5.26 -4.50 -7.82
C ILE A 43 4.33 -3.34 -8.15
N SER A 44 3.13 -3.68 -8.54
CA SER A 44 2.14 -2.68 -8.85
C SER A 44 0.78 -3.35 -9.01
N HIS A 45 -0.06 -3.27 -8.01
CA HIS A 45 -1.37 -3.89 -8.12
C HIS A 45 -2.42 -2.79 -8.24
N MET A 46 -3.15 -2.80 -9.32
CA MET A 46 -4.17 -1.79 -9.53
C MET A 46 -5.32 -1.99 -8.54
N TYR A 47 -5.51 -1.04 -7.67
CA TYR A 47 -6.57 -1.15 -6.67
C TYR A 47 -7.86 -1.75 -7.31
N ALA A 48 -8.26 -1.32 -8.48
CA ALA A 48 -9.45 -1.91 -9.11
C ALA A 48 -9.11 -3.36 -9.52
N ASP A 49 -7.89 -3.52 -9.96
CA ASP A 49 -7.32 -4.81 -10.35
C ASP A 49 -7.21 -5.73 -9.12
N ILE A 50 -7.56 -5.21 -7.97
CA ILE A 50 -7.51 -6.03 -6.77
C ILE A 50 -8.74 -5.74 -5.91
N LYS A 51 -9.37 -6.73 -5.31
CA LYS A 51 -10.50 -6.38 -4.49
C LYS A 51 -10.67 -7.30 -3.30
N CYS A 52 -10.28 -6.79 -2.18
CA CYS A 52 -10.43 -7.46 -0.91
C CYS A 52 -9.70 -6.59 0.09
N GLN A 53 -10.29 -6.29 1.20
CA GLN A 53 -9.58 -5.40 2.09
C GLN A 53 -9.81 -5.77 3.56
N LYS A 54 -8.73 -6.01 4.23
CA LYS A 54 -8.77 -6.33 5.64
C LYS A 54 -7.90 -5.28 6.35
N ILE A 55 -8.46 -4.51 7.23
CA ILE A 55 -7.66 -3.50 7.88
C ILE A 55 -7.47 -3.91 9.35
N SER A 56 -6.30 -4.40 9.66
CA SER A 56 -6.04 -4.81 11.02
C SER A 56 -4.90 -4.01 11.70
N PRO A 57 -4.82 -2.70 11.48
CA PRO A 57 -3.76 -1.96 12.24
C PRO A 57 -4.31 -0.74 12.97
N GLU A 58 -5.53 -0.78 13.45
CA GLU A 58 -6.05 0.39 14.15
C GLU A 58 -5.32 0.52 15.49
N GLY A 59 -5.15 -0.59 16.16
CA GLY A 59 -4.40 -0.62 17.41
C GLY A 59 -3.65 -1.95 17.40
N LYS A 60 -2.86 -2.17 16.38
CA LYS A 60 -2.20 -3.46 16.27
C LYS A 60 -0.67 -3.39 16.35
N ALA A 61 -0.05 -4.48 16.00
CA ALA A 61 1.39 -4.59 16.03
C ALA A 61 2.04 -3.29 15.58
N LYS A 62 1.99 -2.99 14.29
CA LYS A 62 2.60 -1.76 13.85
C LYS A 62 2.19 -1.41 12.42
N ILE A 63 0.94 -1.47 12.06
CA ILE A 63 0.51 -1.14 10.71
C ILE A 63 0.76 -2.30 9.73
N GLN A 64 -0.17 -3.22 9.73
CA GLN A 64 -0.10 -4.35 8.84
C GLN A 64 -1.40 -4.37 8.01
N LEU A 65 -1.32 -4.53 6.72
CA LEU A 65 -2.55 -4.52 5.93
C LEU A 65 -2.64 -5.72 5.00
N GLN A 66 -3.81 -6.00 4.49
CA GLN A 66 -3.99 -7.13 3.60
C GLN A 66 -5.09 -6.81 2.58
N LEU A 67 -4.78 -6.94 1.32
CA LEU A 67 -5.74 -6.66 0.26
C LEU A 67 -5.70 -7.87 -0.68
N VAL A 68 -6.73 -8.14 -1.40
CA VAL A 68 -6.66 -9.29 -2.27
C VAL A 68 -7.04 -8.94 -3.69
N LEU A 69 -6.56 -9.75 -4.55
CA LEU A 69 -6.74 -9.57 -5.96
C LEU A 69 -8.04 -10.23 -6.41
N HIS A 70 -8.71 -9.69 -7.40
CA HIS A 70 -9.93 -10.33 -7.86
C HIS A 70 -9.59 -11.82 -8.01
N ALA A 71 -8.35 -12.06 -8.33
CA ALA A 71 -7.86 -13.41 -8.46
C ALA A 71 -7.60 -13.96 -7.05
N GLY A 72 -6.73 -14.90 -6.91
CA GLY A 72 -6.47 -15.50 -5.61
C GLY A 72 -5.09 -15.07 -5.12
N ASP A 73 -4.89 -13.80 -5.14
CA ASP A 73 -3.61 -13.27 -4.73
C ASP A 73 -3.86 -12.19 -3.69
N THR A 74 -3.17 -12.27 -2.60
CA THR A 74 -3.38 -11.29 -1.56
C THR A 74 -2.18 -10.37 -1.53
N THR A 75 -2.30 -9.26 -0.88
CA THR A 75 -1.19 -8.35 -0.78
C THR A 75 -1.08 -7.99 0.69
N ASN A 76 -0.06 -8.44 1.35
CA ASN A 76 0.09 -8.11 2.75
C ASN A 76 1.26 -7.15 2.87
N PHE A 77 1.15 -6.14 3.67
CA PHE A 77 2.26 -5.24 3.78
C PHE A 77 2.43 -4.74 5.21
N HIS A 78 3.65 -4.56 5.60
CA HIS A 78 3.89 -4.16 6.98
C HIS A 78 5.08 -3.21 7.09
N PHE A 79 5.10 -2.44 8.14
CA PHE A 79 6.19 -1.51 8.34
C PHE A 79 6.48 -1.39 9.85
N SER A 80 7.71 -1.21 10.28
CA SER A 80 7.98 -1.02 11.71
C SER A 80 9.48 -0.77 11.87
N ASN A 81 9.88 0.10 12.75
CA ASN A 81 11.30 0.32 12.91
C ASN A 81 11.59 0.74 14.35
N GLU A 82 12.84 0.93 14.68
CA GLU A 82 13.16 1.34 16.03
C GLU A 82 12.23 2.49 16.43
N SER A 83 11.95 3.36 15.50
CA SER A 83 11.07 4.47 15.81
C SER A 83 10.29 4.92 14.57
N THR A 84 10.21 4.11 13.54
CA THR A 84 9.47 4.53 12.36
C THR A 84 8.22 3.66 12.22
N ALA A 85 7.78 3.05 13.28
CA ALA A 85 6.54 2.29 13.22
C ALA A 85 5.40 3.21 13.69
N VAL A 86 5.11 4.27 13.00
CA VAL A 86 4.04 5.14 13.48
C VAL A 86 3.35 5.91 12.34
N LYS A 87 3.00 7.17 12.60
CA LYS A 87 2.33 8.00 11.61
C LYS A 87 2.83 7.66 10.20
N GLU A 88 4.10 7.54 10.03
CA GLU A 88 4.62 7.20 8.72
C GLU A 88 3.79 6.05 8.14
N ARG A 89 3.99 4.90 8.67
CA ARG A 89 3.27 3.74 8.23
C ARG A 89 1.78 3.95 8.51
N ASP A 90 1.44 4.25 9.73
CA ASP A 90 0.05 4.47 10.08
C ASP A 90 -0.58 5.51 9.13
N ALA A 91 0.21 6.20 8.36
CA ALA A 91 -0.33 7.19 7.45
C ALA A 91 -0.49 6.57 6.06
N VAL A 92 0.41 5.70 5.66
CA VAL A 92 0.23 5.06 4.38
C VAL A 92 -0.95 4.12 4.51
N LYS A 93 -1.04 3.45 5.62
CA LYS A 93 -2.17 2.59 5.86
C LYS A 93 -3.38 3.51 5.90
N ASP A 94 -3.38 4.45 6.84
CA ASP A 94 -4.47 5.40 6.94
C ASP A 94 -4.85 5.90 5.55
N LEU A 95 -3.94 5.83 4.60
CA LEU A 95 -4.27 6.26 3.26
C LEU A 95 -4.83 5.06 2.51
N LEU A 96 -4.21 3.92 2.66
CA LEU A 96 -4.68 2.71 1.99
C LEU A 96 -6.21 2.65 2.05
N GLN A 97 -6.75 2.63 3.23
CA GLN A 97 -8.20 2.57 3.40
C GLN A 97 -8.84 3.88 2.92
N GLN A 98 -8.04 4.80 2.47
CA GLN A 98 -8.57 6.05 1.98
C GLN A 98 -8.85 5.90 0.47
N LEU A 99 -7.97 5.22 -0.23
CA LEU A 99 -8.19 5.02 -1.66
C LEU A 99 -9.12 3.82 -1.86
N LEU A 100 -9.15 2.93 -0.90
CA LEU A 100 -9.98 1.75 -1.04
C LEU A 100 -11.34 2.17 -1.59
N PRO A 101 -11.92 3.13 -0.92
CA PRO A 101 -13.22 3.65 -1.38
C PRO A 101 -13.18 3.92 -2.90
N LYS A 102 -12.09 4.43 -3.37
CA LYS A 102 -11.97 4.76 -4.78
C LYS A 102 -12.40 3.62 -5.71
N PHE A 103 -12.06 2.41 -5.39
CA PHE A 103 -12.41 1.30 -6.28
C PHE A 103 -13.41 0.37 -5.60
N LYS A 104 -13.82 0.69 -4.40
CA LYS A 104 -14.78 -0.15 -3.72
C LYS A 104 -15.46 0.64 -2.60
N ARG A 105 -16.75 0.77 -2.67
CA ARG A 105 -17.46 1.51 -1.65
C ARG A 105 -18.94 1.11 -1.66
N LYS A 106 -19.55 1.12 -2.81
CA LYS A 106 -20.95 0.76 -2.89
C LYS A 106 -21.10 -0.57 -3.63
N ALA A 107 -21.05 -0.55 -4.94
CA ALA A 107 -21.19 -1.77 -5.69
C ALA A 107 -20.51 -1.61 -7.05
N ASN A 108 -19.46 -0.84 -7.12
CA ASN A 108 -18.78 -0.66 -8.40
C ASN A 108 -17.35 -0.20 -8.14
N MET A 1 5.36 16.24 -17.26
CA MET A 1 5.58 16.61 -18.68
C MET A 1 4.27 17.13 -19.28
N ALA A 2 3.20 16.39 -19.11
CA ALA A 2 1.94 16.84 -19.65
C ALA A 2 1.15 17.57 -18.58
N THR A 3 -0.14 17.75 -18.78
CA THR A 3 -0.93 18.45 -17.79
C THR A 3 -0.92 17.65 -16.48
N SER A 4 -1.73 18.03 -15.53
CA SER A 4 -1.76 17.33 -14.26
C SER A 4 -1.73 15.82 -14.51
N SER A 5 -1.04 15.08 -13.69
CA SER A 5 -0.98 13.65 -13.89
C SER A 5 -1.69 12.94 -12.73
N GLU A 6 -1.24 11.76 -12.38
CA GLU A 6 -1.87 11.05 -11.29
C GLU A 6 -1.63 11.78 -9.98
N GLU A 7 -2.40 11.45 -8.99
CA GLU A 7 -2.22 12.07 -7.69
C GLU A 7 -1.89 11.00 -6.67
N VAL A 8 -0.70 10.97 -6.12
CA VAL A 8 -0.37 9.93 -5.18
C VAL A 8 -0.54 10.45 -3.77
N LEU A 9 -0.79 9.57 -2.85
CA LEU A 9 -1.06 10.00 -1.49
C LEU A 9 0.18 9.91 -0.57
N LEU A 10 1.01 8.90 -0.66
CA LEU A 10 2.15 8.90 0.25
C LEU A 10 3.16 7.84 -0.18
N ILE A 11 4.41 8.04 0.12
CA ILE A 11 5.42 7.06 -0.26
C ILE A 11 6.23 6.67 0.99
N VAL A 12 6.50 5.42 1.14
CA VAL A 12 7.28 4.98 2.27
C VAL A 12 8.52 4.24 1.77
N LYS A 13 9.61 4.95 1.70
CA LYS A 13 10.87 4.39 1.25
C LYS A 13 11.25 3.18 2.10
N LYS A 14 10.66 3.09 3.23
CA LYS A 14 10.94 1.97 4.11
C LYS A 14 9.69 1.09 4.25
N VAL A 15 9.76 -0.14 3.80
CA VAL A 15 8.64 -1.01 4.05
C VAL A 15 9.13 -2.43 4.15
N ARG A 16 8.49 -3.19 4.97
CA ARG A 16 8.85 -4.57 5.17
C ARG A 16 7.64 -5.40 4.85
N GLN A 17 7.84 -6.49 4.21
CA GLN A 17 6.70 -7.32 3.90
C GLN A 17 7.17 -8.76 3.99
N LYS A 18 6.38 -9.62 4.58
CA LYS A 18 6.81 -11.00 4.80
C LYS A 18 7.66 -11.50 3.63
N LYS A 19 7.52 -10.94 2.47
CA LYS A 19 8.35 -11.38 1.37
C LYS A 19 9.74 -10.72 1.44
N GLN A 20 9.78 -9.41 1.41
CA GLN A 20 11.02 -8.67 1.36
C GLN A 20 10.86 -7.31 2.03
N ASP A 21 11.94 -6.62 2.25
CA ASP A 21 11.81 -5.31 2.83
C ASP A 21 12.10 -4.42 1.63
N GLY A 22 11.24 -3.48 1.41
CA GLY A 22 11.37 -2.65 0.23
C GLY A 22 10.55 -1.37 0.39
N ALA A 23 10.79 -0.40 -0.45
CA ALA A 23 10.07 0.84 -0.31
C ALA A 23 8.71 0.76 -1.00
N LEU A 24 7.75 1.21 -0.27
CA LEU A 24 6.37 1.13 -0.71
C LEU A 24 5.87 2.52 -1.09
N TYR A 25 5.24 2.61 -2.24
CA TYR A 25 4.72 3.87 -2.73
C TYR A 25 3.20 3.77 -2.68
N LEU A 26 2.50 4.74 -2.18
CA LEU A 26 1.06 4.61 -2.16
C LEU A 26 0.47 5.64 -3.12
N MET A 27 -0.44 5.22 -3.95
CA MET A 27 -1.09 6.13 -4.87
C MET A 27 -2.58 6.11 -4.56
N ALA A 28 -3.26 7.21 -4.70
CA ALA A 28 -4.69 7.22 -4.39
C ALA A 28 -5.32 5.95 -4.97
N GLU A 29 -5.21 5.76 -6.25
CA GLU A 29 -5.87 4.63 -6.88
C GLU A 29 -5.01 3.36 -6.87
N ARG A 30 -3.81 3.36 -6.36
CA ARG A 30 -3.08 2.09 -6.40
C ARG A 30 -1.91 2.06 -5.42
N ILE A 31 -1.40 0.88 -5.19
CA ILE A 31 -0.28 0.71 -4.28
C ILE A 31 0.95 0.34 -5.14
N ALA A 32 2.09 0.86 -4.81
CA ALA A 32 3.28 0.56 -5.62
C ALA A 32 4.44 0.10 -4.73
N TRP A 33 5.22 -0.82 -5.22
CA TRP A 33 6.34 -1.28 -4.43
C TRP A 33 7.64 -1.06 -5.18
N ALA A 34 8.67 -0.71 -4.47
CA ALA A 34 9.96 -0.49 -5.08
C ALA A 34 11.09 -0.79 -4.08
N PRO A 35 11.87 -1.78 -4.41
CA PRO A 35 13.00 -2.13 -3.52
C PRO A 35 14.32 -1.89 -4.25
N GLU A 36 15.35 -2.60 -3.91
CA GLU A 36 16.61 -2.41 -4.59
C GLU A 36 16.67 -3.35 -5.80
N GLY A 37 15.58 -3.50 -6.51
CA GLY A 37 15.58 -4.36 -7.67
C GLY A 37 16.51 -3.80 -8.73
N LYS A 38 16.02 -3.50 -9.90
CA LYS A 38 16.88 -2.96 -10.92
C LYS A 38 16.08 -2.09 -11.88
N ASP A 39 15.33 -1.17 -11.35
CA ASP A 39 14.56 -0.26 -12.16
C ASP A 39 14.24 0.90 -11.22
N ARG A 40 13.00 1.22 -11.00
CA ARG A 40 12.67 2.27 -10.07
C ARG A 40 11.47 1.80 -9.26
N PHE A 41 10.48 1.36 -9.96
CA PHE A 41 9.28 0.85 -9.34
C PHE A 41 9.26 -0.67 -9.48
N THR A 42 8.59 -1.36 -8.59
CA THR A 42 8.57 -2.80 -8.67
C THR A 42 7.13 -3.32 -8.61
N ILE A 43 6.20 -2.51 -8.20
CA ILE A 43 4.83 -2.98 -8.13
C ILE A 43 3.82 -1.85 -8.30
N SER A 44 2.64 -2.21 -8.74
CA SER A 44 1.60 -1.21 -8.89
C SER A 44 0.26 -1.92 -9.02
N HIS A 45 -0.52 -1.96 -7.96
CA HIS A 45 -1.83 -2.60 -8.05
C HIS A 45 -2.91 -1.53 -7.96
N MET A 46 -3.67 -1.36 -8.99
CA MET A 46 -4.72 -0.36 -8.96
C MET A 46 -5.82 -0.79 -7.98
N TYR A 47 -6.02 -0.01 -6.97
CA TYR A 47 -7.04 -0.33 -5.99
C TYR A 47 -8.30 -0.87 -6.70
N ALA A 48 -8.77 -0.27 -7.77
CA ALA A 48 -9.95 -0.81 -8.47
C ALA A 48 -9.54 -2.14 -9.12
N ASP A 49 -8.32 -2.17 -9.57
CA ASP A 49 -7.70 -3.34 -10.18
C ASP A 49 -7.51 -4.45 -9.13
N ILE A 50 -7.83 -4.16 -7.89
CA ILE A 50 -7.68 -5.15 -6.84
C ILE A 50 -8.81 -4.98 -5.82
N LYS A 51 -9.37 -6.03 -5.27
CA LYS A 51 -10.41 -5.77 -4.29
C LYS A 51 -10.38 -6.75 -3.14
N CYS A 52 -9.89 -6.27 -2.05
CA CYS A 52 -9.84 -7.03 -0.84
C CYS A 52 -9.05 -6.21 0.15
N GLN A 53 -9.49 -6.08 1.35
CA GLN A 53 -8.73 -5.26 2.26
C GLN A 53 -8.76 -5.83 3.66
N LYS A 54 -7.59 -6.09 4.17
CA LYS A 54 -7.43 -6.65 5.48
C LYS A 54 -6.46 -5.77 6.27
N ILE A 55 -6.91 -5.10 7.29
CA ILE A 55 -5.98 -4.28 8.04
C ILE A 55 -6.38 -4.23 9.51
N SER A 56 -5.71 -5.00 10.32
CA SER A 56 -5.99 -4.97 11.73
C SER A 56 -4.72 -4.59 12.52
N PRO A 57 -3.81 -3.87 11.90
CA PRO A 57 -2.58 -3.55 12.68
C PRO A 57 -2.88 -2.57 13.83
N GLU A 58 -3.80 -2.90 14.69
CA GLU A 58 -4.07 -2.05 15.81
C GLU A 58 -3.47 -2.71 17.06
N GLY A 59 -3.34 -4.02 17.02
CA GLY A 59 -2.72 -4.76 18.09
C GLY A 59 -1.94 -5.89 17.44
N LYS A 60 -1.51 -5.70 16.22
CA LYS A 60 -0.83 -6.75 15.48
C LYS A 60 0.69 -6.68 15.61
N ALA A 61 1.37 -7.46 14.80
CA ALA A 61 2.82 -7.49 14.83
C ALA A 61 3.32 -6.04 14.90
N LYS A 62 3.18 -5.30 13.84
CA LYS A 62 3.62 -3.92 13.87
C LYS A 62 3.17 -3.16 12.63
N ILE A 63 1.90 -3.14 12.30
CA ILE A 63 1.43 -2.39 11.16
C ILE A 63 1.58 -3.14 9.82
N GLN A 64 0.75 -4.14 9.68
CA GLN A 64 0.72 -4.95 8.47
C GLN A 64 -0.68 -4.89 7.85
N LEU A 65 -0.76 -4.68 6.56
CA LEU A 65 -2.07 -4.62 5.94
C LEU A 65 -2.20 -5.71 4.86
N GLN A 66 -3.39 -6.00 4.41
CA GLN A 66 -3.57 -7.03 3.40
C GLN A 66 -4.64 -6.60 2.38
N LEU A 67 -4.36 -6.83 1.12
CA LEU A 67 -5.28 -6.46 0.06
C LEU A 67 -5.29 -7.57 -0.98
N VAL A 68 -6.38 -7.78 -1.65
CA VAL A 68 -6.38 -8.84 -2.64
C VAL A 68 -6.86 -8.31 -3.98
N LEU A 69 -6.47 -9.02 -4.97
CA LEU A 69 -6.76 -8.65 -6.33
C LEU A 69 -8.05 -9.33 -6.75
N HIS A 70 -8.88 -8.69 -7.55
CA HIS A 70 -10.11 -9.36 -7.98
C HIS A 70 -9.69 -10.76 -8.43
N ALA A 71 -8.48 -10.84 -8.90
CA ALA A 71 -7.93 -12.11 -9.30
C ALA A 71 -7.53 -12.86 -8.03
N GLY A 72 -6.58 -13.73 -8.11
CA GLY A 72 -6.20 -14.51 -6.94
C GLY A 72 -4.82 -14.06 -6.49
N ASP A 73 -4.70 -12.81 -6.26
CA ASP A 73 -3.43 -12.28 -5.83
C ASP A 73 -3.64 -11.42 -4.59
N THR A 74 -2.85 -11.65 -3.59
CA THR A 74 -2.99 -10.88 -2.39
C THR A 74 -1.84 -9.90 -2.30
N THR A 75 -1.94 -8.93 -1.45
CA THR A 75 -0.88 -7.98 -1.32
C THR A 75 -0.73 -7.65 0.16
N ASN A 76 0.30 -8.15 0.78
CA ASN A 76 0.48 -7.88 2.18
C ASN A 76 1.65 -6.94 2.33
N PHE A 77 1.59 -6.04 3.26
CA PHE A 77 2.71 -5.13 3.41
C PHE A 77 2.90 -4.73 4.87
N HIS A 78 4.13 -4.53 5.22
CA HIS A 78 4.44 -4.19 6.58
C HIS A 78 5.47 -3.06 6.65
N PHE A 79 5.49 -2.39 7.74
CA PHE A 79 6.43 -1.31 7.96
C PHE A 79 7.13 -1.64 9.28
N SER A 80 8.43 -1.54 9.45
CA SER A 80 8.98 -1.86 10.75
C SER A 80 10.50 -1.63 10.73
N ASN A 81 10.93 -0.52 10.23
CA ASN A 81 12.38 -0.25 10.13
C ASN A 81 12.99 -0.29 11.53
N GLU A 82 13.91 0.60 11.84
CA GLU A 82 14.48 0.61 13.19
C GLU A 82 13.33 0.40 14.16
N SER A 83 12.67 1.45 14.55
CA SER A 83 11.53 1.29 15.41
C SER A 83 10.45 2.23 14.85
N THR A 84 10.32 2.27 13.55
CA THR A 84 9.38 3.22 12.97
C THR A 84 8.00 2.61 12.91
N ALA A 85 7.87 1.32 13.01
CA ALA A 85 6.55 0.73 12.96
C ALA A 85 5.71 1.29 14.11
N VAL A 86 5.20 2.44 13.88
CA VAL A 86 4.39 3.12 14.88
C VAL A 86 3.34 4.01 14.17
N LYS A 87 3.21 5.25 14.59
CA LYS A 87 2.24 6.14 13.99
C LYS A 87 2.52 6.33 12.49
N GLU A 88 3.75 6.56 12.13
CA GLU A 88 4.10 6.77 10.72
C GLU A 88 3.29 5.80 9.85
N ARG A 89 3.67 4.56 9.90
CA ARG A 89 2.98 3.55 9.13
C ARG A 89 1.51 3.61 9.52
N ASP A 90 1.25 3.70 10.80
CA ASP A 90 -0.12 3.78 11.28
C ASP A 90 -0.92 4.67 10.31
N ALA A 91 -0.45 5.86 10.07
CA ALA A 91 -1.13 6.76 9.16
C ALA A 91 -1.14 6.16 7.74
N VAL A 92 -0.09 5.49 7.34
CA VAL A 92 -0.11 4.90 6.01
C VAL A 92 -1.39 4.08 5.91
N LYS A 93 -1.50 3.10 6.75
CA LYS A 93 -2.69 2.29 6.76
C LYS A 93 -3.89 3.25 6.92
N ASP A 94 -3.83 4.07 7.95
CA ASP A 94 -4.88 5.04 8.23
C ASP A 94 -5.40 5.66 6.93
N LEU A 95 -4.62 5.70 5.90
CA LEU A 95 -5.13 6.26 4.64
C LEU A 95 -5.71 5.12 3.81
N LEU A 96 -5.02 4.00 3.72
CA LEU A 96 -5.52 2.85 2.96
C LEU A 96 -7.05 2.74 3.10
N GLN A 97 -7.49 2.54 4.31
CA GLN A 97 -8.94 2.41 4.58
C GLN A 97 -9.68 3.72 4.26
N GLN A 98 -8.97 4.71 3.82
CA GLN A 98 -9.60 5.96 3.47
C GLN A 98 -9.90 5.95 1.97
N LEU A 99 -8.99 5.42 1.18
CA LEU A 99 -9.21 5.36 -0.26
C LEU A 99 -10.13 4.19 -0.58
N LEU A 100 -10.04 3.13 0.19
CA LEU A 100 -10.83 1.94 -0.07
C LEU A 100 -12.25 2.35 -0.47
N PRO A 101 -12.72 3.36 0.20
CA PRO A 101 -14.08 3.88 -0.06
C PRO A 101 -14.18 4.53 -1.46
N LYS A 102 -13.13 4.55 -2.21
CA LYS A 102 -13.14 5.18 -3.53
C LYS A 102 -13.53 4.18 -4.63
N PHE A 103 -12.95 3.02 -4.60
CA PHE A 103 -13.21 2.05 -5.66
C PHE A 103 -14.23 1.01 -5.19
N LYS A 104 -14.64 1.08 -3.95
CA LYS A 104 -15.62 0.14 -3.45
C LYS A 104 -17.02 0.73 -3.61
N ARG A 105 -17.19 1.56 -4.58
CA ARG A 105 -18.49 2.17 -4.80
C ARG A 105 -19.53 1.08 -5.09
N LYS A 106 -20.21 1.15 -6.20
CA LYS A 106 -21.20 0.13 -6.50
C LYS A 106 -21.14 -0.20 -8.00
N ALA A 107 -20.99 0.80 -8.83
CA ALA A 107 -20.92 0.55 -10.26
C ALA A 107 -19.50 0.12 -10.63
N ASN A 108 -18.51 0.83 -10.14
CA ASN A 108 -17.14 0.48 -10.46
C ASN A 108 -16.43 0.00 -9.20
N MET A 1 -5.37 16.70 -11.83
CA MET A 1 -4.52 17.92 -11.69
C MET A 1 -3.66 18.09 -12.94
N ALA A 2 -2.54 18.74 -12.82
CA ALA A 2 -1.68 18.94 -13.97
C ALA A 2 -0.22 18.78 -13.55
N THR A 3 0.35 17.62 -13.75
CA THR A 3 1.73 17.41 -13.37
C THR A 3 2.45 16.64 -14.47
N SER A 4 2.35 15.34 -14.48
CA SER A 4 3.02 14.56 -15.50
C SER A 4 2.08 13.47 -16.02
N SER A 5 1.83 12.46 -15.22
CA SER A 5 0.95 11.40 -15.66
C SER A 5 0.13 10.89 -14.46
N GLU A 6 0.54 9.80 -13.86
CA GLU A 6 -0.21 9.28 -12.73
C GLU A 6 -0.08 10.22 -11.55
N GLU A 7 -0.95 10.08 -10.60
CA GLU A 7 -0.89 10.90 -9.40
C GLU A 7 -0.73 10.00 -8.19
N VAL A 8 0.38 10.03 -7.50
CA VAL A 8 0.52 9.13 -6.37
C VAL A 8 0.23 9.91 -5.08
N LEU A 9 -0.24 9.23 -4.08
CA LEU A 9 -0.59 9.89 -2.85
C LEU A 9 0.49 9.78 -1.74
N LEU A 10 1.28 8.71 -1.65
CA LEU A 10 2.26 8.69 -0.56
C LEU A 10 3.18 7.46 -0.67
N ILE A 11 4.39 7.59 -0.16
CA ILE A 11 5.32 6.48 -0.22
C ILE A 11 6.13 6.38 1.08
N VAL A 12 6.45 5.18 1.47
CA VAL A 12 7.25 4.97 2.65
C VAL A 12 8.48 4.13 2.22
N LYS A 13 9.65 4.51 2.66
CA LYS A 13 10.86 3.81 2.22
C LYS A 13 10.90 2.33 2.55
N LYS A 14 11.25 1.90 3.71
CA LYS A 14 11.42 0.45 3.83
C LYS A 14 10.34 -0.27 4.64
N VAL A 15 9.46 -0.97 3.96
CA VAL A 15 8.35 -1.64 4.60
C VAL A 15 8.66 -3.12 4.60
N ARG A 16 7.96 -3.87 5.39
CA ARG A 16 8.16 -5.29 5.44
C ARG A 16 6.90 -5.95 4.93
N GLN A 17 7.04 -7.01 4.24
CA GLN A 17 5.87 -7.69 3.78
C GLN A 17 6.15 -9.19 3.83
N LYS A 18 5.14 -9.96 4.10
CA LYS A 18 5.32 -11.39 4.30
C LYS A 18 6.40 -11.98 3.38
N LYS A 19 6.77 -11.32 2.31
CA LYS A 19 7.80 -11.87 1.46
C LYS A 19 9.17 -11.17 1.69
N GLN A 20 9.16 -9.88 1.61
CA GLN A 20 10.39 -9.10 1.67
C GLN A 20 10.13 -7.72 2.26
N ASP A 21 11.18 -7.01 2.54
CA ASP A 21 11.01 -5.67 3.04
C ASP A 21 11.41 -4.87 1.81
N GLY A 22 10.63 -3.89 1.49
CA GLY A 22 10.86 -3.11 0.30
C GLY A 22 10.11 -1.81 0.45
N ALA A 23 10.35 -0.82 -0.36
CA ALA A 23 9.65 0.42 -0.16
C ALA A 23 8.29 0.31 -0.79
N LEU A 24 7.35 0.88 -0.12
CA LEU A 24 5.99 0.78 -0.55
C LEU A 24 5.54 2.14 -1.08
N TYR A 25 5.06 2.16 -2.28
CA TYR A 25 4.59 3.39 -2.88
C TYR A 25 3.09 3.27 -3.00
N LEU A 26 2.34 4.27 -2.67
CA LEU A 26 0.90 4.16 -2.81
C LEU A 26 0.47 5.22 -3.82
N MET A 27 -0.43 4.88 -4.70
CA MET A 27 -0.88 5.85 -5.68
C MET A 27 -2.39 5.70 -5.81
N ALA A 28 -3.09 6.78 -6.06
CA ALA A 28 -4.54 6.71 -6.17
C ALA A 28 -4.97 5.41 -6.86
N GLU A 29 -4.51 5.19 -8.05
CA GLU A 29 -4.97 4.03 -8.78
C GLU A 29 -4.18 2.75 -8.47
N ARG A 30 -3.06 2.79 -7.82
CA ARG A 30 -2.38 1.51 -7.57
C ARG A 30 -1.33 1.62 -6.48
N ILE A 31 -0.91 0.48 -6.00
CA ILE A 31 0.12 0.44 -4.98
C ILE A 31 1.39 -0.15 -5.62
N ALA A 32 2.49 0.52 -5.47
CA ALA A 32 3.73 0.02 -6.06
C ALA A 32 4.70 -0.40 -4.98
N TRP A 33 5.48 -1.40 -5.23
CA TRP A 33 6.43 -1.85 -4.25
C TRP A 33 7.79 -2.01 -4.92
N ALA A 34 8.84 -1.61 -4.26
CA ALA A 34 10.16 -1.73 -4.85
C ALA A 34 11.23 -1.87 -3.77
N PRO A 35 12.28 -2.59 -4.09
CA PRO A 35 13.37 -2.73 -3.10
C PRO A 35 14.56 -1.88 -3.54
N GLU A 36 15.70 -2.06 -2.92
CA GLU A 36 16.86 -1.27 -3.30
C GLU A 36 17.48 -1.83 -4.58
N GLY A 37 17.15 -1.27 -5.71
CA GLY A 37 17.70 -1.75 -6.96
C GLY A 37 17.58 -0.66 -8.03
N LYS A 38 18.31 -0.78 -9.11
CA LYS A 38 18.23 0.21 -10.16
C LYS A 38 16.77 0.53 -10.45
N ASP A 39 15.93 -0.48 -10.46
CA ASP A 39 14.54 -0.24 -10.69
C ASP A 39 13.97 0.41 -9.45
N ARG A 40 12.99 1.23 -9.61
CA ARG A 40 12.38 1.89 -8.46
C ARG A 40 11.06 1.20 -8.13
N PHE A 41 10.69 0.24 -8.91
CA PHE A 41 9.44 -0.45 -8.68
C PHE A 41 9.56 -1.94 -8.97
N THR A 42 9.14 -2.75 -8.05
CA THR A 42 9.21 -4.18 -8.26
C THR A 42 7.78 -4.68 -8.56
N ILE A 43 6.78 -4.00 -8.03
CA ILE A 43 5.40 -4.40 -8.30
C ILE A 43 4.49 -3.17 -8.26
N SER A 44 3.35 -3.27 -8.90
CA SER A 44 2.41 -2.18 -8.92
C SER A 44 1.01 -2.76 -9.19
N HIS A 45 0.12 -2.69 -8.23
CA HIS A 45 -1.21 -3.27 -8.44
C HIS A 45 -2.25 -2.17 -8.58
N MET A 46 -2.96 -2.17 -9.66
CA MET A 46 -4.01 -1.18 -9.83
C MET A 46 -5.12 -1.46 -8.82
N TYR A 47 -5.30 -0.59 -7.88
CA TYR A 47 -6.30 -0.81 -6.85
C TYR A 47 -7.59 -1.44 -7.46
N ALA A 48 -8.03 -1.01 -8.62
CA ALA A 48 -9.21 -1.63 -9.24
C ALA A 48 -8.84 -3.05 -9.68
N ASP A 49 -7.63 -3.18 -10.13
CA ASP A 49 -7.03 -4.45 -10.53
C ASP A 49 -6.92 -5.39 -9.30
N ILE A 50 -7.30 -4.90 -8.16
CA ILE A 50 -7.27 -5.73 -6.96
C ILE A 50 -8.53 -5.47 -6.13
N LYS A 51 -9.20 -6.47 -5.61
CA LYS A 51 -10.36 -6.15 -4.81
C LYS A 51 -10.47 -7.01 -3.56
N CYS A 52 -10.12 -6.41 -2.48
CA CYS A 52 -10.22 -7.04 -1.19
C CYS A 52 -9.56 -6.09 -0.22
N GLN A 53 -10.16 -5.75 0.86
CA GLN A 53 -9.50 -4.79 1.71
C GLN A 53 -9.74 -5.08 3.19
N LYS A 54 -8.66 -5.30 3.89
CA LYS A 54 -8.72 -5.54 5.30
C LYS A 54 -7.64 -4.67 5.93
N ILE A 55 -8.01 -3.68 6.69
CA ILE A 55 -7.01 -2.84 7.29
C ILE A 55 -7.44 -2.46 8.70
N SER A 56 -6.85 -3.09 9.68
CA SER A 56 -7.19 -2.76 11.04
C SER A 56 -5.96 -2.26 11.79
N PRO A 57 -5.10 -1.50 11.15
CA PRO A 57 -3.94 -1.04 11.95
C PRO A 57 -4.31 0.13 12.85
N GLU A 58 -5.34 -0.02 13.63
CA GLU A 58 -5.73 1.02 14.54
C GLU A 58 -5.35 0.58 15.96
N GLY A 59 -5.30 -0.71 16.17
CA GLY A 59 -4.88 -1.25 17.45
C GLY A 59 -4.10 -2.55 17.16
N LYS A 60 -3.52 -2.64 15.99
CA LYS A 60 -2.83 -3.87 15.60
C LYS A 60 -1.39 -3.92 16.10
N ALA A 61 -0.67 -4.90 15.61
CA ALA A 61 0.71 -5.08 15.99
C ALA A 61 1.50 -3.82 15.66
N LYS A 62 1.63 -3.47 14.40
CA LYS A 62 2.39 -2.28 14.09
C LYS A 62 2.11 -1.73 12.70
N ILE A 63 0.87 -1.53 12.31
CA ILE A 63 0.54 -1.00 10.99
C ILE A 63 0.68 -2.08 9.91
N GLN A 64 -0.37 -2.85 9.78
CA GLN A 64 -0.41 -3.93 8.83
C GLN A 64 -1.67 -3.81 7.94
N LEU A 65 -1.53 -3.92 6.65
CA LEU A 65 -2.71 -3.82 5.81
C LEU A 65 -2.80 -5.05 4.91
N GLN A 66 -3.96 -5.31 4.35
CA GLN A 66 -4.11 -6.48 3.51
C GLN A 66 -5.17 -6.23 2.43
N LEU A 67 -4.83 -6.49 1.19
CA LEU A 67 -5.75 -6.28 0.10
C LEU A 67 -5.65 -7.48 -0.82
N VAL A 68 -6.69 -7.81 -1.54
CA VAL A 68 -6.58 -8.97 -2.40
C VAL A 68 -6.95 -8.65 -3.82
N LEU A 69 -6.46 -9.47 -4.68
CA LEU A 69 -6.64 -9.33 -6.09
C LEU A 69 -7.93 -10.03 -6.50
N HIS A 70 -8.64 -9.49 -7.46
CA HIS A 70 -9.86 -10.16 -7.89
C HIS A 70 -9.51 -11.64 -8.05
N ALA A 71 -8.27 -11.86 -8.42
CA ALA A 71 -7.76 -13.20 -8.55
C ALA A 71 -7.48 -13.75 -7.15
N GLY A 72 -6.59 -14.68 -7.04
CA GLY A 72 -6.31 -15.28 -5.74
C GLY A 72 -4.94 -14.83 -5.28
N ASP A 73 -4.75 -13.56 -5.32
CA ASP A 73 -3.47 -13.01 -4.93
C ASP A 73 -3.73 -11.92 -3.91
N THR A 74 -3.04 -11.97 -2.82
CA THR A 74 -3.26 -10.99 -1.81
C THR A 74 -2.05 -10.07 -1.77
N THR A 75 -2.18 -8.94 -1.15
CA THR A 75 -1.08 -8.04 -1.04
C THR A 75 -1.08 -7.58 0.40
N ASN A 76 -0.17 -8.04 1.19
CA ASN A 76 -0.15 -7.64 2.57
C ASN A 76 1.06 -6.74 2.77
N PHE A 77 0.97 -5.76 3.60
CA PHE A 77 2.12 -4.93 3.78
C PHE A 77 2.26 -4.51 5.24
N HIS A 78 3.48 -4.44 5.69
CA HIS A 78 3.70 -4.11 7.08
C HIS A 78 4.97 -3.29 7.21
N PHE A 79 4.94 -2.40 8.13
CA PHE A 79 6.08 -1.56 8.37
C PHE A 79 6.62 -1.93 9.75
N SER A 80 7.90 -2.02 9.99
CA SER A 80 8.31 -2.34 11.34
C SER A 80 9.84 -2.32 11.48
N ASN A 81 10.33 -1.47 12.31
CA ASN A 81 11.76 -1.42 12.53
C ASN A 81 11.98 -0.92 13.97
N GLU A 82 13.18 -0.55 14.32
CA GLU A 82 13.38 -0.06 15.67
C GLU A 82 12.31 0.98 15.98
N SER A 83 12.02 1.85 15.05
CA SER A 83 11.00 2.84 15.28
C SER A 83 10.33 3.27 13.97
N THR A 84 10.21 2.42 13.01
CA THR A 84 9.60 2.86 11.78
C THR A 84 8.08 2.64 11.87
N ALA A 85 7.67 1.64 12.58
CA ALA A 85 6.24 1.36 12.65
C ALA A 85 5.56 2.32 13.60
N VAL A 86 5.32 3.49 13.12
CA VAL A 86 4.65 4.50 13.91
C VAL A 86 3.85 5.45 13.00
N LYS A 87 3.72 6.69 13.39
CA LYS A 87 2.97 7.64 12.57
C LYS A 87 3.43 7.59 11.11
N GLU A 88 4.66 7.23 10.89
CA GLU A 88 5.13 7.15 9.51
C GLU A 88 4.20 6.19 8.78
N ARG A 89 4.35 4.95 9.09
CA ARG A 89 3.52 3.94 8.50
C ARG A 89 2.07 4.32 8.77
N ASP A 90 1.81 4.84 9.93
CA ASP A 90 0.47 5.26 10.25
C ASP A 90 0.04 6.32 9.22
N ALA A 91 1.00 6.88 8.53
CA ALA A 91 0.69 7.83 7.49
C ALA A 91 0.39 7.02 6.23
N VAL A 92 1.15 5.98 6.00
CA VAL A 92 0.87 5.15 4.86
C VAL A 92 -0.56 4.64 5.04
N LYS A 93 -0.76 3.74 5.98
CA LYS A 93 -2.10 3.24 6.22
C LYS A 93 -3.08 4.40 6.21
N ASP A 94 -2.68 5.55 6.74
CA ASP A 94 -3.55 6.70 6.76
C ASP A 94 -4.04 6.98 5.34
N LEU A 95 -3.25 6.67 4.35
CA LEU A 95 -3.68 6.90 2.97
C LEU A 95 -4.34 5.61 2.41
N LEU A 96 -3.78 4.48 2.70
CA LEU A 96 -4.33 3.20 2.22
C LEU A 96 -5.86 3.14 2.39
N GLN A 97 -6.33 3.08 3.61
CA GLN A 97 -7.78 3.02 3.83
C GLN A 97 -8.46 4.26 3.23
N GLN A 98 -7.72 5.16 2.67
CA GLN A 98 -8.32 6.35 2.09
C GLN A 98 -8.57 6.11 0.59
N LEU A 99 -7.71 5.40 -0.09
CA LEU A 99 -7.94 5.17 -1.51
C LEU A 99 -8.84 3.96 -1.71
N LEU A 100 -8.86 3.05 -0.77
CA LEU A 100 -9.70 1.87 -0.95
C LEU A 100 -11.10 2.31 -1.36
N PRO A 101 -11.49 3.45 -0.83
CA PRO A 101 -12.81 3.99 -1.16
C PRO A 101 -12.84 4.57 -2.59
N LYS A 102 -11.72 4.60 -3.24
CA LYS A 102 -11.63 5.16 -4.58
C LYS A 102 -12.12 4.16 -5.64
N PHE A 103 -11.73 2.92 -5.51
CA PHE A 103 -12.10 1.93 -6.52
C PHE A 103 -13.15 0.98 -5.96
N LYS A 104 -13.63 1.22 -4.78
CA LYS A 104 -14.63 0.34 -4.21
C LYS A 104 -15.45 1.10 -3.17
N ARG A 105 -16.67 1.44 -3.49
CA ARG A 105 -17.51 2.16 -2.55
C ARG A 105 -18.92 1.58 -2.59
N LYS A 106 -19.45 1.37 -3.77
CA LYS A 106 -20.79 0.81 -3.87
C LYS A 106 -20.70 -0.71 -3.85
N ALA A 107 -21.22 -1.33 -2.83
CA ALA A 107 -21.17 -2.78 -2.76
C ALA A 107 -22.51 -3.30 -2.23
N ASN A 108 -23.26 -3.99 -3.06
CA ASN A 108 -24.53 -4.52 -2.62
C ASN A 108 -24.97 -5.64 -3.56
N MET A 1 -1.42 15.27 -14.36
CA MET A 1 -2.26 16.44 -14.73
C MET A 1 -1.36 17.64 -15.05
N ALA A 2 -1.01 18.42 -14.06
CA ALA A 2 -0.16 19.57 -14.30
C ALA A 2 1.19 19.09 -14.85
N THR A 3 1.99 18.48 -14.03
CA THR A 3 3.28 18.01 -14.49
C THR A 3 3.17 16.53 -14.88
N SER A 4 3.57 15.63 -14.02
CA SER A 4 3.47 14.23 -14.35
C SER A 4 2.06 13.89 -14.79
N SER A 5 1.76 12.63 -15.02
CA SER A 5 0.43 12.26 -15.44
C SER A 5 -0.35 11.71 -14.25
N GLU A 6 0.03 10.55 -13.76
CA GLU A 6 -0.68 9.98 -12.63
C GLU A 6 -0.50 10.86 -11.40
N GLU A 7 -1.39 10.73 -10.46
CA GLU A 7 -1.28 11.52 -9.24
C GLU A 7 -1.15 10.56 -8.06
N VAL A 8 -0.01 10.49 -7.44
CA VAL A 8 0.14 9.55 -6.35
C VAL A 8 -0.02 10.28 -5.01
N LEU A 9 -0.41 9.57 -3.99
CA LEU A 9 -0.65 10.21 -2.72
C LEU A 9 0.54 10.06 -1.75
N LEU A 10 1.37 9.04 -1.83
CA LEU A 10 2.47 8.98 -0.88
C LEU A 10 3.41 7.84 -1.20
N ILE A 11 4.61 7.89 -0.70
CA ILE A 11 5.57 6.83 -0.96
C ILE A 11 6.35 6.58 0.34
N VAL A 12 6.50 5.34 0.72
CA VAL A 12 7.24 5.09 1.94
C VAL A 12 8.52 4.30 1.61
N LYS A 13 9.61 5.00 1.47
CA LYS A 13 10.90 4.40 1.16
C LYS A 13 11.20 3.24 2.10
N LYS A 14 10.54 3.22 3.20
CA LYS A 14 10.76 2.15 4.14
C LYS A 14 9.49 1.29 4.23
N VAL A 15 9.53 0.08 3.74
CA VAL A 15 8.39 -0.77 3.89
C VAL A 15 8.84 -2.19 3.94
N ARG A 16 8.18 -2.96 4.71
CA ARG A 16 8.57 -4.32 4.84
C ARG A 16 7.37 -5.17 4.55
N GLN A 17 7.56 -6.26 3.92
CA GLN A 17 6.44 -7.09 3.62
C GLN A 17 6.90 -8.53 3.83
N LYS A 18 6.08 -9.33 4.46
CA LYS A 18 6.49 -10.69 4.83
C LYS A 18 7.38 -11.31 3.76
N LYS A 19 7.33 -10.86 2.54
CA LYS A 19 8.20 -11.43 1.55
C LYS A 19 9.60 -10.79 1.65
N GLN A 20 9.64 -9.50 1.60
CA GLN A 20 10.87 -8.75 1.55
C GLN A 20 10.69 -7.39 2.20
N ASP A 21 11.77 -6.68 2.44
CA ASP A 21 11.61 -5.36 2.97
C ASP A 21 11.93 -4.51 1.76
N GLY A 22 11.12 -3.52 1.52
CA GLY A 22 11.31 -2.71 0.34
C GLY A 22 10.56 -1.39 0.47
N ALA A 23 10.85 -0.46 -0.38
CA ALA A 23 10.17 0.81 -0.30
C ALA A 23 8.86 0.71 -1.08
N LEU A 24 7.83 1.20 -0.46
CA LEU A 24 6.50 1.09 -1.03
C LEU A 24 6.02 2.44 -1.53
N TYR A 25 5.34 2.44 -2.65
CA TYR A 25 4.84 3.67 -3.22
C TYR A 25 3.32 3.60 -3.23
N LEU A 26 2.64 4.64 -2.85
CA LEU A 26 1.20 4.59 -2.89
C LEU A 26 0.73 5.56 -3.97
N MET A 27 -0.23 5.16 -4.77
CA MET A 27 -0.73 6.03 -5.80
C MET A 27 -2.25 5.95 -5.73
N ALA A 28 -2.93 7.05 -5.89
CA ALA A 28 -4.38 7.06 -5.81
C ALA A 28 -4.94 5.78 -6.45
N GLU A 29 -4.60 5.54 -7.68
CA GLU A 29 -5.17 4.40 -8.36
C GLU A 29 -4.38 3.11 -8.14
N ARG A 30 -3.17 3.12 -7.65
CA ARG A 30 -2.50 1.84 -7.50
C ARG A 30 -1.36 1.89 -6.49
N ILE A 31 -0.93 0.73 -6.08
CA ILE A 31 0.17 0.64 -5.12
C ILE A 31 1.41 0.07 -5.83
N ALA A 32 2.51 0.78 -5.79
CA ALA A 32 3.71 0.30 -6.44
C ALA A 32 4.73 -0.12 -5.39
N TRP A 33 5.60 -1.02 -5.75
CA TRP A 33 6.58 -1.46 -4.78
C TRP A 33 7.98 -1.46 -5.37
N ALA A 34 8.92 -1.07 -4.58
CA ALA A 34 10.29 -1.04 -5.03
C ALA A 34 11.24 -1.24 -3.83
N PRO A 35 11.98 -2.32 -3.89
CA PRO A 35 12.92 -2.59 -2.79
C PRO A 35 14.25 -1.87 -3.05
N GLU A 36 15.23 -2.08 -2.21
CA GLU A 36 16.51 -1.42 -2.41
C GLU A 36 17.34 -2.22 -3.42
N GLY A 37 16.87 -2.32 -4.64
CA GLY A 37 17.62 -3.06 -5.64
C GLY A 37 18.12 -2.10 -6.72
N LYS A 38 17.71 -2.31 -7.95
CA LYS A 38 18.16 -1.43 -9.01
C LYS A 38 16.94 -0.95 -9.82
N ASP A 39 16.11 -1.86 -10.25
CA ASP A 39 14.95 -1.47 -11.03
C ASP A 39 14.02 -0.61 -10.17
N ARG A 40 14.37 0.64 -9.98
CA ARG A 40 13.62 1.56 -9.13
C ARG A 40 12.21 1.07 -8.86
N PHE A 41 11.52 0.64 -9.85
CA PHE A 41 10.16 0.18 -9.64
C PHE A 41 10.08 -1.34 -9.72
N THR A 42 9.20 -1.93 -8.95
CA THR A 42 9.08 -3.37 -8.96
C THR A 42 7.63 -3.74 -9.38
N ILE A 43 6.65 -3.10 -8.81
CA ILE A 43 5.28 -3.43 -9.16
C ILE A 43 4.35 -2.24 -9.02
N SER A 44 3.09 -2.43 -9.35
CA SER A 44 2.11 -1.37 -9.25
C SER A 44 0.73 -2.01 -9.51
N HIS A 45 -0.12 -2.06 -8.51
CA HIS A 45 -1.43 -2.69 -8.71
C HIS A 45 -2.53 -1.63 -8.70
N MET A 46 -3.37 -1.65 -9.70
CA MET A 46 -4.43 -0.68 -9.77
C MET A 46 -5.53 -1.02 -8.75
N TYR A 47 -5.62 -0.25 -7.71
CA TYR A 47 -6.60 -0.47 -6.65
C TYR A 47 -7.90 -1.12 -7.19
N ALA A 48 -8.35 -0.81 -8.37
CA ALA A 48 -9.56 -1.46 -8.87
C ALA A 48 -9.25 -2.94 -9.10
N ASP A 49 -8.13 -3.19 -9.73
CA ASP A 49 -7.68 -4.55 -9.98
C ASP A 49 -7.35 -5.23 -8.63
N ILE A 50 -7.40 -4.49 -7.56
CA ILE A 50 -7.14 -5.08 -6.25
C ILE A 50 -8.36 -4.84 -5.35
N LYS A 51 -9.07 -5.85 -4.92
CA LYS A 51 -10.19 -5.51 -4.05
C LYS A 51 -10.39 -6.51 -2.93
N CYS A 52 -9.97 -6.11 -1.78
CA CYS A 52 -10.18 -6.86 -0.56
C CYS A 52 -9.39 -6.15 0.51
N GLN A 53 -9.92 -6.02 1.69
CA GLN A 53 -9.17 -5.30 2.70
C GLN A 53 -9.36 -5.92 4.06
N LYS A 54 -8.27 -6.34 4.63
CA LYS A 54 -8.26 -6.98 5.92
C LYS A 54 -7.32 -6.19 6.84
N ILE A 55 -7.65 -6.06 8.09
CA ILE A 55 -6.75 -5.35 8.98
C ILE A 55 -6.10 -6.34 9.93
N SER A 56 -4.88 -6.68 9.67
CA SER A 56 -4.19 -7.64 10.51
C SER A 56 -3.26 -6.95 11.52
N PRO A 57 -3.02 -5.67 11.37
CA PRO A 57 -2.11 -5.07 12.36
C PRO A 57 -2.90 -4.59 13.58
N GLU A 58 -3.76 -5.41 14.09
CA GLU A 58 -4.53 -5.05 15.26
C GLU A 58 -3.84 -5.63 16.48
N GLY A 59 -3.21 -6.77 16.33
CA GLY A 59 -2.51 -7.38 17.44
C GLY A 59 -1.13 -7.82 16.96
N LYS A 60 -0.52 -7.03 16.11
CA LYS A 60 0.80 -7.36 15.59
C LYS A 60 1.84 -6.65 16.48
N ALA A 61 2.85 -6.08 15.89
CA ALA A 61 3.84 -5.36 16.66
C ALA A 61 4.07 -4.02 15.95
N LYS A 62 3.40 -3.82 14.84
CA LYS A 62 3.56 -2.62 14.08
C LYS A 62 2.32 -2.41 13.20
N ILE A 63 2.43 -2.49 11.92
CA ILE A 63 1.27 -2.23 11.07
C ILE A 63 1.38 -2.86 9.66
N GLN A 64 1.05 -4.11 9.49
CA GLN A 64 1.15 -4.68 8.15
C GLN A 64 -0.28 -4.88 7.64
N LEU A 65 -0.58 -4.45 6.44
CA LEU A 65 -1.96 -4.58 5.98
C LEU A 65 -2.12 -5.64 4.89
N GLN A 66 -3.36 -5.93 4.55
CA GLN A 66 -3.62 -6.94 3.54
C GLN A 66 -4.71 -6.46 2.56
N LEU A 67 -4.41 -6.51 1.29
CA LEU A 67 -5.34 -6.09 0.26
C LEU A 67 -5.36 -7.25 -0.73
N VAL A 68 -6.51 -7.68 -1.15
CA VAL A 68 -6.50 -8.80 -2.06
C VAL A 68 -6.95 -8.39 -3.44
N LEU A 69 -6.54 -9.18 -4.37
CA LEU A 69 -6.84 -8.95 -5.75
C LEU A 69 -8.23 -9.50 -6.06
N HIS A 70 -8.98 -8.90 -6.96
CA HIS A 70 -10.27 -9.45 -7.27
C HIS A 70 -10.04 -10.94 -7.54
N ALA A 71 -8.89 -11.23 -8.07
CA ALA A 71 -8.52 -12.60 -8.33
C ALA A 71 -8.16 -13.24 -6.99
N GLY A 72 -7.31 -14.24 -7.00
CA GLY A 72 -6.98 -14.91 -5.75
C GLY A 72 -5.56 -14.57 -5.35
N ASP A 73 -5.32 -13.30 -5.29
CA ASP A 73 -4.00 -12.84 -4.97
C ASP A 73 -4.10 -11.85 -3.83
N THR A 74 -3.18 -11.91 -2.93
CA THR A 74 -3.23 -11.02 -1.80
C THR A 74 -2.11 -10.00 -1.93
N THR A 75 -2.24 -8.91 -1.25
CA THR A 75 -1.22 -7.90 -1.28
C THR A 75 -0.98 -7.50 0.16
N ASN A 76 0.09 -7.93 0.76
CA ASN A 76 0.32 -7.58 2.14
C ASN A 76 1.48 -6.60 2.23
N PHE A 77 1.44 -5.69 3.15
CA PHE A 77 2.53 -4.75 3.25
C PHE A 77 2.71 -4.28 4.68
N HIS A 78 3.95 -4.14 5.06
CA HIS A 78 4.26 -3.78 6.44
C HIS A 78 5.23 -2.60 6.56
N PHE A 79 5.31 -2.05 7.75
CA PHE A 79 6.19 -0.92 8.04
C PHE A 79 6.62 -1.01 9.53
N SER A 80 7.89 -1.00 9.90
CA SER A 80 8.21 -0.98 11.34
C SER A 80 9.73 -0.90 11.51
N ASN A 81 10.36 0.12 11.01
CA ASN A 81 11.80 0.23 11.13
C ASN A 81 12.17 0.29 12.62
N GLU A 82 13.01 1.21 13.04
CA GLU A 82 13.30 1.28 14.46
C GLU A 82 11.95 1.25 15.18
N SER A 83 11.28 2.35 15.22
CA SER A 83 9.96 2.37 15.80
C SER A 83 9.10 3.26 14.89
N THR A 84 9.11 2.98 13.61
CA THR A 84 8.38 3.84 12.70
C THR A 84 6.94 3.35 12.57
N ALA A 85 6.66 2.11 12.84
CA ALA A 85 5.30 1.63 12.71
C ALA A 85 4.40 2.42 13.64
N VAL A 86 4.05 3.58 13.22
CA VAL A 86 3.20 4.45 13.99
C VAL A 86 2.38 5.34 13.05
N LYS A 87 2.11 6.55 13.44
CA LYS A 87 1.32 7.43 12.59
C LYS A 87 1.85 7.37 11.15
N GLU A 88 3.15 7.34 10.97
CA GLU A 88 3.67 7.29 9.61
C GLU A 88 3.03 6.14 8.83
N ARG A 89 3.43 4.95 9.16
CA ARG A 89 2.89 3.78 8.49
C ARG A 89 1.39 3.74 8.77
N ASP A 90 1.04 3.73 10.04
CA ASP A 90 -0.35 3.71 10.44
C ASP A 90 -1.16 4.54 9.45
N ALA A 91 -0.69 5.73 9.15
CA ALA A 91 -1.39 6.56 8.19
C ALA A 91 -1.38 5.84 6.84
N VAL A 92 -0.22 5.44 6.36
CA VAL A 92 -0.15 4.76 5.06
C VAL A 92 -1.34 3.82 4.93
N LYS A 93 -1.47 2.90 5.84
CA LYS A 93 -2.59 2.01 5.79
C LYS A 93 -3.85 2.86 5.88
N ASP A 94 -3.91 3.72 6.87
CA ASP A 94 -5.05 4.60 7.07
C ASP A 94 -5.43 5.29 5.75
N LEU A 95 -4.53 5.35 4.79
CA LEU A 95 -4.89 5.94 3.53
C LEU A 95 -5.47 4.83 2.68
N LEU A 96 -4.81 3.71 2.67
CA LEU A 96 -5.27 2.57 1.90
C LEU A 96 -6.79 2.44 2.02
N GLN A 97 -7.27 2.24 3.21
CA GLN A 97 -8.72 2.12 3.43
C GLN A 97 -9.39 3.47 3.20
N GLN A 98 -8.64 4.47 2.89
CA GLN A 98 -9.21 5.78 2.63
C GLN A 98 -9.46 5.89 1.12
N LEU A 99 -8.69 5.18 0.33
CA LEU A 99 -8.90 5.22 -1.11
C LEU A 99 -9.83 4.08 -1.50
N LEU A 100 -9.90 3.05 -0.69
CA LEU A 100 -10.74 1.92 -1.01
C LEU A 100 -12.10 2.44 -1.47
N PRO A 101 -12.51 3.53 -0.89
CA PRO A 101 -13.80 4.13 -1.29
C PRO A 101 -13.75 4.71 -2.72
N LYS A 102 -12.63 4.63 -3.37
CA LYS A 102 -12.48 5.20 -4.71
C LYS A 102 -12.89 4.22 -5.81
N PHE A 103 -12.48 3.00 -5.71
CA PHE A 103 -12.77 2.04 -6.77
C PHE A 103 -13.87 1.09 -6.31
N LYS A 104 -14.33 1.26 -5.11
CA LYS A 104 -15.39 0.41 -4.60
C LYS A 104 -16.75 1.02 -4.96
N ARG A 105 -17.75 0.74 -4.17
CA ARG A 105 -19.06 1.27 -4.43
C ARG A 105 -19.62 1.89 -3.15
N LYS A 106 -19.64 3.20 -3.06
CA LYS A 106 -20.16 3.85 -1.87
C LYS A 106 -21.69 3.88 -1.94
N ALA A 107 -22.23 4.69 -2.81
CA ALA A 107 -23.68 4.77 -2.92
C ALA A 107 -24.10 4.36 -4.33
N ASN A 108 -23.58 5.01 -5.33
CA ASN A 108 -23.94 4.67 -6.69
C ASN A 108 -22.80 3.90 -7.35
N MET A 1 -0.28 23.29 -14.46
CA MET A 1 -1.24 22.33 -15.06
C MET A 1 -0.48 21.35 -15.96
N ALA A 2 0.72 21.00 -15.60
CA ALA A 2 1.48 20.08 -16.42
C ALA A 2 2.32 19.16 -15.53
N THR A 3 1.95 19.06 -14.27
CA THR A 3 2.71 18.21 -13.38
C THR A 3 2.60 16.74 -13.84
N SER A 4 3.05 15.82 -13.03
CA SER A 4 2.97 14.43 -13.42
C SER A 4 1.56 14.10 -13.87
N SER A 5 1.32 12.88 -14.27
CA SER A 5 -0.01 12.51 -14.72
C SER A 5 -0.81 11.94 -13.55
N GLU A 6 -0.44 10.79 -13.05
CA GLU A 6 -1.16 10.20 -11.94
C GLU A 6 -0.94 11.05 -10.68
N GLU A 7 -1.79 10.90 -9.71
CA GLU A 7 -1.63 11.63 -8.48
C GLU A 7 -1.50 10.61 -7.35
N VAL A 8 -0.38 10.52 -6.69
CA VAL A 8 -0.25 9.50 -5.66
C VAL A 8 -0.49 10.13 -4.28
N LEU A 9 -0.91 9.33 -3.35
CA LEU A 9 -1.22 9.87 -2.03
C LEU A 9 -0.07 9.69 -1.02
N LEU A 10 0.73 8.64 -1.07
CA LEU A 10 1.77 8.56 -0.07
C LEU A 10 2.67 7.35 -0.32
N ILE A 11 3.93 7.47 -0.01
CA ILE A 11 4.83 6.36 -0.21
C ILE A 11 5.80 6.27 0.96
N VAL A 12 6.11 5.08 1.38
CA VAL A 12 7.06 4.90 2.46
C VAL A 12 8.17 4.02 1.89
N LYS A 13 9.37 4.52 1.82
CA LYS A 13 10.37 3.69 1.22
C LYS A 13 10.45 2.39 1.98
N LYS A 14 11.15 2.33 3.05
CA LYS A 14 11.22 1.06 3.74
C LYS A 14 9.84 0.44 3.96
N VAL A 15 9.76 -0.82 3.66
CA VAL A 15 8.56 -1.57 3.98
C VAL A 15 8.95 -3.00 4.20
N ARG A 16 8.22 -3.68 5.01
CA ARG A 16 8.54 -5.04 5.30
C ARG A 16 7.35 -5.90 4.94
N GLN A 17 7.60 -6.95 4.26
CA GLN A 17 6.54 -7.84 3.92
C GLN A 17 7.09 -9.23 4.16
N LYS A 18 6.37 -10.06 4.87
CA LYS A 18 6.90 -11.36 5.26
C LYS A 18 7.77 -11.98 4.17
N LYS A 19 7.63 -11.58 2.94
CA LYS A 19 8.49 -12.14 1.91
C LYS A 19 9.86 -11.41 1.92
N GLN A 20 9.83 -10.12 1.83
CA GLN A 20 11.04 -9.34 1.72
C GLN A 20 10.83 -7.94 2.31
N ASP A 21 11.88 -7.19 2.49
CA ASP A 21 11.69 -5.84 2.96
C ASP A 21 11.98 -5.04 1.70
N GLY A 22 11.13 -4.11 1.41
CA GLY A 22 11.27 -3.35 0.20
C GLY A 22 10.45 -2.09 0.30
N ALA A 23 10.67 -1.14 -0.57
CA ALA A 23 9.95 0.09 -0.43
C ALA A 23 8.57 0.01 -1.07
N LEU A 24 7.60 0.49 -0.33
CA LEU A 24 6.23 0.41 -0.75
C LEU A 24 5.71 1.81 -1.14
N TYR A 25 5.03 1.90 -2.24
CA TYR A 25 4.50 3.17 -2.70
C TYR A 25 2.98 3.09 -2.68
N LEU A 26 2.29 4.14 -2.31
CA LEU A 26 0.84 4.07 -2.34
C LEU A 26 0.36 5.17 -3.29
N MET A 27 -0.60 4.87 -4.10
CA MET A 27 -1.12 5.87 -5.02
C MET A 27 -2.62 5.65 -5.16
N ALA A 28 -3.37 6.71 -5.30
CA ALA A 28 -4.82 6.58 -5.44
C ALA A 28 -5.14 5.33 -6.27
N GLU A 29 -4.45 5.18 -7.35
CA GLU A 29 -4.76 4.08 -8.23
C GLU A 29 -4.03 2.79 -7.82
N ARG A 30 -2.87 2.84 -7.24
CA ARG A 30 -2.23 1.56 -6.91
C ARG A 30 -1.11 1.69 -5.88
N ILE A 31 -0.73 0.57 -5.36
CA ILE A 31 0.36 0.51 -4.41
C ILE A 31 1.55 -0.15 -5.14
N ALA A 32 2.72 0.42 -5.06
CA ALA A 32 3.85 -0.17 -5.78
C ALA A 32 4.91 -0.65 -4.81
N TRP A 33 5.72 -1.58 -5.26
CA TRP A 33 6.77 -2.10 -4.41
C TRP A 33 8.09 -2.06 -5.16
N ALA A 34 9.13 -1.66 -4.50
CA ALA A 34 10.42 -1.59 -5.16
C ALA A 34 11.56 -1.79 -4.14
N PRO A 35 12.63 -2.39 -4.60
CA PRO A 35 13.78 -2.58 -3.68
C PRO A 35 14.86 -1.54 -3.98
N GLU A 36 16.09 -1.81 -3.61
CA GLU A 36 17.15 -0.85 -3.86
C GLU A 36 18.07 -1.39 -4.96
N GLY A 37 17.75 -1.12 -6.20
CA GLY A 37 18.60 -1.59 -7.29
C GLY A 37 18.32 -0.76 -8.54
N LYS A 38 18.95 -1.10 -9.64
CA LYS A 38 18.72 -0.35 -10.86
C LYS A 38 17.22 -0.16 -11.06
N ASP A 39 16.51 -1.21 -11.38
CA ASP A 39 15.09 -1.10 -11.55
C ASP A 39 14.48 -0.66 -10.22
N ARG A 40 13.51 0.17 -10.27
CA ARG A 40 12.88 0.63 -9.05
C ARG A 40 11.57 -0.11 -8.85
N PHE A 41 10.52 0.43 -9.36
CA PHE A 41 9.22 -0.18 -9.21
C PHE A 41 9.26 -1.67 -9.52
N THR A 42 8.93 -2.47 -8.55
CA THR A 42 8.92 -3.89 -8.72
C THR A 42 7.49 -4.31 -9.05
N ILE A 43 6.53 -3.70 -8.41
CA ILE A 43 5.14 -4.05 -8.66
C ILE A 43 4.22 -2.86 -8.42
N SER A 44 2.96 -3.05 -8.71
CA SER A 44 1.98 -2.00 -8.51
C SER A 44 0.59 -2.65 -8.44
N HIS A 45 -0.18 -2.37 -7.42
CA HIS A 45 -1.50 -2.98 -7.35
C HIS A 45 -2.55 -1.94 -7.61
N MET A 46 -3.14 -1.94 -8.76
CA MET A 46 -4.17 -0.96 -9.03
C MET A 46 -5.34 -1.24 -8.09
N TYR A 47 -5.46 -0.45 -7.06
CA TYR A 47 -6.52 -0.68 -6.09
C TYR A 47 -7.79 -1.27 -6.73
N ALA A 48 -8.18 -0.85 -7.91
CA ALA A 48 -9.37 -1.45 -8.53
C ALA A 48 -9.04 -2.90 -8.90
N ASP A 49 -7.90 -3.10 -9.50
CA ASP A 49 -7.45 -4.44 -9.86
C ASP A 49 -7.20 -5.25 -8.57
N ILE A 50 -7.29 -4.62 -7.43
CA ILE A 50 -7.09 -5.35 -6.19
C ILE A 50 -8.37 -5.21 -5.34
N LYS A 51 -9.10 -6.25 -5.03
CA LYS A 51 -10.26 -5.98 -4.19
C LYS A 51 -10.45 -6.99 -3.07
N CYS A 52 -10.06 -6.56 -1.92
CA CYS A 52 -10.26 -7.30 -0.70
C CYS A 52 -9.50 -6.50 0.34
N GLN A 53 -10.05 -6.21 1.46
CA GLN A 53 -9.30 -5.39 2.36
C GLN A 53 -9.49 -5.78 3.81
N LYS A 54 -8.38 -5.98 4.45
CA LYS A 54 -8.33 -6.34 5.83
C LYS A 54 -7.19 -5.52 6.45
N ILE A 55 -7.49 -4.60 7.32
CA ILE A 55 -6.43 -3.82 7.91
C ILE A 55 -6.77 -3.51 9.36
N SER A 56 -6.16 -4.22 10.27
CA SER A 56 -6.43 -3.96 11.67
C SER A 56 -5.15 -3.54 12.40
N PRO A 57 -4.31 -2.74 11.78
CA PRO A 57 -3.10 -2.38 12.55
C PRO A 57 -3.37 -1.21 13.50
N GLU A 58 -4.46 -1.25 14.22
CA GLU A 58 -4.73 -0.17 15.16
C GLU A 58 -4.14 -0.55 16.51
N GLY A 59 -4.07 -1.83 16.78
CA GLY A 59 -3.47 -2.31 18.00
C GLY A 59 -2.74 -3.61 17.63
N LYS A 60 -2.01 -3.59 16.56
CA LYS A 60 -1.37 -4.81 16.09
C LYS A 60 0.15 -4.81 16.33
N ALA A 61 0.78 -5.79 15.74
CA ALA A 61 2.23 -5.91 15.84
C ALA A 61 2.82 -4.52 15.61
N LYS A 62 2.72 -4.00 14.42
CA LYS A 62 3.21 -2.66 14.16
C LYS A 62 2.83 -2.21 12.76
N ILE A 63 1.58 -2.20 12.35
CA ILE A 63 1.17 -1.78 11.00
C ILE A 63 1.39 -2.86 9.93
N GLN A 64 0.44 -3.77 9.88
CA GLN A 64 0.45 -4.85 8.88
C GLN A 64 -0.89 -4.80 8.12
N LEU A 65 -0.87 -4.82 6.81
CA LEU A 65 -2.15 -4.76 6.10
C LEU A 65 -2.29 -5.93 5.10
N GLN A 66 -3.49 -6.18 4.64
CA GLN A 66 -3.70 -7.27 3.69
C GLN A 66 -4.81 -6.88 2.68
N LEU A 67 -4.52 -7.03 1.41
CA LEU A 67 -5.48 -6.69 0.39
C LEU A 67 -5.47 -7.83 -0.61
N VAL A 68 -6.56 -8.10 -1.26
CA VAL A 68 -6.54 -9.20 -2.20
C VAL A 68 -6.92 -8.73 -3.58
N LEU A 69 -6.53 -9.48 -4.54
CA LEU A 69 -6.79 -9.16 -5.90
C LEU A 69 -8.19 -9.65 -6.25
N HIS A 70 -8.90 -8.97 -7.13
CA HIS A 70 -10.22 -9.47 -7.50
C HIS A 70 -10.03 -10.95 -7.82
N ALA A 71 -8.89 -11.24 -8.40
CA ALA A 71 -8.55 -12.59 -8.74
C ALA A 71 -8.24 -13.35 -7.44
N GLY A 72 -7.40 -14.34 -7.49
CA GLY A 72 -7.10 -15.13 -6.29
C GLY A 72 -5.70 -14.82 -5.82
N ASP A 73 -5.42 -13.56 -5.68
CA ASP A 73 -4.10 -13.16 -5.29
C ASP A 73 -4.19 -12.23 -4.11
N THR A 74 -3.30 -12.37 -3.17
CA THR A 74 -3.34 -11.52 -2.01
C THR A 74 -2.20 -10.54 -2.07
N THR A 75 -2.34 -9.43 -1.41
CA THR A 75 -1.29 -8.46 -1.37
C THR A 75 -1.06 -8.18 0.11
N ASN A 76 0.00 -8.69 0.67
CA ASN A 76 0.21 -8.46 2.08
C ASN A 76 1.41 -7.54 2.24
N PHE A 77 1.34 -6.61 3.13
CA PHE A 77 2.46 -5.72 3.30
C PHE A 77 2.60 -5.31 4.76
N HIS A 78 3.82 -5.17 5.18
CA HIS A 78 4.07 -4.80 6.56
C HIS A 78 5.07 -3.68 6.63
N PHE A 79 5.04 -2.97 7.71
CA PHE A 79 5.92 -1.84 7.83
C PHE A 79 6.91 -2.02 8.98
N SER A 80 8.07 -1.48 8.82
CA SER A 80 9.04 -1.58 9.91
C SER A 80 10.34 -0.82 9.61
N ASN A 81 10.76 -0.02 10.55
CA ASN A 81 12.00 0.72 10.37
C ASN A 81 12.65 0.98 11.73
N GLU A 82 13.87 1.41 11.74
CA GLU A 82 14.54 1.68 12.99
C GLU A 82 13.80 2.81 13.72
N SER A 83 13.13 3.66 12.98
CA SER A 83 12.42 4.75 13.62
C SER A 83 11.10 5.06 12.92
N THR A 84 10.68 4.25 11.98
CA THR A 84 9.42 4.55 11.33
C THR A 84 8.48 3.38 11.57
N ALA A 85 8.57 2.77 12.72
CA ALA A 85 7.67 1.68 13.03
C ALA A 85 6.42 2.19 13.76
N VAL A 86 5.79 3.20 13.24
CA VAL A 86 4.61 3.74 13.92
C VAL A 86 3.61 4.44 12.96
N LYS A 87 3.03 5.54 13.42
CA LYS A 87 2.04 6.30 12.65
C LYS A 87 2.47 6.48 11.19
N GLU A 88 3.74 6.60 10.94
CA GLU A 88 4.22 6.81 9.57
C GLU A 88 3.35 6.00 8.59
N ARG A 89 3.52 4.72 8.59
CA ARG A 89 2.72 3.91 7.71
C ARG A 89 1.38 3.68 8.37
N ASP A 90 1.35 3.71 9.68
CA ASP A 90 0.08 3.56 10.36
C ASP A 90 -0.88 4.56 9.69
N ALA A 91 -0.34 5.58 9.05
CA ALA A 91 -1.16 6.48 8.31
C ALA A 91 -1.26 5.86 6.92
N VAL A 92 -0.13 5.42 6.37
CA VAL A 92 -0.16 4.78 5.06
C VAL A 92 -1.42 3.90 5.01
N LYS A 93 -1.58 3.08 6.00
CA LYS A 93 -2.78 2.27 6.08
C LYS A 93 -3.96 3.25 6.16
N ASP A 94 -3.91 4.12 7.14
CA ASP A 94 -4.95 5.11 7.35
C ASP A 94 -5.42 5.68 5.99
N LEU A 95 -4.60 5.63 4.98
CA LEU A 95 -5.04 6.12 3.70
C LEU A 95 -5.70 4.98 2.95
N LEU A 96 -5.10 3.82 3.01
CA LEU A 96 -5.66 2.67 2.33
C LEU A 96 -7.19 2.63 2.51
N GLN A 97 -7.64 2.60 3.73
CA GLN A 97 -9.10 2.56 3.95
C GLN A 97 -9.72 3.91 3.60
N GLN A 98 -8.93 4.85 3.21
CA GLN A 98 -9.45 6.14 2.84
C GLN A 98 -9.69 6.15 1.33
N LEU A 99 -8.94 5.37 0.59
CA LEU A 99 -9.12 5.32 -0.85
C LEU A 99 -10.08 4.18 -1.19
N LEU A 100 -10.16 3.18 -0.37
CA LEU A 100 -11.02 2.04 -0.64
C LEU A 100 -12.35 2.54 -1.19
N PRO A 101 -12.75 3.68 -0.70
CA PRO A 101 -14.01 4.29 -1.15
C PRO A 101 -13.88 4.88 -2.58
N LYS A 102 -12.74 4.72 -3.18
CA LYS A 102 -12.48 5.27 -4.50
C LYS A 102 -12.87 4.29 -5.61
N PHE A 103 -12.45 3.07 -5.48
CA PHE A 103 -12.71 2.08 -6.51
C PHE A 103 -13.78 1.10 -6.03
N LYS A 104 -14.18 1.21 -4.81
CA LYS A 104 -15.20 0.32 -4.29
C LYS A 104 -15.94 1.00 -3.14
N ARG A 105 -17.14 1.45 -3.38
CA ARG A 105 -17.90 2.11 -2.33
C ARG A 105 -19.39 1.89 -2.56
N LYS A 106 -19.99 2.67 -3.42
CA LYS A 106 -21.40 2.51 -3.69
C LYS A 106 -21.59 1.76 -5.01
N ALA A 107 -22.73 1.89 -5.63
CA ALA A 107 -22.97 1.21 -6.88
C ALA A 107 -22.84 2.19 -8.04
N ASN A 108 -22.52 1.72 -9.21
CA ASN A 108 -22.39 2.61 -10.35
C ASN A 108 -23.12 2.01 -11.55
N MET A 1 1.98 18.42 -13.29
CA MET A 1 2.17 18.25 -14.76
C MET A 1 1.60 16.88 -15.18
N ALA A 2 1.53 15.95 -14.27
CA ALA A 2 1.02 14.64 -14.60
C ALA A 2 -0.24 14.78 -15.47
N THR A 3 -0.18 14.32 -16.69
CA THR A 3 -1.33 14.43 -17.56
C THR A 3 -2.01 13.06 -17.69
N SER A 4 -1.63 12.29 -18.66
CA SER A 4 -2.24 10.98 -18.85
C SER A 4 -2.42 10.29 -17.49
N SER A 5 -1.37 10.08 -16.77
CA SER A 5 -1.48 9.42 -15.49
C SER A 5 -2.01 10.41 -14.44
N GLU A 6 -2.03 10.00 -13.20
CA GLU A 6 -2.49 10.88 -12.14
C GLU A 6 -1.35 11.15 -11.19
N GLU A 7 -1.45 12.17 -10.37
CA GLU A 7 -0.40 12.48 -9.42
C GLU A 7 -0.19 11.31 -8.46
N VAL A 8 0.91 11.31 -7.76
CA VAL A 8 1.18 10.22 -6.84
C VAL A 8 0.77 10.65 -5.44
N LEU A 9 0.47 9.70 -4.60
CA LEU A 9 -0.03 10.05 -3.28
C LEU A 9 1.05 9.99 -2.18
N LEU A 10 1.76 8.91 -1.99
CA LEU A 10 2.74 8.94 -0.91
C LEU A 10 3.82 7.88 -1.10
N ILE A 11 5.00 8.16 -0.63
CA ILE A 11 6.10 7.21 -0.75
C ILE A 11 6.61 6.86 0.64
N VAL A 12 6.75 5.61 0.92
CA VAL A 12 7.27 5.22 2.21
C VAL A 12 8.43 4.25 1.96
N LYS A 13 9.55 4.47 2.59
CA LYS A 13 10.66 3.58 2.35
C LYS A 13 10.49 2.31 3.17
N LYS A 14 10.84 2.33 4.39
CA LYS A 14 10.75 1.12 5.18
C LYS A 14 9.38 0.45 5.05
N VAL A 15 9.36 -0.75 4.48
CA VAL A 15 8.13 -1.51 4.48
C VAL A 15 8.46 -2.97 4.68
N ARG A 16 7.59 -3.65 5.35
CA ARG A 16 7.80 -5.04 5.63
C ARG A 16 6.61 -5.81 5.11
N GLN A 17 6.86 -6.84 4.39
CA GLN A 17 5.77 -7.63 3.92
C GLN A 17 6.21 -9.07 4.11
N LYS A 18 5.33 -9.90 4.61
CA LYS A 18 5.72 -11.27 4.96
C LYS A 18 6.74 -11.84 3.98
N LYS A 19 6.85 -11.31 2.78
CA LYS A 19 7.85 -11.83 1.88
C LYS A 19 9.22 -11.17 2.16
N GLN A 20 9.25 -9.86 2.14
CA GLN A 20 10.49 -9.12 2.23
C GLN A 20 10.28 -7.76 2.86
N ASP A 21 11.34 -7.10 3.21
CA ASP A 21 11.20 -5.77 3.73
C ASP A 21 11.68 -4.94 2.56
N GLY A 22 10.88 -3.99 2.18
CA GLY A 22 11.16 -3.18 1.02
C GLY A 22 10.32 -1.91 1.07
N ALA A 23 10.61 -0.93 0.26
CA ALA A 23 9.86 0.30 0.37
C ALA A 23 8.53 0.24 -0.42
N LEU A 24 7.62 1.06 0.03
CA LEU A 24 6.29 1.12 -0.57
C LEU A 24 5.98 2.51 -1.15
N TYR A 25 5.68 2.54 -2.43
CA TYR A 25 5.34 3.78 -3.10
C TYR A 25 3.86 3.72 -3.44
N LEU A 26 3.06 4.66 -3.05
CA LEU A 26 1.64 4.53 -3.39
C LEU A 26 1.24 5.62 -4.38
N MET A 27 0.53 5.24 -5.41
CA MET A 27 0.08 6.20 -6.39
C MET A 27 -1.43 6.37 -6.25
N ALA A 28 -1.94 7.50 -6.63
CA ALA A 28 -3.37 7.75 -6.50
C ALA A 28 -4.20 6.50 -6.82
N GLU A 29 -4.03 5.89 -7.96
CA GLU A 29 -4.86 4.75 -8.29
C GLU A 29 -4.10 3.42 -8.13
N ARG A 30 -3.02 3.39 -7.42
CA ARG A 30 -2.33 2.11 -7.28
C ARG A 30 -1.33 2.10 -6.15
N ILE A 31 -0.88 0.93 -5.81
CA ILE A 31 0.11 0.78 -4.76
C ILE A 31 1.39 0.25 -5.43
N ALA A 32 2.56 0.63 -4.96
CA ALA A 32 3.76 0.16 -5.61
C ALA A 32 4.85 -0.24 -4.63
N TRP A 33 5.60 -1.24 -4.99
CA TRP A 33 6.66 -1.71 -4.12
C TRP A 33 8.02 -1.45 -4.73
N ALA A 34 8.99 -1.17 -3.90
CA ALA A 34 10.33 -0.92 -4.39
C ALA A 34 11.37 -1.31 -3.34
N PRO A 35 12.13 -2.34 -3.67
CA PRO A 35 13.19 -2.78 -2.73
C PRO A 35 14.55 -2.54 -3.39
N GLU A 36 15.55 -3.30 -3.01
CA GLU A 36 16.85 -3.11 -3.63
C GLU A 36 16.91 -3.93 -4.93
N GLY A 37 15.90 -3.83 -5.75
CA GLY A 37 15.88 -4.58 -6.98
C GLY A 37 16.97 -4.07 -7.92
N LYS A 38 16.66 -3.93 -9.19
CA LYS A 38 17.65 -3.44 -10.12
C LYS A 38 17.05 -2.37 -11.03
N ASP A 39 16.30 -1.47 -10.48
CA ASP A 39 15.71 -0.41 -11.26
C ASP A 39 15.33 0.72 -10.30
N ARG A 40 14.07 0.87 -10.02
CA ARG A 40 13.65 1.90 -9.08
C ARG A 40 12.40 1.41 -8.37
N PHE A 41 11.46 0.98 -9.15
CA PHE A 41 10.23 0.47 -8.61
C PHE A 41 10.28 -1.06 -8.62
N THR A 42 9.20 -1.70 -8.24
CA THR A 42 9.20 -3.15 -8.24
C THR A 42 7.76 -3.69 -8.39
N ILE A 43 6.79 -2.97 -7.89
CA ILE A 43 5.42 -3.48 -7.99
C ILE A 43 4.45 -2.34 -8.20
N SER A 44 3.35 -2.62 -8.85
CA SER A 44 2.37 -1.58 -9.07
C SER A 44 1.01 -2.21 -9.37
N HIS A 45 0.07 -2.09 -8.45
CA HIS A 45 -1.25 -2.65 -8.70
C HIS A 45 -2.29 -1.53 -8.60
N MET A 46 -2.97 -1.26 -9.68
CA MET A 46 -3.99 -0.23 -9.63
C MET A 46 -5.04 -0.65 -8.61
N TYR A 47 -5.36 0.19 -7.69
CA TYR A 47 -6.32 -0.21 -6.68
C TYR A 47 -7.53 -0.90 -7.35
N ALA A 48 -8.10 -0.37 -8.40
CA ALA A 48 -9.22 -1.05 -9.06
C ALA A 48 -8.68 -2.36 -9.70
N ASP A 49 -7.43 -2.31 -10.05
CA ASP A 49 -6.74 -3.47 -10.62
C ASP A 49 -6.66 -4.57 -9.54
N ILE A 50 -7.10 -4.25 -8.35
CA ILE A 50 -7.09 -5.21 -7.27
C ILE A 50 -8.35 -5.02 -6.43
N LYS A 51 -9.06 -6.05 -6.02
CA LYS A 51 -10.22 -5.75 -5.20
C LYS A 51 -10.26 -6.62 -3.96
N CYS A 52 -9.91 -6.02 -2.88
CA CYS A 52 -9.96 -6.64 -1.59
C CYS A 52 -9.30 -5.67 -0.64
N GLN A 53 -9.88 -5.40 0.47
CA GLN A 53 -9.25 -4.44 1.35
C GLN A 53 -9.46 -4.85 2.80
N LYS A 54 -8.40 -4.85 3.56
CA LYS A 54 -8.49 -5.22 4.95
C LYS A 54 -7.40 -4.45 5.72
N ILE A 55 -7.78 -3.55 6.58
CA ILE A 55 -6.78 -2.82 7.34
C ILE A 55 -7.27 -2.65 8.77
N SER A 56 -6.76 -3.45 9.67
CA SER A 56 -7.16 -3.31 11.06
C SER A 56 -5.94 -3.02 11.95
N PRO A 57 -4.94 -2.36 11.40
CA PRO A 57 -3.76 -2.12 12.26
C PRO A 57 -4.11 -1.30 13.49
N GLU A 58 -5.30 -0.78 13.56
CA GLU A 58 -5.66 -0.03 14.74
C GLU A 58 -5.50 -0.95 15.96
N GLY A 59 -5.47 -2.24 15.73
CA GLY A 59 -5.30 -3.18 16.82
C GLY A 59 -4.40 -4.35 16.38
N LYS A 60 -3.56 -4.15 15.39
CA LYS A 60 -2.71 -5.25 14.95
C LYS A 60 -1.37 -5.23 15.69
N ALA A 61 -0.29 -4.93 15.00
CA ALA A 61 1.00 -4.90 15.64
C ALA A 61 1.56 -3.47 15.56
N LYS A 62 1.53 -2.88 14.40
CA LYS A 62 2.00 -1.53 14.27
C LYS A 62 1.70 -0.96 12.92
N ILE A 63 0.67 -1.44 12.21
CA ILE A 63 0.29 -0.91 10.89
C ILE A 63 0.55 -1.90 9.74
N GLN A 64 -0.36 -2.83 9.58
CA GLN A 64 -0.28 -3.82 8.52
C GLN A 64 -1.56 -3.72 7.69
N LEU A 65 -1.48 -3.72 6.39
CA LEU A 65 -2.69 -3.64 5.60
C LEU A 65 -2.73 -4.80 4.59
N GLN A 66 -3.87 -5.04 3.97
CA GLN A 66 -3.95 -6.14 3.01
C GLN A 66 -4.95 -5.84 1.89
N LEU A 67 -4.59 -6.17 0.67
CA LEU A 67 -5.45 -5.92 -0.47
C LEU A 67 -5.39 -7.14 -1.37
N VAL A 68 -6.43 -7.43 -2.10
CA VAL A 68 -6.36 -8.58 -2.98
C VAL A 68 -6.72 -8.21 -4.39
N LEU A 69 -6.30 -9.01 -5.28
CA LEU A 69 -6.51 -8.76 -6.68
C LEU A 69 -7.74 -9.52 -7.15
N HIS A 70 -8.56 -8.94 -8.00
CA HIS A 70 -9.72 -9.66 -8.51
C HIS A 70 -9.18 -11.05 -8.90
N ALA A 71 -7.96 -11.03 -9.32
CA ALA A 71 -7.27 -12.25 -9.68
C ALA A 71 -7.04 -13.03 -8.38
N GLY A 72 -6.05 -13.86 -8.36
CA GLY A 72 -5.78 -14.67 -7.17
C GLY A 72 -4.48 -14.19 -6.55
N ASP A 73 -4.43 -12.93 -6.28
CA ASP A 73 -3.23 -12.38 -5.72
C ASP A 73 -3.56 -11.45 -4.57
N THR A 74 -2.91 -11.63 -3.47
CA THR A 74 -3.15 -10.77 -2.35
C THR A 74 -1.96 -9.86 -2.20
N THR A 75 -2.14 -8.76 -1.55
CA THR A 75 -1.05 -7.86 -1.36
C THR A 75 -1.01 -7.56 0.13
N ASN A 76 -0.02 -8.04 0.82
CA ASN A 76 0.04 -7.77 2.22
C ASN A 76 1.19 -6.82 2.42
N PHE A 77 0.99 -5.76 3.13
CA PHE A 77 2.08 -4.85 3.31
C PHE A 77 2.13 -4.40 4.76
N HIS A 78 3.30 -4.15 5.24
CA HIS A 78 3.43 -3.77 6.63
C HIS A 78 4.60 -2.83 6.85
N PHE A 79 4.59 -2.24 7.98
CA PHE A 79 5.64 -1.32 8.36
C PHE A 79 6.11 -1.80 9.72
N SER A 80 7.37 -1.74 10.07
CA SER A 80 7.74 -2.22 11.37
C SER A 80 9.18 -1.82 11.68
N ASN A 81 9.41 -1.13 12.76
CA ASN A 81 10.75 -0.73 13.08
C ASN A 81 10.91 -0.63 14.60
N GLU A 82 12.10 -0.47 15.08
CA GLU A 82 12.29 -0.35 16.51
C GLU A 82 11.29 0.69 17.02
N SER A 83 11.22 1.81 16.36
CA SER A 83 10.29 2.84 16.78
C SER A 83 9.84 3.68 15.58
N THR A 84 10.04 3.22 14.37
CA THR A 84 9.62 4.03 13.23
C THR A 84 8.33 3.45 12.66
N ALA A 85 7.82 2.38 13.23
CA ALA A 85 6.58 1.81 12.74
C ALA A 85 5.43 2.43 13.52
N VAL A 86 5.10 3.64 13.20
CA VAL A 86 4.00 4.28 13.88
C VAL A 86 3.37 5.38 12.96
N LYS A 87 3.38 6.61 13.40
CA LYS A 87 2.80 7.70 12.63
C LYS A 87 3.06 7.52 11.13
N GLU A 88 4.30 7.59 10.71
CA GLU A 88 4.62 7.46 9.29
C GLU A 88 3.69 6.42 8.65
N ARG A 89 3.91 5.19 8.95
CA ARG A 89 3.05 4.15 8.40
C ARG A 89 1.60 4.54 8.69
N ASP A 90 1.39 5.10 9.85
CA ASP A 90 0.06 5.52 10.24
C ASP A 90 -0.45 6.54 9.21
N ALA A 91 0.45 7.11 8.45
CA ALA A 91 0.04 8.04 7.43
C ALA A 91 -0.23 7.24 6.16
N VAL A 92 0.60 6.26 5.93
CA VAL A 92 0.38 5.41 4.78
C VAL A 92 -1.03 4.86 4.90
N LYS A 93 -1.26 4.01 5.87
CA LYS A 93 -2.59 3.47 6.04
C LYS A 93 -3.59 4.62 6.08
N ASP A 94 -3.23 5.74 6.71
CA ASP A 94 -4.15 6.87 6.77
C ASP A 94 -4.63 7.21 5.36
N LEU A 95 -3.83 6.94 4.36
CA LEU A 95 -4.25 7.23 2.99
C LEU A 95 -4.93 5.99 2.39
N LEU A 96 -4.30 4.86 2.52
CA LEU A 96 -4.85 3.62 1.97
C LEU A 96 -6.36 3.48 2.24
N GLN A 97 -6.74 3.29 3.48
CA GLN A 97 -8.16 3.11 3.79
C GLN A 97 -8.98 4.32 3.34
N GLN A 98 -8.35 5.33 2.82
CA GLN A 98 -9.09 6.49 2.37
C GLN A 98 -9.31 6.37 0.85
N LEU A 99 -8.39 5.77 0.16
CA LEU A 99 -8.54 5.63 -1.28
C LEU A 99 -9.31 4.34 -1.56
N LEU A 100 -9.08 3.33 -0.76
CA LEU A 100 -9.75 2.07 -0.96
C LEU A 100 -11.26 2.32 -1.08
N PRO A 101 -11.70 3.30 -0.33
CA PRO A 101 -13.13 3.67 -0.38
C PRO A 101 -13.45 4.38 -1.71
N LYS A 102 -12.48 4.56 -2.54
CA LYS A 102 -12.71 5.25 -3.81
C LYS A 102 -13.05 4.25 -4.91
N PHE A 103 -12.42 3.10 -4.89
CA PHE A 103 -12.67 2.12 -5.95
C PHE A 103 -13.43 0.93 -5.36
N LYS A 104 -13.74 0.98 -4.09
CA LYS A 104 -14.47 -0.11 -3.48
C LYS A 104 -15.88 -0.17 -4.07
N ARG A 105 -16.74 -0.97 -3.49
CA ARG A 105 -18.09 -1.06 -4.01
C ARG A 105 -19.11 -0.76 -2.91
N LYS A 106 -20.09 0.06 -3.19
CA LYS A 106 -21.08 0.39 -2.18
C LYS A 106 -22.34 0.93 -2.87
N ALA A 107 -22.55 0.56 -4.10
CA ALA A 107 -23.73 1.03 -4.79
C ALA A 107 -24.84 -0.01 -4.69
N ASN A 108 -25.65 0.07 -3.67
CA ASN A 108 -26.73 -0.89 -3.51
C ASN A 108 -28.07 -0.15 -3.49
N MET A 1 5.46 20.51 -14.17
CA MET A 1 6.89 20.24 -14.44
C MET A 1 7.02 19.23 -15.59
N ALA A 2 6.43 18.08 -15.43
CA ALA A 2 6.52 17.08 -16.49
C ALA A 2 5.11 16.62 -16.86
N THR A 3 5.00 15.56 -17.61
CA THR A 3 3.69 15.08 -18.00
C THR A 3 2.87 14.77 -16.74
N SER A 4 1.81 15.49 -16.52
CA SER A 4 0.99 15.23 -15.35
C SER A 4 -0.29 14.51 -15.76
N SER A 5 -0.53 13.35 -15.22
CA SER A 5 -1.72 12.61 -15.59
C SER A 5 -2.32 11.96 -14.35
N GLU A 6 -1.74 10.88 -13.89
CA GLU A 6 -2.26 10.20 -12.71
C GLU A 6 -1.98 11.04 -11.47
N GLU A 7 -2.68 10.75 -10.41
CA GLU A 7 -2.46 11.47 -9.18
C GLU A 7 -2.07 10.47 -8.09
N VAL A 8 -0.87 10.49 -7.58
CA VAL A 8 -0.50 9.52 -6.58
C VAL A 8 -0.61 10.16 -5.21
N LEU A 9 -0.81 9.35 -4.19
CA LEU A 9 -1.02 9.91 -2.86
C LEU A 9 0.26 9.87 -1.99
N LEU A 10 0.98 8.78 -1.89
CA LEU A 10 2.14 8.83 -1.02
C LEU A 10 3.14 7.74 -1.39
N ILE A 11 4.34 7.83 -0.86
CA ILE A 11 5.36 6.85 -1.14
C ILE A 11 6.11 6.55 0.16
N VAL A 12 6.40 5.31 0.42
CA VAL A 12 7.11 4.98 1.64
C VAL A 12 8.38 4.18 1.29
N LYS A 13 9.48 4.88 1.22
CA LYS A 13 10.77 4.29 0.92
C LYS A 13 11.09 3.15 1.87
N LYS A 14 10.42 3.12 2.96
CA LYS A 14 10.64 2.06 3.92
C LYS A 14 9.38 1.20 4.04
N VAL A 15 9.45 -0.07 3.71
CA VAL A 15 8.31 -0.89 3.94
C VAL A 15 8.75 -2.30 4.21
N ARG A 16 8.03 -2.96 5.04
CA ARG A 16 8.37 -4.29 5.42
C ARG A 16 7.22 -5.20 5.08
N GLN A 17 7.50 -6.24 4.38
CA GLN A 17 6.46 -7.16 4.07
C GLN A 17 6.99 -8.54 4.38
N LYS A 18 6.22 -9.34 5.08
CA LYS A 18 6.73 -10.63 5.53
C LYS A 18 7.64 -11.27 4.49
N LYS A 19 7.54 -10.90 3.25
CA LYS A 19 8.43 -11.46 2.27
C LYS A 19 9.79 -10.72 2.32
N GLN A 20 9.76 -9.42 2.19
CA GLN A 20 10.95 -8.62 2.10
C GLN A 20 10.71 -7.22 2.64
N ASP A 21 11.76 -6.48 2.83
CA ASP A 21 11.59 -5.12 3.27
C ASP A 21 11.90 -4.36 2.00
N GLY A 22 11.04 -3.46 1.65
CA GLY A 22 11.21 -2.72 0.43
C GLY A 22 10.38 -1.46 0.48
N ALA A 23 10.60 -0.54 -0.41
CA ALA A 23 9.86 0.69 -0.36
C ALA A 23 8.52 0.52 -1.09
N LEU A 24 7.51 0.97 -0.42
CA LEU A 24 6.15 0.83 -0.92
C LEU A 24 5.64 2.19 -1.37
N TYR A 25 5.07 2.24 -2.54
CA TYR A 25 4.53 3.49 -3.06
C TYR A 25 3.01 3.37 -3.05
N LEU A 26 2.28 4.37 -2.68
CA LEU A 26 0.86 4.23 -2.71
C LEU A 26 0.31 5.16 -3.79
N MET A 27 -0.57 4.66 -4.61
CA MET A 27 -1.15 5.48 -5.65
C MET A 27 -2.67 5.38 -5.51
N ALA A 28 -3.37 6.47 -5.71
CA ALA A 28 -4.82 6.42 -5.55
C ALA A 28 -5.34 5.12 -6.15
N GLU A 29 -5.07 4.91 -7.40
CA GLU A 29 -5.60 3.74 -8.07
C GLU A 29 -4.70 2.51 -7.91
N ARG A 30 -3.51 2.60 -7.40
CA ARG A 30 -2.74 1.36 -7.31
C ARG A 30 -1.62 1.45 -6.28
N ILE A 31 -1.11 0.30 -5.91
CA ILE A 31 -0.04 0.24 -4.94
C ILE A 31 1.25 -0.23 -5.66
N ALA A 32 2.36 0.39 -5.39
CA ALA A 32 3.59 0.00 -6.06
C ALA A 32 4.66 -0.38 -5.06
N TRP A 33 5.50 -1.32 -5.42
CA TRP A 33 6.55 -1.72 -4.49
C TRP A 33 7.91 -1.61 -5.16
N ALA A 34 8.89 -1.16 -4.43
CA ALA A 34 10.22 -1.02 -4.97
C ALA A 34 11.26 -1.18 -3.86
N PRO A 35 12.12 -2.16 -4.03
CA PRO A 35 13.16 -2.37 -2.98
C PRO A 35 14.54 -2.03 -3.52
N GLU A 36 14.97 -2.72 -4.55
CA GLU A 36 16.28 -2.45 -5.11
C GLU A 36 16.34 -1.01 -5.63
N GLY A 37 17.52 -0.57 -6.00
CA GLY A 37 17.64 0.79 -6.51
C GLY A 37 17.61 0.77 -8.04
N LYS A 38 18.11 -0.28 -8.63
CA LYS A 38 18.11 -0.35 -10.09
C LYS A 38 16.69 -0.11 -10.60
N ASP A 39 15.97 -1.15 -10.94
CA ASP A 39 14.62 -0.97 -11.42
C ASP A 39 13.70 -0.68 -10.24
N ARG A 40 13.95 0.40 -9.52
CA ARG A 40 13.15 0.77 -8.36
C ARG A 40 11.77 0.11 -8.39
N PHE A 41 10.89 0.70 -9.11
CA PHE A 41 9.55 0.16 -9.20
C PHE A 41 9.60 -1.35 -9.39
N THR A 42 9.10 -2.08 -8.43
CA THR A 42 9.11 -3.52 -8.51
C THR A 42 7.66 -4.03 -8.55
N ILE A 43 6.72 -3.20 -8.21
CA ILE A 43 5.33 -3.65 -8.21
C ILE A 43 4.35 -2.51 -8.49
N SER A 44 3.18 -2.88 -8.92
CA SER A 44 2.15 -1.91 -9.17
C SER A 44 0.81 -2.63 -9.37
N HIS A 45 -0.04 -2.64 -8.37
CA HIS A 45 -1.33 -3.30 -8.53
C HIS A 45 -2.44 -2.27 -8.57
N MET A 46 -3.19 -2.25 -9.62
CA MET A 46 -4.29 -1.30 -9.70
C MET A 46 -5.37 -1.70 -8.70
N TYR A 47 -5.52 -0.94 -7.66
CA TYR A 47 -6.52 -1.23 -6.66
C TYR A 47 -7.81 -1.72 -7.32
N ALA A 48 -8.29 -1.07 -8.35
CA ALA A 48 -9.50 -1.59 -8.97
C ALA A 48 -9.17 -2.96 -9.59
N ASP A 49 -8.06 -3.00 -10.28
CA ASP A 49 -7.64 -4.24 -10.90
C ASP A 49 -7.74 -5.33 -9.87
N ILE A 50 -7.49 -5.03 -8.65
CA ILE A 50 -7.53 -6.07 -7.66
C ILE A 50 -8.71 -5.79 -6.72
N LYS A 51 -9.21 -6.75 -5.99
CA LYS A 51 -10.33 -6.40 -5.14
C LYS A 51 -10.41 -7.22 -3.86
N CYS A 52 -10.02 -6.62 -2.80
CA CYS A 52 -10.12 -7.22 -1.50
C CYS A 52 -9.41 -6.28 -0.54
N GLN A 53 -9.94 -6.02 0.61
CA GLN A 53 -9.28 -5.08 1.47
C GLN A 53 -9.39 -5.48 2.93
N LYS A 54 -8.26 -5.52 3.56
CA LYS A 54 -8.18 -5.90 4.94
C LYS A 54 -7.31 -4.87 5.65
N ILE A 55 -7.86 -4.07 6.53
CA ILE A 55 -7.03 -3.10 7.20
C ILE A 55 -7.45 -2.95 8.65
N SER A 56 -6.74 -3.57 9.54
CA SER A 56 -7.05 -3.44 10.94
C SER A 56 -5.86 -2.83 11.71
N PRO A 57 -4.98 -2.10 11.03
CA PRO A 57 -3.86 -1.56 11.85
C PRO A 57 -4.28 -0.35 12.68
N GLU A 58 -5.32 -0.48 13.45
CA GLU A 58 -5.74 0.61 14.30
C GLU A 58 -5.22 0.33 15.71
N GLY A 59 -5.13 -0.93 16.04
CA GLY A 59 -4.60 -1.36 17.32
C GLY A 59 -3.84 -2.66 17.06
N LYS A 60 -3.16 -2.76 15.95
CA LYS A 60 -2.48 -3.99 15.60
C LYS A 60 -0.97 -3.93 15.85
N ALA A 61 -0.30 -4.98 15.45
CA ALA A 61 1.14 -5.08 15.61
C ALA A 61 1.77 -3.71 15.37
N LYS A 62 1.76 -3.21 14.16
CA LYS A 62 2.37 -1.91 13.95
C LYS A 62 2.00 -1.31 12.58
N ILE A 63 0.79 -1.54 12.06
CA ILE A 63 0.35 -0.94 10.77
C ILE A 63 0.39 -1.96 9.58
N GLN A 64 -0.35 -3.02 9.66
CA GLN A 64 -0.29 -4.01 8.57
C GLN A 64 -1.56 -4.00 7.72
N LEU A 65 -1.42 -3.97 6.41
CA LEU A 65 -2.60 -3.96 5.56
C LEU A 65 -2.65 -5.20 4.66
N GLN A 66 -3.82 -5.53 4.15
CA GLN A 66 -3.96 -6.69 3.29
C GLN A 66 -5.08 -6.48 2.26
N LEU A 67 -4.81 -6.78 1.02
CA LEU A 67 -5.78 -6.57 -0.03
C LEU A 67 -5.67 -7.75 -1.01
N VAL A 68 -6.71 -8.05 -1.73
CA VAL A 68 -6.62 -9.17 -2.64
C VAL A 68 -7.13 -8.79 -4.01
N LEU A 69 -6.68 -9.53 -4.94
CA LEU A 69 -6.99 -9.29 -6.33
C LEU A 69 -8.26 -10.04 -6.70
N HIS A 70 -9.08 -9.49 -7.58
CA HIS A 70 -10.28 -10.23 -7.96
C HIS A 70 -9.82 -11.64 -8.30
N ALA A 71 -8.58 -11.73 -8.74
CA ALA A 71 -8.00 -13.00 -9.03
C ALA A 71 -7.59 -13.63 -7.70
N GLY A 72 -6.62 -14.50 -7.70
CA GLY A 72 -6.24 -15.17 -6.46
C GLY A 72 -4.88 -14.65 -6.01
N ASP A 73 -4.78 -13.38 -5.91
CA ASP A 73 -3.53 -12.78 -5.51
C ASP A 73 -3.80 -11.81 -4.38
N THR A 74 -3.03 -11.91 -3.34
CA THR A 74 -3.24 -11.04 -2.21
C THR A 74 -2.12 -10.03 -2.17
N THR A 75 -2.28 -8.99 -1.42
CA THR A 75 -1.25 -8.01 -1.31
C THR A 75 -1.08 -7.74 0.18
N ASN A 76 -0.03 -8.21 0.78
CA ASN A 76 0.14 -7.97 2.20
C ASN A 76 1.32 -7.03 2.37
N PHE A 77 1.21 -6.06 3.23
CA PHE A 77 2.34 -5.17 3.37
C PHE A 77 2.44 -4.62 4.79
N HIS A 78 3.65 -4.40 5.21
CA HIS A 78 3.88 -3.89 6.55
C HIS A 78 4.95 -2.80 6.51
N PHE A 79 5.01 -2.05 7.55
CA PHE A 79 5.96 -0.96 7.68
C PHE A 79 6.51 -1.02 9.10
N SER A 80 7.79 -0.91 9.38
CA SER A 80 8.14 -0.89 10.79
C SER A 80 9.64 -0.71 10.97
N ASN A 81 10.00 -0.12 12.06
CA ASN A 81 11.39 0.07 12.38
C ASN A 81 11.52 0.09 13.90
N GLU A 82 12.71 0.18 14.41
CA GLU A 82 12.85 0.21 15.85
C GLU A 82 12.59 1.64 16.33
N SER A 83 12.18 2.51 15.44
CA SER A 83 11.93 3.88 15.82
C SER A 83 10.84 4.53 14.93
N THR A 84 10.74 4.16 13.69
CA THR A 84 9.79 4.82 12.81
C THR A 84 8.41 4.13 12.85
N ALA A 85 8.35 2.84 13.06
CA ALA A 85 7.08 2.12 13.08
C ALA A 85 6.02 2.83 13.93
N VAL A 86 5.45 3.86 13.39
CA VAL A 86 4.43 4.59 14.13
C VAL A 86 3.43 5.28 13.18
N LYS A 87 3.10 6.52 13.47
CA LYS A 87 2.14 7.26 12.66
C LYS A 87 2.51 7.23 11.17
N GLU A 88 3.76 7.40 10.84
CA GLU A 88 4.15 7.40 9.44
C GLU A 88 3.37 6.33 8.66
N ARG A 89 3.71 5.12 8.89
CA ARG A 89 3.04 4.01 8.24
C ARG A 89 1.55 4.13 8.57
N ASP A 90 1.28 4.45 9.80
CA ASP A 90 -0.10 4.62 10.22
C ASP A 90 -0.75 5.73 9.36
N ALA A 91 0.03 6.46 8.62
CA ALA A 91 -0.51 7.50 7.77
C ALA A 91 -0.72 6.93 6.37
N VAL A 92 0.18 6.10 5.92
CA VAL A 92 -0.02 5.50 4.62
C VAL A 92 -1.26 4.62 4.76
N LYS A 93 -1.35 3.94 5.86
CA LYS A 93 -2.51 3.12 6.13
C LYS A 93 -3.69 4.07 6.30
N ASP A 94 -3.47 5.19 6.99
CA ASP A 94 -4.52 6.19 7.19
C ASP A 94 -5.08 6.60 5.83
N LEU A 95 -4.30 6.41 4.79
CA LEU A 95 -4.80 6.72 3.46
C LEU A 95 -5.46 5.44 2.87
N LEU A 96 -4.81 4.32 3.01
CA LEU A 96 -5.32 3.05 2.48
C LEU A 96 -6.85 2.98 2.62
N GLN A 97 -7.32 2.87 3.83
CA GLN A 97 -8.77 2.81 4.08
C GLN A 97 -9.50 4.03 3.50
N GLN A 98 -8.79 4.93 2.92
CA GLN A 98 -9.41 6.10 2.35
C GLN A 98 -9.52 5.91 0.83
N LEU A 99 -8.63 5.15 0.25
CA LEU A 99 -8.68 4.92 -1.20
C LEU A 99 -9.60 3.73 -1.47
N LEU A 100 -9.57 2.75 -0.62
CA LEU A 100 -10.39 1.57 -0.81
C LEU A 100 -11.77 2.00 -1.27
N PRO A 101 -12.23 3.05 -0.65
CA PRO A 101 -13.55 3.60 -1.04
C PRO A 101 -13.55 4.02 -2.52
N LYS A 102 -12.46 4.57 -2.96
CA LYS A 102 -12.33 5.03 -4.33
C LYS A 102 -12.80 3.96 -5.32
N PHE A 103 -12.33 2.76 -5.16
CA PHE A 103 -12.68 1.69 -6.08
C PHE A 103 -13.47 0.61 -5.35
N LYS A 104 -13.70 0.78 -4.07
CA LYS A 104 -14.44 -0.21 -3.32
C LYS A 104 -15.20 0.48 -2.19
N ARG A 105 -16.47 0.74 -2.37
CA ARG A 105 -17.23 1.40 -1.32
C ARG A 105 -18.29 0.43 -0.79
N LYS A 106 -19.15 -0.05 -1.65
CA LYS A 106 -20.18 -0.97 -1.21
C LYS A 106 -19.63 -2.40 -1.24
N ALA A 107 -19.88 -3.17 -0.22
CA ALA A 107 -19.39 -4.53 -0.19
C ALA A 107 -20.42 -5.45 -0.86
N ASN A 108 -21.61 -4.95 -1.09
CA ASN A 108 -22.63 -5.78 -1.73
C ASN A 108 -23.41 -4.93 -2.73
N MET A 1 -7.20 19.48 -13.52
CA MET A 1 -7.18 19.02 -14.94
C MET A 1 -5.97 19.62 -15.66
N ALA A 2 -4.81 19.06 -15.46
CA ALA A 2 -3.62 19.59 -16.11
C ALA A 2 -2.83 18.44 -16.74
N THR A 3 -2.07 17.73 -15.96
CA THR A 3 -1.29 16.63 -16.50
C THR A 3 -2.20 15.42 -16.72
N SER A 4 -1.95 14.64 -17.74
CA SER A 4 -2.78 13.49 -17.99
C SER A 4 -2.27 12.29 -17.19
N SER A 5 -0.98 12.18 -17.02
CA SER A 5 -0.45 11.05 -16.28
C SER A 5 -1.11 11.02 -14.89
N GLU A 6 -0.57 10.24 -13.99
CA GLU A 6 -1.10 10.22 -12.64
C GLU A 6 0.02 10.65 -11.71
N GLU A 7 -0.29 11.15 -10.55
CA GLU A 7 0.75 11.56 -9.63
C GLU A 7 0.84 10.51 -8.52
N VAL A 8 1.91 10.48 -7.77
CA VAL A 8 2.03 9.47 -6.74
C VAL A 8 1.61 10.07 -5.40
N LEU A 9 1.17 9.25 -4.48
CA LEU A 9 0.69 9.77 -3.22
C LEU A 9 1.74 9.67 -2.09
N LEU A 10 2.32 8.51 -1.81
CA LEU A 10 3.29 8.50 -0.72
C LEU A 10 4.25 7.32 -0.82
N ILE A 11 5.35 7.42 -0.10
CA ILE A 11 6.33 6.35 -0.11
C ILE A 11 6.88 6.13 1.30
N VAL A 12 7.14 4.90 1.64
CA VAL A 12 7.73 4.60 2.93
C VAL A 12 9.01 3.82 2.67
N LYS A 13 10.11 4.23 3.25
CA LYS A 13 11.38 3.57 2.94
C LYS A 13 11.37 2.09 3.26
N LYS A 14 11.58 1.67 4.45
CA LYS A 14 11.72 0.24 4.62
C LYS A 14 10.56 -0.44 5.34
N VAL A 15 9.73 -1.11 4.59
CA VAL A 15 8.53 -1.74 5.09
C VAL A 15 8.83 -3.22 5.10
N ARG A 16 8.04 -4.00 5.76
CA ARG A 16 8.26 -5.41 5.84
C ARG A 16 7.06 -6.12 5.24
N GLN A 17 7.30 -7.13 4.47
CA GLN A 17 6.20 -7.85 3.92
C GLN A 17 6.54 -9.33 3.93
N LYS A 18 5.56 -10.16 4.08
CA LYS A 18 5.79 -11.59 4.23
C LYS A 18 6.96 -12.09 3.36
N LYS A 19 7.35 -11.38 2.33
CA LYS A 19 8.46 -11.86 1.53
C LYS A 19 9.77 -11.11 1.88
N GLN A 20 9.73 -9.80 1.82
CA GLN A 20 10.93 -9.01 1.98
C GLN A 20 10.60 -7.66 2.56
N ASP A 21 11.59 -6.94 2.95
CA ASP A 21 11.33 -5.63 3.45
C ASP A 21 11.81 -4.76 2.30
N GLY A 22 11.02 -3.81 1.96
CA GLY A 22 11.30 -2.97 0.82
C GLY A 22 10.47 -1.71 0.99
N ALA A 23 10.71 -0.66 0.26
CA ALA A 23 9.95 0.53 0.49
C ALA A 23 8.64 0.42 -0.25
N LEU A 24 7.64 0.99 0.33
CA LEU A 24 6.32 0.89 -0.21
C LEU A 24 5.92 2.24 -0.78
N TYR A 25 5.57 2.25 -2.04
CA TYR A 25 5.17 3.47 -2.71
C TYR A 25 3.69 3.37 -2.98
N LEU A 26 2.91 4.39 -2.77
CA LEU A 26 1.51 4.24 -3.05
C LEU A 26 1.15 5.24 -4.15
N MET A 27 0.39 4.83 -5.13
CA MET A 27 0.01 5.72 -6.21
C MET A 27 -1.51 5.81 -6.19
N ALA A 28 -2.07 6.87 -6.70
CA ALA A 28 -3.50 7.02 -6.71
C ALA A 28 -4.21 5.68 -6.97
N GLU A 29 -3.91 5.00 -8.04
CA GLU A 29 -4.62 3.76 -8.31
C GLU A 29 -3.74 2.52 -8.10
N ARG A 30 -2.57 2.62 -7.53
CA ARG A 30 -1.79 1.40 -7.38
C ARG A 30 -0.77 1.49 -6.24
N ILE A 31 -0.27 0.35 -5.87
CA ILE A 31 0.71 0.30 -4.80
C ILE A 31 2.04 -0.21 -5.37
N ALA A 32 3.11 0.52 -5.18
CA ALA A 32 4.40 0.10 -5.70
C ALA A 32 5.31 -0.32 -4.56
N TRP A 33 6.23 -1.21 -4.83
CA TRP A 33 7.13 -1.66 -3.78
C TRP A 33 8.55 -1.72 -4.31
N ALA A 34 9.51 -1.36 -3.51
CA ALA A 34 10.88 -1.39 -3.99
C ALA A 34 11.87 -1.63 -2.84
N PRO A 35 12.65 -2.66 -2.99
CA PRO A 35 13.68 -2.92 -1.96
C PRO A 35 15.02 -2.36 -2.44
N GLU A 36 15.50 -2.85 -3.55
CA GLU A 36 16.77 -2.36 -4.08
C GLU A 36 16.81 -2.61 -5.59
N GLY A 37 16.33 -1.68 -6.38
CA GLY A 37 16.35 -1.87 -7.82
C GLY A 37 16.62 -0.54 -8.53
N LYS A 38 16.29 -0.45 -9.80
CA LYS A 38 16.53 0.79 -10.52
C LYS A 38 15.20 1.38 -10.99
N ASP A 39 14.19 0.57 -11.09
CA ASP A 39 12.92 1.10 -11.49
C ASP A 39 12.37 1.88 -10.30
N ARG A 40 11.46 2.77 -10.55
CA ARG A 40 10.88 3.55 -9.47
C ARG A 40 10.62 2.64 -8.30
N PHE A 41 10.31 1.42 -8.59
CA PHE A 41 10.08 0.44 -7.55
C PHE A 41 10.31 -0.97 -8.10
N THR A 42 9.87 -1.96 -7.39
CA THR A 42 10.04 -3.33 -7.80
C THR A 42 8.71 -3.87 -8.36
N ILE A 43 7.59 -3.43 -7.83
CA ILE A 43 6.30 -3.90 -8.33
C ILE A 43 5.27 -2.77 -8.23
N SER A 44 4.14 -2.96 -8.85
CA SER A 44 3.08 -1.95 -8.81
C SER A 44 1.75 -2.64 -9.11
N HIS A 45 0.82 -2.59 -8.20
CA HIS A 45 -0.47 -3.24 -8.45
C HIS A 45 -1.57 -2.19 -8.52
N MET A 46 -2.27 -2.19 -9.62
CA MET A 46 -3.36 -1.26 -9.77
C MET A 46 -4.46 -1.66 -8.76
N TYR A 47 -4.65 -0.87 -7.74
CA TYR A 47 -5.65 -1.20 -6.75
C TYR A 47 -6.92 -1.75 -7.43
N ALA A 48 -7.35 -1.17 -8.51
CA ALA A 48 -8.52 -1.70 -9.19
C ALA A 48 -8.14 -3.07 -9.77
N ASP A 49 -7.01 -3.12 -10.41
CA ASP A 49 -6.55 -4.36 -11.00
C ASP A 49 -6.76 -5.44 -9.97
N ILE A 50 -6.69 -5.06 -8.74
CA ILE A 50 -6.85 -6.02 -7.70
C ILE A 50 -8.14 -5.74 -6.95
N LYS A 51 -8.68 -6.67 -6.21
CA LYS A 51 -9.85 -6.33 -5.46
C LYS A 51 -9.91 -7.10 -4.16
N CYS A 52 -9.57 -6.42 -3.11
CA CYS A 52 -9.63 -6.99 -1.79
C CYS A 52 -8.98 -5.99 -0.85
N GLN A 53 -9.63 -5.62 0.19
CA GLN A 53 -9.02 -4.63 1.05
C GLN A 53 -9.32 -4.91 2.51
N LYS A 54 -8.28 -4.97 3.30
CA LYS A 54 -8.41 -5.23 4.72
C LYS A 54 -7.30 -4.47 5.45
N ILE A 55 -7.64 -3.49 6.24
CA ILE A 55 -6.60 -2.74 6.94
C ILE A 55 -7.10 -2.38 8.35
N SER A 56 -6.65 -3.09 9.34
CA SER A 56 -7.07 -2.79 10.69
C SER A 56 -5.85 -2.45 11.58
N PRO A 57 -4.76 -2.00 11.00
CA PRO A 57 -3.60 -1.74 11.89
C PRO A 57 -3.89 -0.63 12.89
N GLU A 58 -5.02 0.00 12.82
CA GLU A 58 -5.32 1.02 13.79
C GLU A 58 -5.36 0.38 15.18
N GLY A 59 -5.40 -0.94 15.24
CA GLY A 59 -5.39 -1.62 16.51
C GLY A 59 -4.58 -2.94 16.37
N LYS A 60 -3.72 -3.03 15.40
CA LYS A 60 -2.99 -4.29 15.20
C LYS A 60 -1.54 -4.20 15.69
N ALA A 61 -0.79 -5.22 15.37
CA ALA A 61 0.61 -5.29 15.76
C ALA A 61 1.23 -3.90 15.64
N LYS A 62 1.40 -3.39 14.45
CA LYS A 62 1.96 -2.07 14.32
C LYS A 62 1.84 -1.54 12.92
N ILE A 63 0.83 -1.91 12.13
CA ILE A 63 0.66 -1.38 10.76
C ILE A 63 0.87 -2.45 9.70
N GLN A 64 -0.15 -3.24 9.46
CA GLN A 64 -0.08 -4.26 8.43
C GLN A 64 -1.35 -4.15 7.60
N LEU A 65 -1.27 -4.31 6.30
CA LEU A 65 -2.47 -4.20 5.50
C LEU A 65 -2.58 -5.43 4.58
N GLN A 66 -3.75 -5.67 4.04
CA GLN A 66 -3.93 -6.83 3.18
C GLN A 66 -4.88 -6.50 2.01
N LEU A 67 -4.40 -6.63 0.80
CA LEU A 67 -5.21 -6.34 -0.36
C LEU A 67 -5.13 -7.54 -1.28
N VAL A 68 -6.11 -7.80 -2.08
CA VAL A 68 -5.99 -8.97 -2.94
C VAL A 68 -6.33 -8.66 -4.38
N LEU A 69 -5.81 -9.50 -5.21
CA LEU A 69 -5.93 -9.36 -6.63
C LEU A 69 -7.16 -10.13 -7.11
N HIS A 70 -7.87 -9.65 -8.12
CA HIS A 70 -9.02 -10.40 -8.61
C HIS A 70 -8.55 -11.85 -8.72
N ALA A 71 -7.29 -11.99 -9.02
CA ALA A 71 -6.68 -13.29 -9.14
C ALA A 71 -6.47 -13.84 -7.73
N GLY A 72 -5.51 -14.70 -7.55
CA GLY A 72 -5.27 -15.30 -6.25
C GLY A 72 -3.97 -14.77 -5.68
N ASP A 73 -3.85 -13.49 -5.68
CA ASP A 73 -2.65 -12.88 -5.17
C ASP A 73 -3.04 -11.83 -4.16
N THR A 74 -2.45 -11.90 -3.01
CA THR A 74 -2.78 -10.94 -1.98
C THR A 74 -1.61 -10.00 -1.81
N THR A 75 -1.83 -8.86 -1.24
CA THR A 75 -0.76 -7.95 -1.01
C THR A 75 -0.70 -7.76 0.50
N ASN A 76 0.36 -8.17 1.12
CA ASN A 76 0.44 -8.00 2.54
C ASN A 76 1.58 -7.04 2.82
N PHE A 77 1.32 -5.96 3.48
CA PHE A 77 2.41 -5.06 3.72
C PHE A 77 2.45 -4.70 5.20
N HIS A 78 3.63 -4.54 5.71
CA HIS A 78 3.74 -4.27 7.13
C HIS A 78 4.94 -3.40 7.43
N PHE A 79 4.78 -2.54 8.36
CA PHE A 79 5.88 -1.72 8.79
C PHE A 79 6.08 -2.11 10.26
N SER A 80 7.28 -2.21 10.81
CA SER A 80 7.37 -2.64 12.21
C SER A 80 8.21 -1.74 13.10
N ASN A 81 9.45 -1.50 12.74
CA ASN A 81 10.35 -0.70 13.59
C ASN A 81 9.57 0.33 14.41
N GLU A 82 9.18 -0.03 15.61
CA GLU A 82 8.41 0.87 16.46
C GLU A 82 8.87 2.32 16.25
N SER A 83 10.14 2.55 16.18
CA SER A 83 10.62 3.91 15.99
C SER A 83 10.18 4.45 14.62
N THR A 84 10.19 3.62 13.61
CA THR A 84 9.80 4.08 12.30
C THR A 84 8.41 3.57 11.92
N ALA A 85 8.14 2.32 12.19
CA ALA A 85 6.87 1.73 11.80
C ALA A 85 5.79 1.85 12.88
N VAL A 86 5.19 2.99 12.96
CA VAL A 86 4.10 3.24 13.89
C VAL A 86 3.16 4.30 13.26
N LYS A 87 3.06 5.49 13.81
CA LYS A 87 2.17 6.52 13.25
C LYS A 87 2.47 6.76 11.75
N GLU A 88 3.63 7.25 11.44
CA GLU A 88 3.99 7.54 10.03
C GLU A 88 3.39 6.50 9.10
N ARG A 89 3.84 5.28 9.18
CA ARG A 89 3.25 4.27 8.33
C ARG A 89 1.77 4.24 8.67
N ASP A 90 1.45 4.56 9.89
CA ASP A 90 0.03 4.61 10.26
C ASP A 90 -0.64 5.69 9.40
N ALA A 91 0.16 6.54 8.81
CA ALA A 91 -0.37 7.54 7.91
C ALA A 91 -0.43 6.88 6.54
N VAL A 92 0.47 5.95 6.29
CA VAL A 92 0.41 5.24 5.04
C VAL A 92 -0.96 4.57 5.02
N LYS A 93 -1.15 3.58 5.87
CA LYS A 93 -2.44 2.94 5.94
C LYS A 93 -3.52 4.03 5.99
N ASP A 94 -3.24 5.13 6.68
CA ASP A 94 -4.21 6.21 6.75
C ASP A 94 -4.63 6.59 5.34
N LEU A 95 -3.74 6.44 4.39
CA LEU A 95 -4.07 6.77 3.01
C LEU A 95 -4.59 5.49 2.30
N LEU A 96 -3.91 4.38 2.53
CA LEU A 96 -4.31 3.11 1.91
C LEU A 96 -5.83 2.89 1.94
N GLN A 97 -6.41 2.70 3.10
CA GLN A 97 -7.85 2.48 3.18
C GLN A 97 -8.61 3.72 2.65
N GLN A 98 -7.92 4.73 2.24
CA GLN A 98 -8.58 5.91 1.73
C GLN A 98 -8.74 5.75 0.22
N LEU A 99 -7.74 5.22 -0.45
CA LEU A 99 -7.85 5.03 -1.89
C LEU A 99 -8.62 3.72 -2.16
N LEU A 100 -8.56 2.80 -1.24
CA LEU A 100 -9.23 1.53 -1.44
C LEU A 100 -10.71 1.80 -1.72
N PRO A 101 -11.23 2.78 -1.03
CA PRO A 101 -12.64 3.15 -1.24
C PRO A 101 -12.83 3.80 -2.62
N LYS A 102 -11.77 4.00 -3.34
CA LYS A 102 -11.87 4.63 -4.64
C LYS A 102 -12.17 3.57 -5.71
N PHE A 103 -11.73 2.37 -5.52
CA PHE A 103 -11.95 1.34 -6.52
C PHE A 103 -12.71 0.17 -5.91
N LYS A 104 -13.05 0.27 -4.64
CA LYS A 104 -13.77 -0.81 -4.01
C LYS A 104 -15.22 -0.82 -4.50
N ARG A 105 -16.03 -1.71 -4.01
CA ARG A 105 -17.42 -1.75 -4.43
C ARG A 105 -18.25 -0.83 -3.54
N LYS A 106 -18.19 0.45 -3.77
CA LYS A 106 -18.95 1.38 -2.96
C LYS A 106 -20.32 1.61 -3.59
N ALA A 107 -21.36 1.12 -2.97
CA ALA A 107 -22.70 1.31 -3.52
C ALA A 107 -23.41 2.43 -2.76
N ASN A 108 -22.76 3.55 -2.57
CA ASN A 108 -23.39 4.64 -1.85
C ASN A 108 -23.69 5.79 -2.83
N MET A 1 -3.00 15.74 -21.99
CA MET A 1 -1.99 15.48 -20.93
C MET A 1 -0.93 16.59 -20.96
N ALA A 2 -0.42 16.96 -19.82
CA ALA A 2 0.59 18.01 -19.77
C ALA A 2 1.66 17.63 -18.76
N THR A 3 2.45 18.58 -18.34
CA THR A 3 3.50 18.29 -17.38
C THR A 3 2.92 17.44 -16.25
N SER A 4 1.86 17.88 -15.64
CA SER A 4 1.26 17.13 -14.55
C SER A 4 1.11 15.66 -14.98
N SER A 5 1.52 14.74 -14.16
CA SER A 5 1.40 13.34 -14.50
C SER A 5 0.50 12.64 -13.49
N GLU A 6 0.81 11.41 -13.14
CA GLU A 6 -0.02 10.71 -12.18
C GLU A 6 0.03 11.45 -10.83
N GLU A 7 -0.91 11.17 -9.97
CA GLU A 7 -0.93 11.82 -8.68
C GLU A 7 -0.82 10.75 -7.59
N VAL A 8 0.27 10.70 -6.87
CA VAL A 8 0.41 9.66 -5.86
C VAL A 8 0.06 10.23 -4.49
N LEU A 9 -0.33 9.38 -3.60
CA LEU A 9 -0.76 9.84 -2.28
C LEU A 9 0.37 9.68 -1.23
N LEU A 10 1.00 8.55 -1.08
CA LEU A 10 2.04 8.49 -0.07
C LEU A 10 3.02 7.35 -0.34
N ILE A 11 4.25 7.53 0.02
CA ILE A 11 5.22 6.47 -0.22
C ILE A 11 6.18 6.33 0.95
N VAL A 12 6.64 5.15 1.12
CA VAL A 12 7.56 4.86 2.20
C VAL A 12 8.73 4.00 1.69
N LYS A 13 9.88 4.59 1.70
CA LYS A 13 11.11 3.96 1.28
C LYS A 13 11.39 2.72 2.12
N LYS A 14 10.76 2.64 3.23
CA LYS A 14 10.98 1.50 4.09
C LYS A 14 9.68 0.70 4.29
N VAL A 15 9.70 -0.56 3.93
CA VAL A 15 8.56 -1.40 4.23
C VAL A 15 9.05 -2.82 4.40
N ARG A 16 8.36 -3.57 5.18
CA ARG A 16 8.76 -4.92 5.42
C ARG A 16 7.64 -5.84 5.05
N GLN A 17 7.95 -6.84 4.31
CA GLN A 17 6.95 -7.81 3.96
C GLN A 17 7.63 -9.15 4.10
N LYS A 18 7.02 -10.09 4.78
CA LYS A 18 7.67 -11.36 5.06
C LYS A 18 8.54 -11.81 3.88
N LYS A 19 8.27 -11.36 2.70
CA LYS A 19 9.10 -11.75 1.59
C LYS A 19 10.45 -10.99 1.64
N GLN A 20 10.38 -9.69 1.65
CA GLN A 20 11.56 -8.87 1.56
C GLN A 20 11.30 -7.53 2.25
N ASP A 21 12.31 -6.76 2.48
CA ASP A 21 12.08 -5.47 3.06
C ASP A 21 12.28 -4.55 1.86
N GLY A 22 11.32 -3.71 1.63
CA GLY A 22 11.37 -2.87 0.48
C GLY A 22 10.43 -1.69 0.64
N ALA A 23 10.57 -0.69 -0.18
CA ALA A 23 9.78 0.50 -0.03
C ALA A 23 8.41 0.35 -0.72
N LEU A 24 7.43 0.80 -0.01
CA LEU A 24 6.05 0.67 -0.46
C LEU A 24 5.53 2.04 -0.90
N TYR A 25 4.93 2.06 -2.07
CA TYR A 25 4.40 3.29 -2.66
C TYR A 25 2.88 3.20 -2.69
N LEU A 26 2.17 4.20 -2.26
CA LEU A 26 0.74 4.13 -2.34
C LEU A 26 0.32 5.14 -3.41
N MET A 27 -0.46 4.71 -4.36
CA MET A 27 -0.88 5.62 -5.41
C MET A 27 -2.39 5.76 -5.37
N ALA A 28 -2.91 6.87 -5.82
CA ALA A 28 -4.34 7.10 -5.81
C ALA A 28 -5.09 5.81 -6.11
N GLU A 29 -4.84 5.15 -7.22
CA GLU A 29 -5.61 3.96 -7.54
C GLU A 29 -4.79 2.67 -7.34
N ARG A 30 -3.59 2.71 -6.82
CA ARG A 30 -2.90 1.43 -6.68
C ARG A 30 -1.78 1.46 -5.64
N ILE A 31 -1.34 0.29 -5.28
CA ILE A 31 -0.26 0.17 -4.31
C ILE A 31 0.99 -0.30 -5.06
N ALA A 32 2.12 0.27 -4.78
CA ALA A 32 3.32 -0.13 -5.49
C ALA A 32 4.42 -0.55 -4.52
N TRP A 33 5.26 -1.44 -4.96
CA TRP A 33 6.34 -1.89 -4.11
C TRP A 33 7.67 -1.68 -4.80
N ALA A 34 8.68 -1.33 -4.06
CA ALA A 34 9.98 -1.13 -4.66
C ALA A 34 11.09 -1.44 -3.66
N PRO A 35 12.29 -1.59 -4.17
CA PRO A 35 13.42 -1.86 -3.26
C PRO A 35 14.30 -0.60 -3.19
N GLU A 36 15.51 -0.72 -2.72
CA GLU A 36 16.37 0.45 -2.65
C GLU A 36 17.39 0.40 -3.79
N GLY A 37 17.01 0.85 -4.96
CA GLY A 37 17.94 0.82 -6.08
C GLY A 37 17.48 1.81 -7.15
N LYS A 38 16.29 1.65 -7.67
CA LYS A 38 15.82 2.55 -8.70
C LYS A 38 14.95 3.65 -8.08
N ASP A 39 14.33 4.46 -8.91
CA ASP A 39 13.50 5.52 -8.38
C ASP A 39 12.04 5.29 -8.81
N ARG A 40 11.55 4.09 -8.62
CA ARG A 40 10.19 3.79 -9.00
C ARG A 40 9.70 2.58 -8.19
N PHE A 41 8.98 1.68 -8.79
CA PHE A 41 8.52 0.55 -8.02
C PHE A 41 8.90 -0.78 -8.67
N THR A 42 8.55 -1.81 -7.97
CA THR A 42 8.76 -3.17 -8.38
C THR A 42 7.39 -3.87 -8.33
N ILE A 43 6.35 -3.13 -8.00
CA ILE A 43 5.02 -3.72 -7.93
C ILE A 43 3.97 -2.63 -8.16
N SER A 44 2.82 -3.01 -8.63
CA SER A 44 1.78 -2.03 -8.80
C SER A 44 0.43 -2.73 -8.95
N HIS A 45 -0.37 -2.74 -7.91
CA HIS A 45 -1.67 -3.37 -8.01
C HIS A 45 -2.76 -2.31 -7.97
N MET A 46 -3.49 -2.15 -9.03
CA MET A 46 -4.54 -1.17 -9.05
C MET A 46 -5.61 -1.54 -8.02
N TYR A 47 -5.77 -0.73 -7.02
CA TYR A 47 -6.74 -1.01 -5.98
C TYR A 47 -8.03 -1.59 -6.60
N ALA A 48 -8.52 -1.05 -7.70
CA ALA A 48 -9.71 -1.64 -8.32
C ALA A 48 -9.32 -3.02 -8.86
N ASP A 49 -8.17 -3.09 -9.46
CA ASP A 49 -7.62 -4.34 -9.98
C ASP A 49 -7.41 -5.33 -8.82
N ILE A 50 -7.62 -4.89 -7.61
CA ILE A 50 -7.44 -5.75 -6.47
C ILE A 50 -8.67 -5.63 -5.57
N LYS A 51 -9.17 -6.69 -4.97
CA LYS A 51 -10.28 -6.46 -4.06
C LYS A 51 -10.25 -7.45 -2.92
N CYS A 52 -9.81 -6.96 -1.83
CA CYS A 52 -9.77 -7.71 -0.60
C CYS A 52 -9.03 -6.85 0.38
N GLN A 53 -9.60 -6.50 1.47
CA GLN A 53 -8.87 -5.64 2.35
C GLN A 53 -9.12 -5.96 3.81
N LYS A 54 -8.04 -6.27 4.46
CA LYS A 54 -8.08 -6.60 5.86
C LYS A 54 -7.02 -5.72 6.52
N ILE A 55 -7.43 -4.79 7.35
CA ILE A 55 -6.45 -3.94 7.96
C ILE A 55 -6.45 -4.17 9.47
N SER A 56 -5.49 -4.91 9.96
CA SER A 56 -5.42 -5.14 11.39
C SER A 56 -4.09 -4.63 11.97
N PRO A 57 -3.96 -3.34 12.22
CA PRO A 57 -2.68 -2.94 12.88
C PRO A 57 -2.94 -1.85 13.92
N GLU A 58 -4.15 -1.72 14.39
CA GLU A 58 -4.44 -0.71 15.38
C GLU A 58 -3.97 -1.20 16.74
N GLY A 59 -3.98 -2.49 16.94
CA GLY A 59 -3.50 -3.08 18.17
C GLY A 59 -2.81 -4.39 17.78
N LYS A 60 -2.01 -4.37 16.75
CA LYS A 60 -1.39 -5.60 16.31
C LYS A 60 0.14 -5.58 16.43
N ALA A 61 0.77 -6.56 15.85
CA ALA A 61 2.22 -6.67 15.88
C ALA A 61 2.84 -5.27 15.79
N LYS A 62 2.81 -4.66 14.63
CA LYS A 62 3.33 -3.31 14.53
C LYS A 62 3.04 -2.73 13.16
N ILE A 63 1.81 -2.72 12.67
CA ILE A 63 1.46 -2.16 11.35
C ILE A 63 1.72 -3.13 10.19
N GLN A 64 0.75 -4.00 9.99
CA GLN A 64 0.81 -4.97 8.89
C GLN A 64 -0.55 -4.93 8.17
N LEU A 65 -0.58 -5.03 6.86
CA LEU A 65 -1.87 -4.98 6.18
C LEU A 65 -2.00 -6.14 5.17
N GLN A 66 -3.21 -6.38 4.69
CA GLN A 66 -3.42 -7.48 3.73
C GLN A 66 -4.44 -7.06 2.65
N LEU A 67 -4.12 -7.36 1.42
CA LEU A 67 -4.99 -6.99 0.31
C LEU A 67 -4.99 -8.12 -0.71
N VAL A 68 -6.13 -8.46 -1.27
CA VAL A 68 -6.15 -9.54 -2.23
C VAL A 68 -6.65 -9.04 -3.58
N LEU A 69 -6.31 -9.77 -4.57
CA LEU A 69 -6.65 -9.42 -5.91
C LEU A 69 -7.98 -10.08 -6.28
N HIS A 70 -8.82 -9.43 -7.06
CA HIS A 70 -10.07 -10.07 -7.45
C HIS A 70 -9.70 -11.50 -7.86
N ALA A 71 -8.52 -11.62 -8.40
CA ALA A 71 -8.02 -12.92 -8.78
C ALA A 71 -7.69 -13.68 -7.49
N GLY A 72 -6.72 -14.54 -7.53
CA GLY A 72 -6.40 -15.32 -6.34
C GLY A 72 -5.00 -14.95 -5.85
N ASP A 73 -4.76 -13.70 -5.69
CA ASP A 73 -3.45 -13.28 -5.24
C ASP A 73 -3.59 -12.34 -4.06
N THR A 74 -2.79 -12.54 -3.06
CA THR A 74 -2.87 -11.70 -1.90
C THR A 74 -1.65 -10.79 -1.86
N THR A 75 -1.78 -9.67 -1.23
CA THR A 75 -0.67 -8.77 -1.11
C THR A 75 -0.48 -8.53 0.38
N ASN A 76 0.59 -8.98 0.95
CA ASN A 76 0.78 -8.78 2.37
C ASN A 76 1.89 -7.77 2.57
N PHE A 77 1.71 -6.85 3.45
CA PHE A 77 2.75 -5.88 3.66
C PHE A 77 2.90 -5.54 5.14
N HIS A 78 4.09 -5.19 5.52
CA HIS A 78 4.35 -4.88 6.91
C HIS A 78 5.34 -3.74 7.02
N PHE A 79 5.24 -3.02 8.08
CA PHE A 79 6.09 -1.88 8.25
C PHE A 79 7.13 -2.13 9.34
N SER A 80 8.27 -1.53 9.20
CA SER A 80 9.29 -1.69 10.22
C SER A 80 10.54 -0.87 9.94
N ASN A 81 10.77 0.14 10.72
CA ASN A 81 11.97 0.93 10.54
C ASN A 81 12.56 1.25 11.92
N GLU A 82 13.77 1.71 11.97
CA GLU A 82 14.37 2.02 13.25
C GLU A 82 13.39 2.84 14.09
N SER A 83 12.53 3.60 13.47
CA SER A 83 11.61 4.40 14.25
C SER A 83 10.28 4.66 13.53
N THR A 84 9.91 3.89 12.53
CA THR A 84 8.65 4.16 11.88
C THR A 84 7.75 2.91 12.04
N ALA A 85 7.94 2.19 13.12
CA ALA A 85 7.10 1.05 13.38
C ALA A 85 5.92 1.46 14.27
N VAL A 86 5.27 2.53 13.94
CA VAL A 86 4.15 2.98 14.77
C VAL A 86 3.12 3.79 13.96
N LYS A 87 2.59 4.83 14.56
CA LYS A 87 1.60 5.68 13.89
C LYS A 87 2.14 6.14 12.54
N GLU A 88 3.42 6.02 12.33
CA GLU A 88 3.99 6.44 11.06
C GLU A 88 3.30 5.68 9.93
N ARG A 89 3.61 4.44 9.80
CA ARG A 89 2.99 3.65 8.78
C ARG A 89 1.55 3.47 9.18
N ASP A 90 1.30 3.37 10.47
CA ASP A 90 -0.08 3.22 10.92
C ASP A 90 -0.93 4.19 10.10
N ALA A 91 -0.50 5.43 10.00
CA ALA A 91 -1.22 6.37 9.17
C ALA A 91 -1.25 5.77 7.76
N VAL A 92 -0.09 5.44 7.21
CA VAL A 92 -0.07 4.85 5.87
C VAL A 92 -1.23 3.85 5.78
N LYS A 93 -1.28 2.93 6.70
CA LYS A 93 -2.36 1.97 6.73
C LYS A 93 -3.68 2.75 6.62
N ASP A 94 -3.85 3.76 7.46
CA ASP A 94 -5.04 4.59 7.41
C ASP A 94 -5.39 4.82 5.95
N LEU A 95 -4.50 5.47 5.25
CA LEU A 95 -4.73 5.73 3.84
C LEU A 95 -5.33 4.48 3.20
N LEU A 96 -4.65 3.35 3.31
CA LEU A 96 -5.17 2.12 2.72
C LEU A 96 -6.69 2.04 2.88
N GLN A 97 -7.16 1.89 4.09
CA GLN A 97 -8.62 1.81 4.28
C GLN A 97 -9.26 3.16 3.98
N GLN A 98 -8.47 4.12 3.65
CA GLN A 98 -9.00 5.43 3.31
C GLN A 98 -9.30 5.48 1.81
N LEU A 99 -8.48 4.83 1.00
CA LEU A 99 -8.74 4.81 -0.44
C LEU A 99 -9.66 3.65 -0.75
N LEU A 100 -9.65 2.65 0.07
CA LEU A 100 -10.46 1.47 -0.19
C LEU A 100 -11.85 1.91 -0.67
N PRO A 101 -12.29 3.00 -0.10
CA PRO A 101 -13.61 3.55 -0.48
C PRO A 101 -13.56 4.26 -1.84
N LYS A 102 -12.45 4.21 -2.51
CA LYS A 102 -12.32 4.91 -3.79
C LYS A 102 -12.53 3.98 -4.97
N PHE A 103 -11.97 2.79 -4.95
CA PHE A 103 -12.07 1.92 -6.13
C PHE A 103 -13.51 1.46 -6.30
N LYS A 104 -14.34 1.75 -5.36
CA LYS A 104 -15.74 1.41 -5.53
C LYS A 104 -16.32 2.54 -6.38
N ARG A 105 -17.60 2.63 -6.58
CA ARG A 105 -18.09 3.73 -7.38
C ARG A 105 -18.63 4.82 -6.45
N LYS A 106 -19.42 5.73 -6.96
CA LYS A 106 -19.96 6.78 -6.10
C LYS A 106 -21.45 6.94 -6.39
N ALA A 107 -22.07 5.93 -6.94
CA ALA A 107 -23.49 6.03 -7.23
C ALA A 107 -24.28 5.26 -6.18
N ASN A 108 -23.83 4.09 -5.81
CA ASN A 108 -24.53 3.32 -4.81
C ASN A 108 -23.53 2.78 -3.78
N MET A 1 -0.69 20.35 -14.87
CA MET A 1 -1.48 20.94 -15.99
C MET A 1 -0.87 20.51 -17.33
N ALA A 2 0.34 20.94 -17.59
CA ALA A 2 0.99 20.57 -18.84
C ALA A 2 1.29 19.07 -18.82
N THR A 3 2.26 18.66 -18.05
CA THR A 3 2.61 17.25 -17.99
C THR A 3 1.81 16.58 -16.89
N SER A 4 0.66 17.11 -16.57
CA SER A 4 -0.15 16.52 -15.53
C SER A 4 -0.21 15.00 -15.72
N SER A 5 0.61 14.28 -15.03
CA SER A 5 0.60 12.83 -15.18
C SER A 5 -0.25 12.22 -14.07
N GLU A 6 0.12 11.05 -13.61
CA GLU A 6 -0.65 10.41 -12.55
C GLU A 6 -0.52 11.23 -11.26
N GLU A 7 -1.39 11.00 -10.33
CA GLU A 7 -1.33 11.70 -9.07
C GLU A 7 -1.17 10.70 -7.94
N VAL A 8 -0.04 10.66 -7.27
CA VAL A 8 0.14 9.67 -6.24
C VAL A 8 -0.13 10.30 -4.88
N LEU A 9 -0.51 9.52 -3.91
CA LEU A 9 -0.86 10.08 -2.63
C LEU A 9 0.29 9.99 -1.60
N LEU A 10 1.16 9.01 -1.62
CA LEU A 10 2.21 9.02 -0.61
C LEU A 10 3.18 7.86 -0.81
N ILE A 11 4.41 8.05 -0.41
CA ILE A 11 5.39 6.99 -0.56
C ILE A 11 6.14 6.81 0.76
N VAL A 12 6.35 5.59 1.16
CA VAL A 12 7.08 5.35 2.38
C VAL A 12 8.21 4.39 2.05
N LYS A 13 9.43 4.76 2.34
CA LYS A 13 10.51 3.86 2.01
C LYS A 13 10.40 2.60 2.87
N LYS A 14 10.86 2.65 4.05
CA LYS A 14 10.84 1.45 4.86
C LYS A 14 9.47 0.76 4.83
N VAL A 15 9.45 -0.44 4.32
CA VAL A 15 8.24 -1.22 4.39
C VAL A 15 8.62 -2.68 4.55
N ARG A 16 7.83 -3.40 5.28
CA ARG A 16 8.08 -4.78 5.55
C ARG A 16 6.89 -5.58 5.07
N GLN A 17 7.15 -6.66 4.42
CA GLN A 17 6.07 -7.48 3.97
C GLN A 17 6.56 -8.92 4.11
N LYS A 18 5.75 -9.77 4.66
CA LYS A 18 6.19 -11.13 4.96
C LYS A 18 7.14 -11.64 3.86
N LYS A 19 7.05 -11.12 2.68
CA LYS A 19 7.98 -11.54 1.66
C LYS A 19 9.36 -10.88 1.91
N GLN A 20 9.38 -9.58 1.92
CA GLN A 20 10.61 -8.83 2.02
C GLN A 20 10.37 -7.48 2.69
N ASP A 21 11.42 -6.81 3.03
CA ASP A 21 11.24 -5.49 3.57
C ASP A 21 11.70 -4.69 2.37
N GLY A 22 10.95 -3.70 2.02
CA GLY A 22 11.24 -2.97 0.82
C GLY A 22 10.52 -1.63 0.84
N ALA A 23 10.88 -0.73 -0.02
CA ALA A 23 10.24 0.56 0.03
C ALA A 23 8.93 0.54 -0.76
N LEU A 24 7.93 1.08 -0.14
CA LEU A 24 6.59 1.05 -0.70
C LEU A 24 6.17 2.44 -1.19
N TYR A 25 5.63 2.48 -2.37
CA TYR A 25 5.16 3.73 -2.96
C TYR A 25 3.65 3.65 -3.04
N LEU A 26 2.92 4.69 -2.75
CA LEU A 26 1.47 4.59 -2.84
C LEU A 26 0.99 5.59 -3.89
N MET A 27 0.08 5.18 -4.74
CA MET A 27 -0.45 6.07 -5.74
C MET A 27 -1.96 5.91 -5.74
N ALA A 28 -2.70 7.00 -5.87
CA ALA A 28 -4.14 6.92 -5.86
C ALA A 28 -4.62 5.66 -6.58
N GLU A 29 -4.23 5.50 -7.81
CA GLU A 29 -4.74 4.36 -8.55
C GLU A 29 -3.93 3.09 -8.32
N ARG A 30 -2.75 3.15 -7.76
CA ARG A 30 -2.05 1.89 -7.56
C ARG A 30 -0.97 1.99 -6.47
N ILE A 31 -0.55 0.85 -6.00
CA ILE A 31 0.48 0.83 -4.98
C ILE A 31 1.75 0.20 -5.58
N ALA A 32 2.88 0.84 -5.44
CA ALA A 32 4.11 0.31 -6.01
C ALA A 32 5.05 -0.17 -4.92
N TRP A 33 5.97 -1.02 -5.30
CA TRP A 33 6.92 -1.53 -4.33
C TRP A 33 8.32 -1.60 -4.94
N ALA A 34 9.30 -1.36 -4.13
CA ALA A 34 10.66 -1.41 -4.61
C ALA A 34 11.61 -1.80 -3.46
N PRO A 35 12.27 -2.91 -3.63
CA PRO A 35 13.23 -3.34 -2.59
C PRO A 35 14.65 -3.08 -3.07
N GLU A 36 15.62 -3.75 -2.51
CA GLU A 36 16.99 -3.53 -2.93
C GLU A 36 17.31 -4.43 -4.13
N GLY A 37 16.35 -4.68 -4.98
CA GLY A 37 16.60 -5.51 -6.14
C GLY A 37 17.66 -4.85 -7.03
N LYS A 38 17.31 -4.52 -8.24
CA LYS A 38 18.27 -3.88 -9.12
C LYS A 38 17.57 -3.12 -10.21
N ASP A 39 16.78 -2.16 -9.84
CA ASP A 39 16.08 -1.33 -10.78
C ASP A 39 15.68 -0.10 -9.97
N ARG A 40 14.46 0.32 -10.03
CA ARG A 40 14.04 1.44 -9.20
C ARG A 40 12.81 0.99 -8.42
N PHE A 41 11.89 0.42 -9.14
CA PHE A 41 10.67 -0.08 -8.55
C PHE A 41 10.63 -1.60 -8.66
N THR A 42 9.55 -2.20 -8.28
CA THR A 42 9.44 -3.64 -8.38
C THR A 42 8.02 -3.99 -8.82
N ILE A 43 7.03 -3.31 -8.31
CA ILE A 43 5.68 -3.61 -8.71
C ILE A 43 4.77 -2.39 -8.60
N SER A 44 3.56 -2.53 -9.07
CA SER A 44 2.59 -1.47 -9.02
C SER A 44 1.22 -2.07 -9.34
N HIS A 45 0.35 -2.15 -8.38
CA HIS A 45 -0.95 -2.76 -8.64
C HIS A 45 -2.04 -1.68 -8.61
N MET A 46 -2.84 -1.65 -9.64
CA MET A 46 -3.92 -0.68 -9.68
C MET A 46 -5.01 -1.11 -8.70
N TYR A 47 -5.16 -0.40 -7.62
CA TYR A 47 -6.15 -0.76 -6.60
C TYR A 47 -7.39 -1.45 -7.20
N ALA A 48 -7.83 -1.07 -8.38
CA ALA A 48 -8.98 -1.74 -8.97
C ALA A 48 -8.59 -3.19 -9.28
N ASP A 49 -7.44 -3.36 -9.85
CA ASP A 49 -6.94 -4.69 -10.15
C ASP A 49 -6.66 -5.44 -8.83
N ILE A 50 -6.79 -4.75 -7.72
CA ILE A 50 -6.57 -5.38 -6.43
C ILE A 50 -7.85 -5.19 -5.61
N LYS A 51 -8.68 -6.18 -5.39
CA LYS A 51 -9.85 -5.88 -4.61
C LYS A 51 -10.10 -6.85 -3.46
N CYS A 52 -9.77 -6.40 -2.32
CA CYS A 52 -9.98 -7.11 -1.10
C CYS A 52 -9.28 -6.32 -0.02
N GLN A 53 -9.82 -6.19 1.14
CA GLN A 53 -9.12 -5.36 2.10
C GLN A 53 -9.22 -5.92 3.50
N LYS A 54 -8.07 -6.19 4.03
CA LYS A 54 -7.94 -6.77 5.35
C LYS A 54 -7.14 -5.79 6.21
N ILE A 55 -7.73 -5.21 7.21
CA ILE A 55 -6.97 -4.29 8.03
C ILE A 55 -7.09 -4.70 9.50
N SER A 56 -6.09 -5.34 10.02
CA SER A 56 -6.13 -5.74 11.40
C SER A 56 -4.99 -5.11 12.22
N PRO A 57 -4.25 -4.18 11.64
CA PRO A 57 -3.17 -3.64 12.50
C PRO A 57 -3.72 -2.90 13.72
N GLU A 58 -5.01 -2.74 13.81
CA GLU A 58 -5.56 -2.07 14.95
C GLU A 58 -5.25 -2.92 16.19
N GLY A 59 -4.87 -4.15 15.99
CA GLY A 59 -4.56 -5.02 17.12
C GLY A 59 -3.34 -5.89 16.79
N LYS A 60 -2.53 -5.49 15.85
CA LYS A 60 -1.36 -6.27 15.50
C LYS A 60 -0.20 -5.83 16.41
N ALA A 61 0.89 -5.38 15.84
CA ALA A 61 2.01 -4.92 16.64
C ALA A 61 2.37 -3.52 16.14
N LYS A 62 1.96 -3.21 14.94
CA LYS A 62 2.21 -1.91 14.38
C LYS A 62 1.21 -1.65 13.26
N ILE A 63 1.57 -1.96 12.07
CA ILE A 63 0.68 -1.67 10.96
C ILE A 63 0.82 -2.63 9.74
N GLN A 64 0.18 -3.75 9.79
CA GLN A 64 0.25 -4.66 8.66
C GLN A 64 -1.12 -4.65 7.95
N LEU A 65 -1.14 -4.36 6.68
CA LEU A 65 -2.40 -4.31 5.98
C LEU A 65 -2.49 -5.45 4.94
N GLN A 66 -3.67 -5.71 4.43
CA GLN A 66 -3.81 -6.78 3.45
C GLN A 66 -4.85 -6.41 2.37
N LEU A 67 -4.50 -6.66 1.14
CA LEU A 67 -5.36 -6.35 0.03
C LEU A 67 -5.32 -7.53 -0.94
N VAL A 68 -6.44 -7.98 -1.43
CA VAL A 68 -6.36 -9.12 -2.34
C VAL A 68 -6.69 -8.70 -3.75
N LEU A 69 -6.22 -9.48 -4.65
CA LEU A 69 -6.41 -9.22 -6.05
C LEU A 69 -7.76 -9.79 -6.47
N HIS A 70 -8.43 -9.18 -7.42
CA HIS A 70 -9.71 -9.74 -7.87
C HIS A 70 -9.43 -11.23 -8.08
N ALA A 71 -8.27 -11.49 -8.61
CA ALA A 71 -7.83 -12.84 -8.85
C ALA A 71 -7.61 -13.52 -7.49
N GLY A 72 -6.74 -14.50 -7.44
CA GLY A 72 -6.50 -15.21 -6.20
C GLY A 72 -5.13 -14.84 -5.67
N ASP A 73 -4.91 -13.58 -5.57
CA ASP A 73 -3.62 -13.11 -5.12
C ASP A 73 -3.80 -12.13 -4.00
N THR A 74 -2.93 -12.18 -3.04
CA THR A 74 -3.05 -11.28 -1.92
C THR A 74 -1.95 -10.24 -2.00
N THR A 75 -2.14 -9.13 -1.35
CA THR A 75 -1.15 -8.10 -1.34
C THR A 75 -1.00 -7.70 0.12
N ASN A 76 0.04 -8.11 0.78
CA ASN A 76 0.19 -7.75 2.17
C ASN A 76 1.32 -6.75 2.31
N PHE A 77 1.20 -5.83 3.23
CA PHE A 77 2.26 -4.88 3.40
C PHE A 77 2.32 -4.40 4.86
N HIS A 78 3.52 -4.20 5.31
CA HIS A 78 3.70 -3.84 6.71
C HIS A 78 4.87 -2.87 6.89
N PHE A 79 4.97 -2.28 8.05
CA PHE A 79 6.04 -1.34 8.32
C PHE A 79 6.42 -1.42 9.81
N SER A 80 7.68 -1.28 10.20
CA SER A 80 8.01 -1.25 11.61
C SER A 80 9.52 -1.01 11.73
N ASN A 81 9.95 -0.23 12.68
CA ASN A 81 11.38 0.00 12.82
C ASN A 81 11.69 0.28 14.29
N GLU A 82 12.24 1.43 14.60
CA GLU A 82 12.54 1.74 15.98
C GLU A 82 11.54 2.79 16.46
N SER A 83 11.26 3.78 15.64
CA SER A 83 10.33 4.79 16.05
C SER A 83 9.58 5.38 14.85
N THR A 84 9.56 4.73 13.71
CA THR A 84 8.83 5.28 12.59
C THR A 84 7.75 4.29 12.20
N ALA A 85 7.36 3.44 13.10
CA ALA A 85 6.39 2.42 12.77
C ALA A 85 4.91 2.79 13.01
N VAL A 86 4.50 4.03 13.16
CA VAL A 86 3.07 4.24 13.41
C VAL A 86 2.47 5.31 12.45
N LYS A 87 2.88 6.54 12.55
CA LYS A 87 2.33 7.61 11.70
C LYS A 87 2.54 7.37 10.18
N GLU A 88 3.78 7.35 9.75
CA GLU A 88 4.10 7.23 8.32
C GLU A 88 3.09 6.32 7.60
N ARG A 89 3.18 5.05 7.81
CA ARG A 89 2.25 4.19 7.13
C ARG A 89 0.87 4.43 7.72
N ASP A 90 0.78 4.97 8.92
CA ASP A 90 -0.56 5.22 9.48
C ASP A 90 -1.36 5.84 8.35
N ALA A 91 -0.86 6.93 7.82
CA ALA A 91 -1.53 7.54 6.70
C ALA A 91 -1.60 6.49 5.58
N VAL A 92 -0.46 5.93 5.20
CA VAL A 92 -0.46 4.91 4.14
C VAL A 92 -1.68 4.01 4.27
N LYS A 93 -1.77 3.28 5.35
CA LYS A 93 -2.91 2.42 5.53
C LYS A 93 -4.15 3.32 5.51
N ASP A 94 -4.09 4.41 6.26
CA ASP A 94 -5.18 5.36 6.28
C ASP A 94 -5.63 5.65 4.85
N LEU A 95 -4.80 5.39 3.87
CA LEU A 95 -5.24 5.61 2.51
C LEU A 95 -5.89 4.31 2.07
N LEU A 96 -5.26 3.19 2.37
CA LEU A 96 -5.82 1.90 1.99
C LEU A 96 -7.34 1.94 2.14
N GLN A 97 -7.81 2.09 3.36
CA GLN A 97 -9.26 2.11 3.58
C GLN A 97 -9.88 3.40 3.03
N GLN A 98 -9.09 4.26 2.49
CA GLN A 98 -9.60 5.49 1.94
C GLN A 98 -9.69 5.36 0.41
N LEU A 99 -8.87 4.55 -0.19
CA LEU A 99 -8.93 4.38 -1.64
C LEU A 99 -9.94 3.30 -1.98
N LEU A 100 -10.09 2.32 -1.13
CA LEU A 100 -11.01 1.22 -1.39
C LEU A 100 -12.29 1.79 -2.00
N PRO A 101 -12.68 2.91 -1.45
CA PRO A 101 -13.88 3.61 -1.96
C PRO A 101 -13.68 4.10 -3.40
N LYS A 102 -12.50 4.56 -3.70
CA LYS A 102 -12.19 5.07 -5.03
C LYS A 102 -12.61 4.07 -6.13
N PHE A 103 -12.19 2.86 -6.00
CA PHE A 103 -12.48 1.85 -7.01
C PHE A 103 -13.48 0.83 -6.46
N LYS A 104 -13.89 1.00 -5.24
CA LYS A 104 -14.85 0.07 -4.66
C LYS A 104 -15.62 0.75 -3.53
N ARG A 105 -16.85 1.10 -3.77
CA ARG A 105 -17.63 1.75 -2.73
C ARG A 105 -18.79 0.83 -2.34
N LYS A 106 -19.11 0.79 -1.07
CA LYS A 106 -20.20 -0.06 -0.63
C LYS A 106 -21.53 0.55 -1.09
N ALA A 107 -22.62 0.07 -0.55
CA ALA A 107 -23.91 0.60 -0.95
C ALA A 107 -24.50 1.43 0.20
N ASN A 108 -25.46 2.26 -0.09
CA ASN A 108 -26.04 3.08 0.95
C ASN A 108 -27.47 3.45 0.57
N MET A 1 -5.84 21.90 -15.45
CA MET A 1 -4.57 21.38 -16.02
C MET A 1 -4.36 19.93 -15.56
N ALA A 2 -3.76 19.11 -16.38
CA ALA A 2 -3.53 17.74 -15.99
C ALA A 2 -2.08 17.36 -16.27
N THR A 3 -1.46 16.65 -15.37
CA THR A 3 -0.07 16.27 -15.59
C THR A 3 -0.03 15.05 -16.51
N SER A 4 0.97 14.98 -17.35
CA SER A 4 1.07 13.85 -18.27
C SER A 4 1.62 12.63 -17.50
N SER A 5 2.27 12.85 -16.40
CA SER A 5 2.80 11.73 -15.65
C SER A 5 1.80 11.31 -14.56
N GLU A 6 1.96 10.13 -14.05
CA GLU A 6 1.05 9.66 -13.02
C GLU A 6 1.15 10.55 -11.78
N GLU A 7 0.17 10.46 -10.93
CA GLU A 7 0.18 11.24 -9.71
C GLU A 7 0.17 10.28 -8.52
N VAL A 8 1.22 10.24 -7.74
CA VAL A 8 1.25 9.30 -6.64
C VAL A 8 0.87 10.00 -5.33
N LEU A 9 0.37 9.24 -4.40
CA LEU A 9 -0.08 9.82 -3.14
C LEU A 9 0.98 9.67 -2.03
N LEU A 10 1.56 8.52 -1.81
CA LEU A 10 2.55 8.45 -0.74
C LEU A 10 3.47 7.26 -0.96
N ILE A 11 4.73 7.41 -0.65
CA ILE A 11 5.68 6.33 -0.85
C ILE A 11 6.44 6.05 0.44
N VAL A 12 6.60 4.80 0.77
CA VAL A 12 7.34 4.44 1.95
C VAL A 12 8.55 3.59 1.53
N LYS A 13 9.68 4.23 1.46
CA LYS A 13 10.92 3.56 1.08
C LYS A 13 11.21 2.37 1.98
N LYS A 14 10.60 2.35 3.10
CA LYS A 14 10.81 1.24 4.01
C LYS A 14 9.51 0.46 4.20
N VAL A 15 9.52 -0.81 3.88
CA VAL A 15 8.36 -1.60 4.17
C VAL A 15 8.78 -3.05 4.41
N ARG A 16 8.06 -3.70 5.25
CA ARG A 16 8.36 -5.06 5.57
C ARG A 16 7.15 -5.90 5.28
N GLN A 17 7.35 -7.00 4.65
CA GLN A 17 6.25 -7.85 4.36
C GLN A 17 6.74 -9.28 4.54
N LYS A 18 5.96 -10.10 5.20
CA LYS A 18 6.41 -11.45 5.53
C LYS A 18 7.26 -12.05 4.41
N LYS A 19 7.12 -11.58 3.20
CA LYS A 19 7.95 -12.12 2.15
C LYS A 19 9.35 -11.47 2.18
N GLN A 20 9.39 -10.18 2.10
CA GLN A 20 10.64 -9.44 2.01
C GLN A 20 10.47 -8.06 2.62
N ASP A 21 11.55 -7.36 2.82
CA ASP A 21 11.43 -6.01 3.32
C ASP A 21 11.74 -5.21 2.07
N GLY A 22 10.91 -4.27 1.75
CA GLY A 22 11.10 -3.53 0.54
C GLY A 22 10.32 -2.23 0.58
N ALA A 23 10.60 -1.32 -0.31
CA ALA A 23 9.93 -0.05 -0.27
C ALA A 23 8.58 -0.10 -0.99
N LEU A 24 7.62 0.47 -0.33
CA LEU A 24 6.25 0.44 -0.81
C LEU A 24 5.85 1.81 -1.33
N TYR A 25 5.23 1.85 -2.47
CA TYR A 25 4.81 3.11 -3.07
C TYR A 25 3.29 3.11 -3.17
N LEU A 26 2.63 4.18 -2.81
CA LEU A 26 1.19 4.19 -2.95
C LEU A 26 0.86 5.14 -4.09
N MET A 27 0.05 4.71 -5.02
CA MET A 27 -0.33 5.56 -6.12
C MET A 27 -1.83 5.83 -6.04
N ALA A 28 -2.27 6.92 -6.57
CA ALA A 28 -3.68 7.25 -6.53
C ALA A 28 -4.54 6.00 -6.70
N GLU A 29 -4.38 5.24 -7.76
CA GLU A 29 -5.23 4.09 -7.96
C GLU A 29 -4.52 2.76 -7.67
N ARG A 30 -3.33 2.74 -7.15
CA ARG A 30 -2.73 1.43 -6.92
C ARG A 30 -1.60 1.45 -5.89
N ILE A 31 -1.23 0.28 -5.43
CA ILE A 31 -0.17 0.14 -4.46
C ILE A 31 1.04 -0.50 -5.14
N ALA A 32 2.18 0.15 -5.11
CA ALA A 32 3.35 -0.40 -5.78
C ALA A 32 4.40 -0.85 -4.77
N TRP A 33 5.27 -1.72 -5.20
CA TRP A 33 6.32 -2.21 -4.34
C TRP A 33 7.64 -2.20 -5.09
N ALA A 34 8.70 -1.83 -4.45
CA ALA A 34 9.99 -1.83 -5.11
C ALA A 34 11.14 -2.03 -4.11
N PRO A 35 12.27 -2.45 -4.64
CA PRO A 35 13.44 -2.64 -3.76
C PRO A 35 14.46 -1.52 -4.04
N GLU A 36 15.72 -1.75 -3.78
CA GLU A 36 16.71 -0.71 -4.02
C GLU A 36 17.58 -1.12 -5.22
N GLY A 37 17.12 -0.89 -6.41
CA GLY A 37 17.90 -1.24 -7.58
C GLY A 37 17.39 -0.46 -8.80
N LYS A 38 17.92 -0.74 -9.97
CA LYS A 38 17.47 -0.03 -11.16
C LYS A 38 16.05 -0.47 -11.49
N ASP A 39 15.14 -0.29 -10.57
CA ASP A 39 13.74 -0.62 -10.79
C ASP A 39 13.00 0.10 -9.67
N ARG A 40 11.90 0.77 -9.89
CA ARG A 40 11.26 1.42 -8.77
C ARG A 40 9.88 0.84 -8.54
N PHE A 41 9.43 -0.01 -9.39
CA PHE A 41 8.11 -0.57 -9.24
C PHE A 41 8.11 -2.08 -9.46
N THR A 42 8.50 -2.81 -8.46
CA THR A 42 8.48 -4.26 -8.57
C THR A 42 7.02 -4.67 -8.85
N ILE A 43 6.10 -3.97 -8.26
CA ILE A 43 4.70 -4.30 -8.46
C ILE A 43 3.80 -3.07 -8.35
N SER A 44 2.54 -3.26 -8.67
CA SER A 44 1.57 -2.19 -8.59
C SER A 44 0.18 -2.80 -8.75
N HIS A 45 -0.63 -2.77 -7.72
CA HIS A 45 -1.96 -3.35 -7.84
C HIS A 45 -2.99 -2.24 -7.86
N MET A 46 -3.71 -2.12 -8.93
CA MET A 46 -4.70 -1.07 -9.02
C MET A 46 -5.80 -1.30 -7.99
N TYR A 47 -5.91 -0.41 -7.05
CA TYR A 47 -6.92 -0.53 -6.02
C TYR A 47 -8.24 -1.07 -6.63
N ALA A 48 -8.69 -0.56 -7.75
CA ALA A 48 -9.93 -1.10 -8.35
C ALA A 48 -9.64 -2.52 -8.86
N ASP A 49 -8.46 -2.69 -9.38
CA ASP A 49 -7.98 -3.98 -9.88
C ASP A 49 -7.82 -4.96 -8.70
N ILE A 50 -8.03 -4.48 -7.50
CA ILE A 50 -7.91 -5.35 -6.34
C ILE A 50 -9.06 -5.05 -5.36
N LYS A 51 -9.69 -6.03 -4.75
CA LYS A 51 -10.73 -5.64 -3.83
C LYS A 51 -10.78 -6.55 -2.62
N CYS A 52 -10.29 -6.04 -1.54
CA CYS A 52 -10.33 -6.74 -0.29
C CYS A 52 -9.51 -5.92 0.70
N GLN A 53 -10.05 -5.60 1.82
CA GLN A 53 -9.26 -4.79 2.72
C GLN A 53 -9.49 -5.20 4.17
N LYS A 54 -8.42 -5.57 4.82
CA LYS A 54 -8.46 -5.97 6.19
C LYS A 54 -7.32 -5.26 6.92
N ILE A 55 -7.64 -4.36 7.80
CA ILE A 55 -6.58 -3.67 8.50
C ILE A 55 -6.83 -3.75 10.01
N SER A 56 -6.13 -4.60 10.69
CA SER A 56 -6.30 -4.71 12.12
C SER A 56 -4.99 -4.40 12.85
N PRO A 57 -4.15 -3.56 12.28
CA PRO A 57 -2.92 -3.29 13.04
C PRO A 57 -3.22 -2.49 14.30
N GLU A 58 -4.44 -2.08 14.48
CA GLU A 58 -4.79 -1.35 15.67
C GLU A 58 -4.62 -2.29 16.87
N GLY A 59 -4.46 -3.56 16.61
CA GLY A 59 -4.28 -4.52 17.70
C GLY A 59 -3.21 -5.55 17.28
N LYS A 60 -2.42 -5.23 16.28
CA LYS A 60 -1.39 -6.16 15.83
C LYS A 60 -0.11 -5.86 16.63
N ALA A 61 0.96 -5.54 15.96
CA ALA A 61 2.19 -5.23 16.66
C ALA A 61 2.55 -3.79 16.28
N LYS A 62 2.10 -3.34 15.14
CA LYS A 62 2.39 -2.00 14.71
C LYS A 62 1.49 -1.62 13.54
N ILE A 63 1.80 -2.12 12.40
CA ILE A 63 1.02 -1.73 11.24
C ILE A 63 1.18 -2.66 10.04
N GLN A 64 0.45 -3.74 10.04
CA GLN A 64 0.49 -4.66 8.92
C GLN A 64 -0.90 -4.65 8.27
N LEU A 65 -0.97 -4.56 6.97
CA LEU A 65 -2.29 -4.50 6.35
C LEU A 65 -2.48 -5.67 5.37
N GLN A 66 -3.71 -5.90 4.95
CA GLN A 66 -3.97 -7.00 4.02
C GLN A 66 -5.03 -6.59 2.99
N LEU A 67 -4.74 -6.79 1.73
CA LEU A 67 -5.68 -6.43 0.69
C LEU A 67 -5.76 -7.60 -0.29
N VAL A 68 -6.88 -7.79 -0.92
CA VAL A 68 -6.97 -8.90 -1.85
C VAL A 68 -7.41 -8.43 -3.21
N LEU A 69 -7.11 -9.23 -4.17
CA LEU A 69 -7.39 -8.92 -5.53
C LEU A 69 -8.74 -9.53 -5.90
N HIS A 70 -9.53 -8.87 -6.73
CA HIS A 70 -10.81 -9.46 -7.11
C HIS A 70 -10.53 -10.92 -7.45
N ALA A 71 -9.33 -11.15 -7.92
CA ALA A 71 -8.90 -12.49 -8.22
C ALA A 71 -8.58 -13.17 -6.89
N GLY A 72 -7.65 -14.07 -6.88
CA GLY A 72 -7.32 -14.78 -5.65
C GLY A 72 -5.90 -14.44 -5.22
N ASP A 73 -5.64 -13.18 -5.12
CA ASP A 73 -4.32 -12.76 -4.73
C ASP A 73 -4.43 -11.78 -3.57
N THR A 74 -3.69 -12.02 -2.53
CA THR A 74 -3.76 -11.15 -1.40
C THR A 74 -2.48 -10.32 -1.33
N THR A 75 -2.53 -9.20 -0.66
CA THR A 75 -1.36 -8.39 -0.54
C THR A 75 -1.11 -8.16 0.95
N ASN A 76 -0.02 -8.63 1.47
CA ASN A 76 0.24 -8.41 2.87
C ASN A 76 1.41 -7.44 2.98
N PHE A 77 1.28 -6.41 3.77
CA PHE A 77 2.38 -5.48 3.84
C PHE A 77 2.54 -4.94 5.27
N HIS A 78 3.74 -4.57 5.60
CA HIS A 78 4.00 -4.09 6.95
C HIS A 78 5.13 -3.07 7.00
N PHE A 79 5.18 -2.37 8.08
CA PHE A 79 6.18 -1.35 8.33
C PHE A 79 6.69 -1.60 9.73
N SER A 80 7.96 -1.48 10.09
CA SER A 80 8.28 -1.80 11.48
C SER A 80 9.51 -1.04 12.00
N ASN A 81 10.37 -0.53 11.16
CA ASN A 81 11.56 0.16 11.67
C ASN A 81 11.16 1.05 12.84
N GLU A 82 11.51 0.66 14.05
CA GLU A 82 11.15 1.44 15.22
C GLU A 82 11.28 2.94 14.92
N SER A 83 12.32 3.33 14.26
CA SER A 83 12.51 4.74 13.94
C SER A 83 11.28 5.26 13.20
N THR A 84 10.71 4.46 12.34
CA THR A 84 9.55 4.90 11.59
C THR A 84 8.50 3.80 11.62
N ALA A 85 8.37 3.10 12.70
CA ALA A 85 7.40 2.02 12.74
C ALA A 85 6.01 2.42 13.27
N VAL A 86 5.58 3.65 13.25
CA VAL A 86 4.27 3.92 13.80
C VAL A 86 3.54 5.02 13.00
N LYS A 87 3.51 6.24 13.51
CA LYS A 87 2.82 7.33 12.83
C LYS A 87 2.95 7.19 11.31
N GLU A 88 4.14 7.31 10.80
CA GLU A 88 4.37 7.20 9.37
C GLU A 88 3.46 6.12 8.77
N ARG A 89 3.64 4.92 9.20
CA ARG A 89 2.82 3.82 8.71
C ARG A 89 1.38 4.14 9.05
N ASP A 90 1.18 4.53 10.27
CA ASP A 90 -0.15 4.90 10.70
C ASP A 90 -0.74 5.93 9.72
N ALA A 91 0.11 6.54 8.91
CA ALA A 91 -0.38 7.46 7.93
C ALA A 91 -0.49 6.69 6.61
N VAL A 92 0.36 5.71 6.43
CA VAL A 92 0.28 4.89 5.23
C VAL A 92 -1.02 4.12 5.33
N LYS A 93 -1.18 3.41 6.41
CA LYS A 93 -2.40 2.68 6.62
C LYS A 93 -3.54 3.67 6.46
N ASP A 94 -3.47 4.80 7.15
CA ASP A 94 -4.53 5.80 7.01
C ASP A 94 -4.95 5.87 5.55
N LEU A 95 -4.10 6.37 4.69
CA LEU A 95 -4.46 6.46 3.27
C LEU A 95 -5.18 5.18 2.85
N LEU A 96 -4.61 4.03 3.12
CA LEU A 96 -5.26 2.78 2.74
C LEU A 96 -6.77 2.87 2.97
N GLN A 97 -7.16 2.98 4.20
CA GLN A 97 -8.59 3.06 4.49
C GLN A 97 -9.16 4.38 3.96
N GLN A 98 -8.34 5.22 3.40
CA GLN A 98 -8.81 6.49 2.88
C GLN A 98 -9.07 6.34 1.36
N LEU A 99 -8.27 5.57 0.68
CA LEU A 99 -8.49 5.40 -0.76
C LEU A 99 -9.43 4.22 -0.97
N LEU A 100 -9.39 3.27 -0.07
CA LEU A 100 -10.22 2.09 -0.21
C LEU A 100 -11.62 2.53 -0.66
N PRO A 101 -12.05 3.60 -0.05
CA PRO A 101 -13.36 4.16 -0.42
C PRO A 101 -13.36 4.61 -1.89
N LYS A 102 -12.25 5.12 -2.34
CA LYS A 102 -12.14 5.60 -3.71
C LYS A 102 -12.63 4.54 -4.71
N PHE A 103 -12.28 3.30 -4.51
CA PHE A 103 -12.68 2.28 -5.46
C PHE A 103 -13.76 1.40 -4.85
N LYS A 104 -14.15 1.65 -3.63
CA LYS A 104 -15.18 0.84 -3.02
C LYS A 104 -16.53 1.56 -3.20
N ARG A 105 -16.58 2.45 -4.12
CA ARG A 105 -17.81 3.19 -4.37
C ARG A 105 -18.96 2.21 -4.59
N LYS A 106 -19.09 1.69 -5.78
CA LYS A 106 -20.16 0.76 -6.05
C LYS A 106 -19.58 -0.56 -6.58
N ALA A 107 -20.31 -1.63 -6.46
CA ALA A 107 -19.82 -2.90 -6.94
C ALA A 107 -20.11 -3.02 -8.44
N ASN A 108 -19.72 -4.11 -9.05
CA ASN A 108 -19.96 -4.28 -10.47
C ASN A 108 -19.90 -5.76 -10.83
N MET A 1 -2.49 16.15 -12.95
CA MET A 1 -3.29 15.59 -14.07
C MET A 1 -3.59 16.70 -15.08
N ALA A 2 -3.47 17.93 -14.68
CA ALA A 2 -3.75 19.02 -15.60
C ALA A 2 -2.78 18.94 -16.78
N THR A 3 -1.52 19.21 -16.53
CA THR A 3 -0.56 19.14 -17.62
C THR A 3 0.73 18.47 -17.13
N SER A 4 0.69 17.85 -15.98
CA SER A 4 1.88 17.19 -15.48
C SER A 4 1.83 15.70 -15.80
N SER A 5 2.40 14.88 -14.96
CA SER A 5 2.39 13.45 -15.21
C SER A 5 1.50 12.75 -14.18
N GLU A 6 1.83 11.54 -13.81
CA GLU A 6 1.02 10.83 -12.84
C GLU A 6 1.00 11.60 -11.52
N GLU A 7 0.02 11.34 -10.70
CA GLU A 7 -0.06 12.01 -9.42
C GLU A 7 -0.01 10.96 -8.31
N VAL A 8 1.04 10.92 -7.53
CA VAL A 8 1.13 9.92 -6.50
C VAL A 8 0.73 10.51 -5.15
N LEU A 9 0.29 9.66 -4.26
CA LEU A 9 -0.19 10.15 -2.98
C LEU A 9 0.87 10.03 -1.87
N LEU A 10 1.54 8.92 -1.68
CA LEU A 10 2.53 8.88 -0.62
C LEU A 10 3.54 7.77 -0.84
N ILE A 11 4.78 8.02 -0.53
CA ILE A 11 5.81 7.01 -0.73
C ILE A 11 6.44 6.63 0.60
N VAL A 12 6.59 5.36 0.84
CA VAL A 12 7.22 4.92 2.08
C VAL A 12 8.52 4.19 1.72
N LYS A 13 9.62 4.89 1.80
CA LYS A 13 10.91 4.32 1.48
C LYS A 13 11.18 3.10 2.34
N LYS A 14 10.49 2.99 3.41
CA LYS A 14 10.68 1.85 4.29
C LYS A 14 9.42 1.01 4.37
N VAL A 15 9.49 -0.22 3.94
CA VAL A 15 8.35 -1.09 4.12
C VAL A 15 8.84 -2.52 4.25
N ARG A 16 8.13 -3.29 5.00
CA ARG A 16 8.50 -4.65 5.20
C ARG A 16 7.35 -5.50 4.75
N GLN A 17 7.64 -6.58 4.14
CA GLN A 17 6.59 -7.45 3.71
C GLN A 17 7.13 -8.86 3.85
N LYS A 18 6.36 -9.73 4.43
CA LYS A 18 6.86 -11.08 4.72
C LYS A 18 7.79 -11.59 3.61
N LYS A 19 7.67 -11.08 2.42
CA LYS A 19 8.55 -11.53 1.38
C LYS A 19 9.93 -10.83 1.51
N GLN A 20 9.92 -9.53 1.52
CA GLN A 20 11.14 -8.75 1.51
C GLN A 20 10.89 -7.40 2.21
N ASP A 21 11.93 -6.68 2.49
CA ASP A 21 11.74 -5.37 3.08
C ASP A 21 12.06 -4.46 1.92
N GLY A 22 11.18 -3.53 1.64
CA GLY A 22 11.38 -2.67 0.50
C GLY A 22 10.52 -1.43 0.61
N ALA A 23 10.80 -0.45 -0.21
CA ALA A 23 10.07 0.79 -0.14
C ALA A 23 8.77 0.71 -0.94
N LEU A 24 7.75 1.19 -0.31
CA LEU A 24 6.41 1.11 -0.87
C LEU A 24 5.94 2.49 -1.34
N TYR A 25 5.36 2.54 -2.51
CA TYR A 25 4.90 3.80 -3.08
C TYR A 25 3.38 3.74 -3.24
N LEU A 26 2.64 4.74 -2.85
CA LEU A 26 1.21 4.67 -3.04
C LEU A 26 0.84 5.68 -4.13
N MET A 27 0.07 5.27 -5.10
CA MET A 27 -0.33 6.17 -6.16
C MET A 27 -1.85 6.31 -6.13
N ALA A 28 -2.35 7.43 -6.58
CA ALA A 28 -3.78 7.65 -6.58
C ALA A 28 -4.56 6.38 -6.91
N GLU A 29 -4.30 5.74 -8.02
CA GLU A 29 -5.08 4.57 -8.36
C GLU A 29 -4.30 3.26 -8.12
N ARG A 30 -3.13 3.29 -7.55
CA ARG A 30 -2.46 2.01 -7.38
C ARG A 30 -1.37 2.04 -6.32
N ILE A 31 -0.94 0.88 -5.91
CA ILE A 31 0.11 0.77 -4.92
C ILE A 31 1.38 0.28 -5.63
N ALA A 32 2.52 0.83 -5.32
CA ALA A 32 3.73 0.42 -5.99
C ALA A 32 4.79 -0.03 -4.99
N TRP A 33 5.64 -0.93 -5.41
CA TRP A 33 6.69 -1.39 -4.53
C TRP A 33 8.04 -1.21 -5.18
N ALA A 34 9.02 -0.86 -4.39
CA ALA A 34 10.35 -0.70 -4.92
C ALA A 34 11.38 -0.99 -3.83
N PRO A 35 12.28 -1.88 -4.13
CA PRO A 35 13.32 -2.23 -3.12
C PRO A 35 14.33 -1.09 -3.01
N GLU A 36 15.38 -1.29 -2.27
CA GLU A 36 16.37 -0.24 -2.11
C GLU A 36 17.70 -0.71 -2.72
N GLY A 37 17.65 -1.42 -3.81
CA GLY A 37 18.87 -1.88 -4.43
C GLY A 37 18.61 -2.24 -5.90
N LYS A 38 17.57 -2.98 -6.16
CA LYS A 38 17.27 -3.35 -7.52
C LYS A 38 16.73 -2.13 -8.28
N ASP A 39 15.85 -2.34 -9.21
CA ASP A 39 15.30 -1.24 -9.97
C ASP A 39 14.14 -0.62 -9.18
N ARG A 40 14.30 0.61 -8.77
CA ARG A 40 13.28 1.32 -7.99
C ARG A 40 11.89 0.67 -8.15
N PHE A 41 11.05 1.25 -8.94
CA PHE A 41 9.73 0.71 -9.12
C PHE A 41 9.79 -0.79 -9.36
N THR A 42 9.17 -1.54 -8.50
CA THR A 42 9.19 -2.98 -8.63
C THR A 42 7.74 -3.52 -8.67
N ILE A 43 6.78 -2.71 -8.30
CA ILE A 43 5.42 -3.20 -8.31
C ILE A 43 4.41 -2.07 -8.54
N SER A 44 3.25 -2.43 -9.02
CA SER A 44 2.22 -1.44 -9.24
C SER A 44 0.88 -2.15 -9.42
N HIS A 45 0.04 -2.16 -8.40
CA HIS A 45 -1.24 -2.81 -8.52
C HIS A 45 -2.34 -1.75 -8.52
N MET A 46 -3.05 -1.62 -9.62
CA MET A 46 -4.11 -0.63 -9.69
C MET A 46 -5.22 -0.96 -8.71
N TYR A 47 -5.43 -0.10 -7.76
CA TYR A 47 -6.47 -0.32 -6.77
C TYR A 47 -7.72 -0.94 -7.44
N ALA A 48 -8.18 -0.43 -8.55
CA ALA A 48 -9.34 -1.02 -9.22
C ALA A 48 -8.92 -2.40 -9.77
N ASP A 49 -7.71 -2.46 -10.26
CA ASP A 49 -7.15 -3.69 -10.79
C ASP A 49 -6.93 -4.69 -9.64
N ILE A 50 -7.17 -4.26 -8.43
CA ILE A 50 -6.99 -5.15 -7.30
C ILE A 50 -8.18 -5.01 -6.34
N LYS A 51 -8.79 -6.07 -5.86
CA LYS A 51 -9.89 -5.82 -4.95
C LYS A 51 -10.05 -6.89 -3.89
N CYS A 52 -9.63 -6.53 -2.71
CA CYS A 52 -9.78 -7.37 -1.55
C CYS A 52 -9.03 -6.69 -0.43
N GLN A 53 -9.58 -6.58 0.73
CA GLN A 53 -8.85 -5.86 1.75
C GLN A 53 -9.05 -6.47 3.12
N LYS A 54 -7.95 -6.85 3.72
CA LYS A 54 -7.95 -7.45 5.03
C LYS A 54 -6.88 -6.70 5.85
N ILE A 55 -7.29 -5.98 6.85
CA ILE A 55 -6.32 -5.24 7.64
C ILE A 55 -6.57 -5.48 9.13
N SER A 56 -5.77 -6.30 9.75
CA SER A 56 -5.95 -6.54 11.15
C SER A 56 -4.73 -6.09 11.96
N PRO A 57 -4.03 -5.07 11.49
CA PRO A 57 -2.87 -4.66 12.31
C PRO A 57 -3.36 -4.05 13.62
N GLU A 58 -4.64 -3.83 13.75
CA GLU A 58 -5.16 -3.27 14.97
C GLU A 58 -4.87 -4.24 16.11
N GLY A 59 -4.52 -5.46 15.79
CA GLY A 59 -4.23 -6.44 16.81
C GLY A 59 -2.85 -7.04 16.53
N LYS A 60 -2.01 -6.29 15.87
CA LYS A 60 -0.68 -6.78 15.57
C LYS A 60 0.32 -6.07 16.49
N ALA A 61 1.19 -5.27 15.95
CA ALA A 61 2.14 -4.54 16.75
C ALA A 61 2.59 -3.30 15.94
N LYS A 62 2.17 -3.22 14.70
CA LYS A 62 2.53 -2.12 13.86
C LYS A 62 1.43 -1.93 12.80
N ILE A 63 1.68 -2.31 11.60
CA ILE A 63 0.68 -2.09 10.56
C ILE A 63 0.93 -2.92 9.29
N GLN A 64 0.47 -4.15 9.28
CA GLN A 64 0.64 -4.99 8.11
C GLN A 64 -0.74 -5.17 7.46
N LEU A 65 -0.85 -4.95 6.17
CA LEU A 65 -2.16 -5.07 5.56
C LEU A 65 -2.19 -6.14 4.45
N GLN A 66 -3.36 -6.45 3.96
CA GLN A 66 -3.49 -7.44 2.91
C GLN A 66 -4.50 -6.98 1.85
N LEU A 67 -4.12 -7.07 0.60
CA LEU A 67 -5.01 -6.67 -0.48
C LEU A 67 -4.98 -7.76 -1.54
N VAL A 68 -6.07 -8.01 -2.20
CA VAL A 68 -6.03 -9.05 -3.21
C VAL A 68 -6.43 -8.50 -4.54
N LEU A 69 -6.02 -9.20 -5.54
CA LEU A 69 -6.26 -8.79 -6.89
C LEU A 69 -7.55 -9.41 -7.40
N HIS A 70 -8.29 -8.71 -8.25
CA HIS A 70 -9.51 -9.31 -8.78
C HIS A 70 -9.14 -10.74 -9.18
N ALA A 71 -7.91 -10.88 -9.60
CA ALA A 71 -7.40 -12.17 -9.97
C ALA A 71 -7.11 -12.95 -8.68
N GLY A 72 -6.16 -13.83 -8.71
CA GLY A 72 -5.87 -14.64 -7.53
C GLY A 72 -4.50 -14.25 -7.00
N ASP A 73 -4.31 -12.99 -6.77
CA ASP A 73 -3.04 -12.53 -6.29
C ASP A 73 -3.25 -11.66 -5.06
N THR A 74 -2.47 -11.88 -4.06
CA THR A 74 -2.63 -11.11 -2.85
C THR A 74 -1.48 -10.13 -2.73
N THR A 75 -1.68 -9.11 -1.94
CA THR A 75 -0.64 -8.14 -1.75
C THR A 75 -0.52 -7.88 -0.25
N ASN A 76 0.51 -8.35 0.37
CA ASN A 76 0.64 -8.14 1.79
C ASN A 76 1.75 -7.14 2.02
N PHE A 77 1.57 -6.21 2.91
CA PHE A 77 2.61 -5.23 3.14
C PHE A 77 2.66 -4.82 4.60
N HIS A 78 3.83 -4.45 5.04
CA HIS A 78 4.01 -4.10 6.43
C HIS A 78 5.00 -2.96 6.62
N PHE A 79 4.86 -2.27 7.72
CA PHE A 79 5.74 -1.19 8.08
C PHE A 79 5.90 -1.22 9.60
N SER A 80 7.07 -1.01 10.17
CA SER A 80 7.14 -0.96 11.64
C SER A 80 8.58 -0.63 12.06
N ASN A 81 9.19 0.29 11.40
CA ASN A 81 10.56 0.66 11.74
C ASN A 81 10.75 0.66 13.25
N GLU A 82 11.97 0.48 13.69
CA GLU A 82 12.23 0.46 15.11
C GLU A 82 11.50 1.65 15.76
N SER A 83 11.67 2.83 15.21
CA SER A 83 11.02 3.98 15.79
C SER A 83 10.08 4.63 14.77
N THR A 84 9.97 4.12 13.57
CA THR A 84 9.08 4.74 12.62
C THR A 84 7.91 3.76 12.36
N ALA A 85 7.58 2.97 13.34
CA ALA A 85 6.46 2.05 13.22
C ALA A 85 5.18 2.70 13.74
N VAL A 86 4.75 3.80 13.20
CA VAL A 86 3.54 4.40 13.73
C VAL A 86 2.78 5.24 12.69
N LYS A 87 2.28 6.40 13.10
CA LYS A 87 1.52 7.27 12.22
C LYS A 87 2.05 7.22 10.79
N GLU A 88 3.34 7.20 10.59
CA GLU A 88 3.85 7.13 9.24
C GLU A 88 3.11 6.02 8.49
N ARG A 89 3.42 4.82 8.84
CA ARG A 89 2.79 3.68 8.23
C ARG A 89 1.32 3.73 8.56
N ASP A 90 1.01 3.85 9.82
CA ASP A 90 -0.38 3.91 10.26
C ASP A 90 -1.17 4.70 9.21
N ALA A 91 -0.67 5.85 8.84
CA ALA A 91 -1.33 6.63 7.82
C ALA A 91 -1.36 5.81 6.52
N VAL A 92 -0.22 5.31 6.07
CA VAL A 92 -0.18 4.53 4.84
C VAL A 92 -1.43 3.65 4.78
N LYS A 93 -1.58 2.77 5.74
CA LYS A 93 -2.76 1.95 5.75
C LYS A 93 -3.95 2.90 5.80
N ASP A 94 -3.91 3.81 6.74
CA ASP A 94 -4.97 4.81 6.90
C ASP A 94 -5.39 5.38 5.54
N LEU A 95 -4.54 5.31 4.56
CA LEU A 95 -4.93 5.81 3.27
C LEU A 95 -5.59 4.65 2.54
N LEU A 96 -4.98 3.49 2.62
CA LEU A 96 -5.51 2.31 1.98
C LEU A 96 -7.04 2.28 2.14
N GLN A 97 -7.52 2.22 3.35
CA GLN A 97 -8.97 2.19 3.54
C GLN A 97 -9.60 3.54 3.19
N GLN A 98 -8.78 4.47 2.83
CA GLN A 98 -9.29 5.78 2.46
C GLN A 98 -9.51 5.81 0.94
N LEU A 99 -8.64 5.16 0.20
CA LEU A 99 -8.81 5.12 -1.25
C LEU A 99 -9.63 3.89 -1.59
N LEU A 100 -9.52 2.88 -0.78
CA LEU A 100 -10.23 1.65 -1.05
C LEU A 100 -11.65 1.99 -1.50
N PRO A 101 -12.23 2.89 -0.77
CA PRO A 101 -13.59 3.34 -1.13
C PRO A 101 -13.62 3.85 -2.58
N LYS A 102 -12.54 4.45 -3.01
CA LYS A 102 -12.46 5.00 -4.36
C LYS A 102 -12.78 3.97 -5.43
N PHE A 103 -12.29 2.76 -5.29
CA PHE A 103 -12.54 1.76 -6.33
C PHE A 103 -13.54 0.73 -5.84
N LYS A 104 -13.96 0.81 -4.61
CA LYS A 104 -14.92 -0.14 -4.10
C LYS A 104 -16.32 0.32 -4.50
N ARG A 105 -17.34 -0.25 -3.91
CA ARG A 105 -18.70 0.15 -4.25
C ARG A 105 -18.80 1.68 -4.23
N LYS A 106 -19.25 2.25 -3.14
CA LYS A 106 -19.37 3.68 -3.07
C LYS A 106 -18.35 4.24 -2.08
N ALA A 107 -18.46 5.49 -1.73
CA ALA A 107 -17.53 6.07 -0.78
C ALA A 107 -18.30 6.69 0.39
N ASN A 108 -17.60 7.28 1.32
CA ASN A 108 -18.28 7.89 2.45
C ASN A 108 -17.50 9.13 2.89
N MET A 1 -9.35 14.46 -19.36
CA MET A 1 -8.73 14.59 -18.01
C MET A 1 -7.32 14.03 -18.04
N ALA A 2 -6.39 14.76 -18.61
CA ALA A 2 -5.02 14.28 -18.67
C ALA A 2 -4.07 15.48 -18.78
N THR A 3 -3.92 16.23 -17.72
CA THR A 3 -3.03 17.37 -17.75
C THR A 3 -1.63 16.95 -17.32
N SER A 4 -1.47 16.57 -16.08
CA SER A 4 -0.16 16.16 -15.61
C SER A 4 -0.08 14.63 -15.61
N SER A 5 0.94 14.09 -14.99
CA SER A 5 1.07 12.64 -14.95
C SER A 5 0.33 12.09 -13.74
N GLU A 6 0.74 10.95 -13.24
CA GLU A 6 0.08 10.37 -12.08
C GLU A 6 0.34 11.24 -10.85
N GLU A 7 -0.46 11.07 -9.84
CA GLU A 7 -0.26 11.83 -8.62
C GLU A 7 -0.01 10.83 -7.49
N VAL A 8 1.16 10.80 -6.91
CA VAL A 8 1.42 9.81 -5.88
C VAL A 8 1.26 10.44 -4.50
N LEU A 9 0.95 9.62 -3.53
CA LEU A 9 0.72 10.13 -2.20
C LEU A 9 1.96 9.96 -1.31
N LEU A 10 2.58 8.79 -1.23
CA LEU A 10 3.74 8.69 -0.37
C LEU A 10 4.62 7.51 -0.77
N ILE A 11 5.81 7.46 -0.23
CA ILE A 11 6.72 6.39 -0.53
C ILE A 11 7.32 5.88 0.76
N VAL A 12 7.43 4.60 0.93
CA VAL A 12 7.99 4.07 2.15
C VAL A 12 9.18 3.16 1.81
N LYS A 13 10.35 3.72 1.88
CA LYS A 13 11.58 2.99 1.59
C LYS A 13 11.70 1.78 2.51
N LYS A 14 10.97 1.80 3.56
CA LYS A 14 11.02 0.70 4.49
C LYS A 14 9.66 -0.02 4.53
N VAL A 15 9.62 -1.26 4.10
CA VAL A 15 8.37 -1.98 4.25
C VAL A 15 8.67 -3.46 4.42
N ARG A 16 7.85 -4.11 5.17
CA ARG A 16 8.02 -5.51 5.44
C ARG A 16 6.78 -6.25 5.00
N GLN A 17 6.97 -7.28 4.26
CA GLN A 17 5.84 -8.05 3.84
C GLN A 17 6.21 -9.51 4.03
N LYS A 18 5.33 -10.28 4.63
CA LYS A 18 5.64 -11.66 4.97
C LYS A 18 6.52 -12.30 3.90
N LYS A 19 6.51 -11.83 2.69
CA LYS A 19 7.37 -12.41 1.70
C LYS A 19 8.79 -11.86 1.86
N GLN A 20 8.90 -10.56 1.86
CA GLN A 20 10.17 -9.90 1.89
C GLN A 20 10.07 -8.54 2.56
N ASP A 21 11.18 -7.94 2.86
CA ASP A 21 11.14 -6.63 3.42
C ASP A 21 11.60 -5.81 2.22
N GLY A 22 10.87 -4.79 1.92
CA GLY A 22 11.17 -4.00 0.75
C GLY A 22 10.50 -2.64 0.83
N ALA A 23 10.88 -1.72 0.00
CA ALA A 23 10.29 -0.40 0.08
C ALA A 23 8.99 -0.35 -0.72
N LEU A 24 8.00 0.21 -0.07
CA LEU A 24 6.67 0.26 -0.64
C LEU A 24 6.35 1.69 -1.08
N TYR A 25 5.85 1.84 -2.27
CA TYR A 25 5.49 3.15 -2.79
C TYR A 25 3.98 3.20 -2.91
N LEU A 26 3.32 4.26 -2.53
CA LEU A 26 1.89 4.26 -2.67
C LEU A 26 1.48 5.45 -3.53
N MET A 27 0.52 5.25 -4.40
CA MET A 27 0.05 6.32 -5.23
C MET A 27 -1.48 6.23 -5.23
N ALA A 28 -2.16 7.34 -5.36
CA ALA A 28 -3.61 7.31 -5.30
C ALA A 28 -4.18 6.07 -5.99
N GLU A 29 -3.89 5.88 -7.23
CA GLU A 29 -4.52 4.78 -7.95
C GLU A 29 -3.77 3.45 -7.83
N ARG A 30 -2.61 3.37 -7.25
CA ARG A 30 -2.00 2.04 -7.17
C ARG A 30 -0.92 1.96 -6.09
N ILE A 31 -0.55 0.75 -5.78
CA ILE A 31 0.48 0.51 -4.77
C ILE A 31 1.72 -0.06 -5.47
N ALA A 32 2.89 0.44 -5.17
CA ALA A 32 4.08 -0.06 -5.82
C ALA A 32 5.07 -0.63 -4.81
N TRP A 33 5.83 -1.62 -5.22
CA TRP A 33 6.79 -2.20 -4.31
C TRP A 33 8.18 -2.21 -4.91
N ALA A 34 9.15 -1.98 -4.09
CA ALA A 34 10.53 -1.98 -4.53
C ALA A 34 11.45 -2.39 -3.38
N PRO A 35 11.97 -3.58 -3.49
CA PRO A 35 12.89 -4.04 -2.42
C PRO A 35 14.03 -3.03 -2.24
N GLU A 36 14.28 -2.62 -1.03
CA GLU A 36 15.35 -1.66 -0.80
C GLU A 36 16.68 -2.32 -1.13
N GLY A 37 16.93 -2.61 -2.38
CA GLY A 37 18.18 -3.25 -2.74
C GLY A 37 18.67 -2.73 -4.09
N LYS A 38 17.81 -2.67 -5.08
CA LYS A 38 18.26 -2.18 -6.38
C LYS A 38 17.08 -1.69 -7.22
N ASP A 39 16.47 -2.56 -7.97
CA ASP A 39 15.36 -2.17 -8.84
C ASP A 39 14.37 -1.21 -8.15
N ARG A 40 14.67 0.06 -8.19
CA ARG A 40 13.80 1.06 -7.56
C ARG A 40 12.34 0.69 -7.62
N PHE A 41 11.94 -0.05 -8.60
CA PHE A 41 10.55 -0.42 -8.73
C PHE A 41 10.39 -1.92 -8.93
N THR A 42 9.46 -2.53 -8.24
CA THR A 42 9.26 -3.96 -8.37
C THR A 42 7.76 -4.30 -8.50
N ILE A 43 6.89 -3.41 -8.10
CA ILE A 43 5.47 -3.74 -8.18
C ILE A 43 4.59 -2.51 -8.39
N SER A 44 3.41 -2.74 -8.86
CA SER A 44 2.46 -1.67 -9.06
C SER A 44 1.07 -2.27 -9.31
N HIS A 45 0.22 -2.26 -8.31
CA HIS A 45 -1.12 -2.81 -8.51
C HIS A 45 -2.13 -1.65 -8.48
N MET A 46 -2.84 -1.46 -9.55
CA MET A 46 -3.81 -0.38 -9.61
C MET A 46 -4.99 -0.67 -8.67
N TYR A 47 -5.19 0.16 -7.70
CA TYR A 47 -6.27 -0.04 -6.75
C TYR A 47 -7.54 -0.53 -7.49
N ALA A 48 -7.92 0.07 -8.61
CA ALA A 48 -9.11 -0.43 -9.33
C ALA A 48 -8.76 -1.81 -9.93
N ASP A 49 -7.52 -1.94 -10.31
CA ASP A 49 -6.98 -3.18 -10.87
C ASP A 49 -6.92 -4.26 -9.77
N ILE A 50 -7.27 -3.89 -8.57
CA ILE A 50 -7.26 -4.84 -7.48
C ILE A 50 -8.52 -4.62 -6.63
N LYS A 51 -9.25 -5.65 -6.23
CA LYS A 51 -10.40 -5.33 -5.40
C LYS A 51 -10.53 -6.27 -4.23
N CYS A 52 -10.15 -5.78 -3.09
CA CYS A 52 -10.28 -6.49 -1.86
C CYS A 52 -9.54 -5.66 -0.83
N GLN A 53 -10.06 -5.46 0.34
CA GLN A 53 -9.31 -4.62 1.24
C GLN A 53 -9.43 -5.11 2.67
N LYS A 54 -8.29 -5.41 3.23
CA LYS A 54 -8.22 -5.89 4.59
C LYS A 54 -7.26 -4.98 5.36
N ILE A 55 -7.74 -4.23 6.30
CA ILE A 55 -6.85 -3.36 7.04
C ILE A 55 -7.36 -3.17 8.46
N SER A 56 -6.79 -3.86 9.40
CA SER A 56 -7.21 -3.70 10.78
C SER A 56 -6.03 -3.22 11.65
N PRO A 57 -5.05 -2.57 11.05
CA PRO A 57 -3.93 -2.16 11.93
C PRO A 57 -4.38 -1.16 12.99
N GLU A 58 -5.60 -0.71 12.94
CA GLU A 58 -6.06 0.19 13.96
C GLU A 58 -5.71 -0.41 15.32
N GLY A 59 -5.76 -1.72 15.42
CA GLY A 59 -5.42 -2.39 16.65
C GLY A 59 -4.66 -3.69 16.37
N LYS A 60 -3.84 -3.72 15.34
CA LYS A 60 -3.13 -4.96 15.04
C LYS A 60 -1.79 -5.04 15.80
N ALA A 61 -0.68 -4.97 15.10
CA ALA A 61 0.60 -5.04 15.77
C ALA A 61 1.44 -3.82 15.43
N LYS A 62 1.48 -3.42 14.19
CA LYS A 62 2.27 -2.25 13.85
C LYS A 62 1.98 -1.75 12.46
N ILE A 63 0.76 -1.87 11.94
CA ILE A 63 0.37 -1.37 10.61
C ILE A 63 0.50 -2.44 9.49
N GLN A 64 -0.49 -3.29 9.41
CA GLN A 64 -0.49 -4.33 8.39
C GLN A 64 -1.75 -4.16 7.51
N LEU A 65 -1.61 -4.29 6.22
CA LEU A 65 -2.78 -4.14 5.37
C LEU A 65 -2.88 -5.28 4.36
N GLN A 66 -4.03 -5.46 3.76
CA GLN A 66 -4.21 -6.53 2.80
C GLN A 66 -5.19 -6.12 1.70
N LEU A 67 -4.88 -6.46 0.48
CA LEU A 67 -5.72 -6.11 -0.64
C LEU A 67 -5.75 -7.28 -1.61
N VAL A 68 -6.82 -7.48 -2.32
CA VAL A 68 -6.82 -8.57 -3.26
C VAL A 68 -7.14 -8.07 -4.64
N LEU A 69 -6.73 -8.84 -5.58
CA LEU A 69 -6.89 -8.49 -6.96
C LEU A 69 -8.22 -9.05 -7.45
N HIS A 70 -8.92 -8.35 -8.33
CA HIS A 70 -10.18 -8.89 -8.82
C HIS A 70 -9.90 -10.36 -9.16
N ALA A 71 -8.68 -10.59 -9.57
CA ALA A 71 -8.23 -11.91 -9.88
C ALA A 71 -8.02 -12.66 -8.56
N GLY A 72 -7.18 -13.64 -8.53
CA GLY A 72 -6.98 -14.41 -7.32
C GLY A 72 -5.60 -14.11 -6.76
N ASP A 73 -5.36 -12.86 -6.58
CA ASP A 73 -4.06 -12.45 -6.07
C ASP A 73 -4.26 -11.51 -4.91
N THR A 74 -3.55 -11.73 -3.85
CA THR A 74 -3.70 -10.89 -2.70
C THR A 74 -2.47 -10.01 -2.59
N THR A 75 -2.53 -8.96 -1.84
CA THR A 75 -1.40 -8.10 -1.70
C THR A 75 -1.33 -7.73 -0.22
N ASN A 76 -0.44 -8.31 0.52
CA ASN A 76 -0.36 -7.99 1.92
C ASN A 76 0.91 -7.18 2.16
N PHE A 77 0.88 -6.25 3.06
CA PHE A 77 2.07 -5.48 3.27
C PHE A 77 2.18 -5.03 4.73
N HIS A 78 3.39 -4.93 5.18
CA HIS A 78 3.60 -4.51 6.55
C HIS A 78 4.77 -3.53 6.63
N PHE A 79 4.85 -2.85 7.72
CA PHE A 79 5.91 -1.88 7.92
C PHE A 79 6.29 -1.90 9.41
N SER A 80 7.55 -1.81 9.78
CA SER A 80 7.87 -1.76 11.20
C SER A 80 9.37 -1.59 11.33
N ASN A 81 9.83 -1.00 12.40
CA ASN A 81 11.26 -0.85 12.58
C ASN A 81 11.55 -0.86 14.08
N GLU A 82 12.80 -0.80 14.45
CA GLU A 82 13.12 -0.78 15.86
C GLU A 82 12.26 0.31 16.49
N SER A 83 12.07 1.40 15.78
CA SER A 83 11.25 2.47 16.28
C SER A 83 10.58 3.22 15.12
N THR A 84 10.54 2.66 13.93
CA THR A 84 9.93 3.37 12.83
C THR A 84 8.58 2.73 12.47
N ALA A 85 8.03 1.91 13.34
CA ALA A 85 6.72 1.34 13.06
C ALA A 85 5.67 2.27 13.67
N VAL A 86 5.51 3.43 13.12
CA VAL A 86 4.54 4.35 13.68
C VAL A 86 4.01 5.31 12.59
N LYS A 87 3.90 6.58 12.91
CA LYS A 87 3.39 7.57 11.97
C LYS A 87 3.82 7.26 10.53
N GLU A 88 5.06 7.00 10.28
CA GLU A 88 5.48 6.75 8.90
C GLU A 88 4.53 5.72 8.25
N ARG A 89 4.68 4.49 8.63
CA ARG A 89 3.86 3.44 8.08
C ARG A 89 2.40 3.75 8.43
N ASP A 90 2.18 4.09 9.66
CA ASP A 90 0.85 4.42 10.10
C ASP A 90 0.31 5.56 9.21
N ALA A 91 1.15 6.19 8.43
CA ALA A 91 0.70 7.26 7.57
C ALA A 91 0.40 6.70 6.17
N VAL A 92 1.19 5.76 5.71
CA VAL A 92 0.88 5.19 4.41
C VAL A 92 -0.37 4.35 4.58
N LYS A 93 -0.45 3.63 5.64
CA LYS A 93 -1.63 2.83 5.91
C LYS A 93 -2.77 3.79 6.21
N ASP A 94 -2.52 4.81 7.02
CA ASP A 94 -3.56 5.79 7.34
C ASP A 94 -4.09 6.42 6.06
N LEU A 95 -3.32 6.36 5.00
CA LEU A 95 -3.81 6.88 3.73
C LEU A 95 -4.48 5.73 2.95
N LEU A 96 -3.86 4.57 2.91
CA LEU A 96 -4.41 3.42 2.19
C LEU A 96 -5.94 3.37 2.34
N GLN A 97 -6.41 3.10 3.52
CA GLN A 97 -7.87 3.04 3.76
C GLN A 97 -8.55 4.37 3.40
N GLN A 98 -7.83 5.33 2.96
CA GLN A 98 -8.42 6.58 2.58
C GLN A 98 -8.71 6.55 1.08
N LEU A 99 -7.84 5.94 0.33
CA LEU A 99 -8.07 5.85 -1.11
C LEU A 99 -9.00 4.67 -1.38
N LEU A 100 -8.94 3.67 -0.55
CA LEU A 100 -9.76 2.48 -0.74
C LEU A 100 -11.16 2.93 -1.14
N PRO A 101 -11.60 3.97 -0.51
CA PRO A 101 -12.95 4.53 -0.79
C PRO A 101 -13.02 5.20 -2.17
N LYS A 102 -11.95 5.16 -2.92
CA LYS A 102 -11.94 5.82 -4.22
C LYS A 102 -12.32 4.87 -5.36
N PHE A 103 -11.80 3.69 -5.35
CA PHE A 103 -12.08 2.75 -6.45
C PHE A 103 -13.24 1.84 -6.09
N LYS A 104 -13.75 1.95 -4.90
CA LYS A 104 -14.90 1.15 -4.52
C LYS A 104 -15.58 1.77 -3.31
N ARG A 105 -16.85 2.06 -3.40
CA ARG A 105 -17.54 2.67 -2.28
C ARG A 105 -18.99 2.18 -2.24
N LYS A 106 -19.83 2.69 -3.10
CA LYS A 106 -21.21 2.25 -3.11
C LYS A 106 -21.27 0.74 -3.36
N ALA A 107 -22.42 0.15 -3.23
CA ALA A 107 -22.54 -1.28 -3.45
C ALA A 107 -22.92 -1.54 -4.90
N ASN A 108 -22.60 -2.70 -5.42
CA ASN A 108 -22.94 -3.00 -6.79
C ASN A 108 -24.44 -3.26 -6.89
N MET A 1 -3.13 9.57 -21.79
CA MET A 1 -1.97 10.32 -22.33
C MET A 1 -2.48 11.51 -23.18
N ALA A 2 -3.61 12.05 -22.82
CA ALA A 2 -4.14 13.17 -23.58
C ALA A 2 -4.05 14.44 -22.74
N THR A 3 -4.60 14.42 -21.56
CA THR A 3 -4.56 15.60 -20.71
C THR A 3 -3.18 15.68 -20.04
N SER A 4 -3.04 15.07 -18.88
CA SER A 4 -1.77 15.12 -18.19
C SER A 4 -1.53 13.79 -17.47
N SER A 5 -0.38 13.62 -16.87
CA SER A 5 -0.11 12.38 -16.16
C SER A 5 -0.72 12.45 -14.77
N GLU A 6 -0.33 11.55 -13.90
CA GLU A 6 -0.84 11.57 -12.54
C GLU A 6 0.33 11.81 -11.58
N GLU A 7 0.07 12.20 -10.38
CA GLU A 7 1.14 12.42 -9.42
C GLU A 7 0.92 11.43 -8.27
N VAL A 8 1.89 11.15 -7.45
CA VAL A 8 1.68 10.16 -6.42
C VAL A 8 1.32 10.84 -5.09
N LEU A 9 0.66 10.10 -4.25
CA LEU A 9 0.19 10.67 -2.98
C LEU A 9 1.13 10.31 -1.81
N LEU A 10 1.57 9.09 -1.63
CA LEU A 10 2.44 8.85 -0.49
C LEU A 10 3.25 7.58 -0.71
N ILE A 11 4.47 7.57 -0.28
CA ILE A 11 5.29 6.39 -0.46
C ILE A 11 6.14 6.16 0.79
N VAL A 12 6.27 4.93 1.20
CA VAL A 12 7.10 4.66 2.34
C VAL A 12 8.34 3.89 1.89
N LYS A 13 9.46 4.56 1.87
CA LYS A 13 10.71 3.95 1.45
C LYS A 13 10.98 2.72 2.30
N LYS A 14 10.35 2.64 3.41
CA LYS A 14 10.54 1.52 4.27
C LYS A 14 9.24 0.73 4.42
N VAL A 15 9.27 -0.53 4.09
CA VAL A 15 8.10 -1.34 4.33
C VAL A 15 8.55 -2.77 4.56
N ARG A 16 7.82 -3.48 5.36
CA ARG A 16 8.17 -4.85 5.62
C ARG A 16 7.03 -5.72 5.20
N GLN A 17 7.32 -6.87 4.73
CA GLN A 17 6.29 -7.77 4.32
C GLN A 17 6.83 -9.17 4.55
N LYS A 18 6.08 -10.02 5.20
CA LYS A 18 6.59 -11.34 5.56
C LYS A 18 7.49 -11.90 4.46
N LYS A 19 7.34 -11.47 3.24
CA LYS A 19 8.22 -11.98 2.21
C LYS A 19 9.59 -11.29 2.28
N GLN A 20 9.59 -9.98 2.26
CA GLN A 20 10.81 -9.22 2.24
C GLN A 20 10.60 -7.86 2.89
N ASP A 21 11.64 -7.15 3.16
CA ASP A 21 11.45 -5.82 3.71
C ASP A 21 11.79 -4.96 2.50
N GLY A 22 10.91 -4.06 2.17
CA GLY A 22 11.12 -3.27 0.99
C GLY A 22 10.29 -2.00 0.98
N ALA A 23 10.62 -1.10 0.11
CA ALA A 23 9.96 0.18 0.08
C ALA A 23 8.67 0.14 -0.72
N LEU A 24 7.65 0.61 -0.08
CA LEU A 24 6.30 0.57 -0.63
C LEU A 24 5.90 1.97 -1.06
N TYR A 25 5.26 2.07 -2.19
CA TYR A 25 4.87 3.34 -2.75
C TYR A 25 3.35 3.40 -2.86
N LEU A 26 2.74 4.51 -2.55
CA LEU A 26 1.30 4.58 -2.71
C LEU A 26 1.04 5.63 -3.78
N MET A 27 0.21 5.30 -4.73
CA MET A 27 -0.08 6.24 -5.78
C MET A 27 -1.59 6.49 -5.80
N ALA A 28 -1.98 7.65 -6.24
CA ALA A 28 -3.39 8.00 -6.27
C ALA A 28 -4.24 6.77 -6.64
N GLU A 29 -3.89 6.05 -7.66
CA GLU A 29 -4.71 4.92 -8.05
C GLU A 29 -4.04 3.58 -7.76
N ARG A 30 -2.84 3.51 -7.25
CA ARG A 30 -2.27 2.18 -7.05
C ARG A 30 -1.16 2.15 -6.00
N ILE A 31 -0.85 0.96 -5.57
CA ILE A 31 0.20 0.76 -4.59
C ILE A 31 1.39 0.13 -5.30
N ALA A 32 2.59 0.51 -4.95
CA ALA A 32 3.75 -0.04 -5.62
C ALA A 32 4.79 -0.53 -4.62
N TRP A 33 5.59 -1.48 -5.04
CA TRP A 33 6.62 -1.97 -4.15
C TRP A 33 7.97 -1.84 -4.82
N ALA A 34 8.96 -1.45 -4.07
CA ALA A 34 10.29 -1.28 -4.63
C ALA A 34 11.38 -1.50 -3.57
N PRO A 35 12.56 -1.86 -4.04
CA PRO A 35 13.67 -2.05 -3.08
C PRO A 35 14.72 -0.94 -3.28
N GLU A 36 15.29 -0.45 -2.22
CA GLU A 36 16.27 0.61 -2.34
C GLU A 36 17.52 0.09 -3.08
N GLY A 37 17.52 0.16 -4.39
CA GLY A 37 18.67 -0.30 -5.15
C GLY A 37 18.64 0.31 -6.55
N LYS A 38 19.17 -0.37 -7.52
CA LYS A 38 19.14 0.15 -8.88
C LYS A 38 17.89 -0.37 -9.58
N ASP A 39 16.82 -0.50 -8.84
CA ASP A 39 15.56 -0.95 -9.38
C ASP A 39 14.50 -0.57 -8.34
N ARG A 40 13.52 0.22 -8.64
CA ARG A 40 12.57 0.57 -7.60
C ARG A 40 11.23 -0.10 -7.88
N PHE A 41 10.40 0.57 -8.62
CA PHE A 41 9.08 0.03 -8.92
C PHE A 41 9.15 -1.47 -9.18
N THR A 42 8.91 -2.22 -8.15
CA THR A 42 8.93 -3.66 -8.24
C THR A 42 7.48 -4.18 -8.21
N ILE A 43 6.54 -3.33 -7.90
CA ILE A 43 5.16 -3.76 -7.87
C ILE A 43 4.23 -2.58 -8.14
N SER A 44 3.06 -2.87 -8.63
CA SER A 44 2.11 -1.80 -8.86
C SER A 44 0.70 -2.38 -9.01
N HIS A 45 -0.12 -2.26 -7.99
CA HIS A 45 -1.47 -2.79 -8.09
C HIS A 45 -2.45 -1.62 -8.16
N MET A 46 -3.12 -1.46 -9.27
CA MET A 46 -4.05 -0.38 -9.40
C MET A 46 -5.24 -0.59 -8.46
N TYR A 47 -5.31 0.19 -7.43
CA TYR A 47 -6.38 0.08 -6.46
C TYR A 47 -7.68 -0.40 -7.14
N ALA A 48 -8.04 0.14 -8.28
CA ALA A 48 -9.27 -0.31 -8.95
C ALA A 48 -9.05 -1.75 -9.47
N ASP A 49 -7.92 -1.99 -10.06
CA ASP A 49 -7.59 -3.32 -10.56
C ASP A 49 -7.43 -4.28 -9.40
N ILE A 50 -7.48 -3.79 -8.19
CA ILE A 50 -7.34 -4.66 -7.05
C ILE A 50 -8.52 -4.43 -6.10
N LYS A 51 -9.19 -5.43 -5.61
CA LYS A 51 -10.29 -5.11 -4.72
C LYS A 51 -10.47 -6.15 -3.64
N CYS A 52 -10.04 -5.81 -2.47
CA CYS A 52 -10.19 -6.66 -1.34
C CYS A 52 -9.43 -6.04 -0.20
N GLN A 53 -10.06 -5.72 0.87
CA GLN A 53 -9.31 -5.04 1.90
C GLN A 53 -9.73 -5.50 3.29
N LYS A 54 -8.75 -6.01 3.99
CA LYS A 54 -8.92 -6.52 5.31
C LYS A 54 -7.98 -5.75 6.25
N ILE A 55 -8.49 -5.15 7.29
CA ILE A 55 -7.61 -4.41 8.17
C ILE A 55 -7.50 -5.17 9.49
N SER A 56 -6.40 -5.86 9.69
CA SER A 56 -6.24 -6.61 10.92
C SER A 56 -5.04 -6.15 11.77
N PRO A 57 -4.43 -5.03 11.45
CA PRO A 57 -3.30 -4.65 12.34
C PRO A 57 -3.80 -3.93 13.58
N GLU A 58 -5.06 -4.05 13.90
CA GLU A 58 -5.57 -3.40 15.10
C GLU A 58 -4.99 -4.15 16.31
N GLY A 59 -4.68 -5.41 16.13
CA GLY A 59 -4.11 -6.19 17.21
C GLY A 59 -3.05 -7.12 16.63
N LYS A 60 -2.20 -6.61 15.77
CA LYS A 60 -1.17 -7.44 15.17
C LYS A 60 0.18 -7.09 15.83
N ALA A 61 1.21 -6.86 15.06
CA ALA A 61 2.48 -6.51 15.65
C ALA A 61 2.70 -5.01 15.45
N LYS A 62 2.06 -4.46 14.46
CA LYS A 62 2.16 -3.05 14.21
C LYS A 62 1.16 -2.65 13.14
N ILE A 63 1.45 -3.05 11.95
CA ILE A 63 0.59 -2.65 10.85
C ILE A 63 0.78 -3.48 9.57
N GLN A 64 0.14 -4.62 9.48
CA GLN A 64 0.23 -5.42 8.27
C GLN A 64 -1.16 -5.39 7.61
N LEU A 65 -1.24 -5.04 6.36
CA LEU A 65 -2.55 -4.98 5.74
C LEU A 65 -2.71 -6.06 4.66
N GLN A 66 -3.93 -6.30 4.24
CA GLN A 66 -4.17 -7.31 3.23
C GLN A 66 -5.08 -6.75 2.11
N LEU A 67 -4.67 -6.93 0.89
CA LEU A 67 -5.44 -6.42 -0.22
C LEU A 67 -5.51 -7.50 -1.30
N VAL A 68 -6.65 -7.71 -1.90
CA VAL A 68 -6.72 -8.72 -2.94
C VAL A 68 -7.04 -8.09 -4.27
N LEU A 69 -6.71 -8.78 -5.28
CA LEU A 69 -6.89 -8.27 -6.61
C LEU A 69 -8.25 -8.70 -7.15
N HIS A 70 -8.86 -7.90 -7.99
CA HIS A 70 -10.16 -8.28 -8.54
C HIS A 70 -10.04 -9.74 -8.95
N ALA A 71 -8.84 -10.11 -9.34
CA ALA A 71 -8.56 -11.47 -9.70
C ALA A 71 -8.35 -12.26 -8.41
N GLY A 72 -7.46 -13.21 -8.40
CA GLY A 72 -7.25 -14.01 -7.21
C GLY A 72 -5.83 -13.81 -6.69
N ASP A 73 -5.46 -12.60 -6.48
CA ASP A 73 -4.11 -12.33 -6.01
C ASP A 73 -4.18 -11.45 -4.78
N THR A 74 -3.42 -11.77 -3.78
CA THR A 74 -3.45 -11.00 -2.57
C THR A 74 -2.18 -10.18 -2.44
N THR A 75 -2.29 -9.06 -1.77
CA THR A 75 -1.15 -8.21 -1.56
C THR A 75 -1.01 -8.05 -0.04
N ASN A 76 0.00 -8.61 0.55
CA ASN A 76 0.13 -8.48 1.99
C ASN A 76 1.31 -7.58 2.30
N PHE A 77 1.12 -6.63 3.16
CA PHE A 77 2.23 -5.76 3.47
C PHE A 77 2.30 -5.47 4.97
N HIS A 78 3.44 -5.04 5.40
CA HIS A 78 3.70 -4.78 6.80
C HIS A 78 4.60 -3.54 6.91
N PHE A 79 4.78 -3.04 8.10
CA PHE A 79 5.65 -1.90 8.27
C PHE A 79 6.53 -2.13 9.49
N SER A 80 7.71 -1.60 9.50
CA SER A 80 8.53 -1.77 10.69
C SER A 80 9.85 -1.02 10.57
N ASN A 81 10.19 -0.27 11.59
CA ASN A 81 11.44 0.45 11.58
C ASN A 81 11.95 0.62 13.01
N GLU A 82 13.24 0.75 13.18
CA GLU A 82 13.76 0.91 14.51
C GLU A 82 12.95 1.99 15.24
N SER A 83 12.37 2.91 14.51
CA SER A 83 11.60 3.95 15.17
C SER A 83 10.45 4.47 14.28
N THR A 84 10.18 3.88 13.14
CA THR A 84 9.09 4.38 12.34
C THR A 84 8.07 3.26 12.16
N ALA A 85 7.94 2.44 13.15
CA ALA A 85 7.00 1.33 13.05
C ALA A 85 5.62 1.69 13.62
N VAL A 86 5.24 2.94 13.73
CA VAL A 86 3.93 3.22 14.32
C VAL A 86 3.13 4.26 13.51
N LYS A 87 2.67 5.33 14.14
CA LYS A 87 1.87 6.34 13.46
C LYS A 87 2.30 6.48 12.00
N GLU A 88 3.56 6.61 11.77
CA GLU A 88 4.05 6.71 10.39
C GLU A 88 3.38 5.63 9.54
N ARG A 89 3.73 4.40 9.81
CA ARG A 89 3.16 3.29 9.10
C ARG A 89 1.66 3.34 9.31
N ASP A 90 1.28 3.28 10.55
CA ASP A 90 -0.13 3.31 10.91
C ASP A 90 -0.86 4.27 9.97
N ALA A 91 -0.21 5.35 9.62
CA ALA A 91 -0.81 6.29 8.70
C ALA A 91 -0.91 5.64 7.33
N VAL A 92 0.20 5.14 6.80
CA VAL A 92 0.15 4.49 5.49
C VAL A 92 -1.11 3.64 5.41
N LYS A 93 -1.31 2.77 6.37
CA LYS A 93 -2.50 1.94 6.36
C LYS A 93 -3.70 2.88 6.23
N ASP A 94 -3.83 3.81 7.17
CA ASP A 94 -4.93 4.77 7.12
C ASP A 94 -5.19 5.16 5.67
N LEU A 95 -4.23 5.76 5.05
CA LEU A 95 -4.39 6.15 3.66
C LEU A 95 -5.02 5.00 2.88
N LEU A 96 -4.45 3.82 2.96
CA LEU A 96 -5.00 2.68 2.22
C LEU A 96 -6.52 2.70 2.27
N GLN A 97 -7.10 2.53 3.43
CA GLN A 97 -8.56 2.55 3.51
C GLN A 97 -9.09 3.95 3.25
N GLN A 98 -8.20 4.88 3.07
CA GLN A 98 -8.60 6.24 2.80
C GLN A 98 -8.79 6.39 1.27
N LEU A 99 -8.03 5.65 0.49
CA LEU A 99 -8.18 5.73 -0.95
C LEU A 99 -9.18 4.66 -1.40
N LEU A 100 -9.31 3.62 -0.62
CA LEU A 100 -10.20 2.55 -0.97
C LEU A 100 -11.52 3.13 -1.48
N PRO A 101 -11.84 4.27 -0.95
CA PRO A 101 -13.07 4.96 -1.37
C PRO A 101 -12.94 5.51 -2.81
N LYS A 102 -11.79 5.97 -3.19
CA LYS A 102 -11.62 6.53 -4.53
C LYS A 102 -12.02 5.54 -5.61
N PHE A 103 -11.80 4.28 -5.41
CA PHE A 103 -12.12 3.34 -6.45
C PHE A 103 -13.29 2.45 -6.00
N LYS A 104 -13.71 2.58 -4.78
CA LYS A 104 -14.82 1.76 -4.31
C LYS A 104 -15.54 2.47 -3.17
N ARG A 105 -16.70 2.98 -3.43
CA ARG A 105 -17.44 3.67 -2.38
C ARG A 105 -18.93 3.37 -2.55
N LYS A 106 -19.51 3.78 -3.65
CA LYS A 106 -20.92 3.54 -3.86
C LYS A 106 -21.19 2.03 -3.78
N ALA A 107 -22.23 1.64 -3.09
CA ALA A 107 -22.53 0.23 -2.97
C ALA A 107 -23.99 -0.02 -3.38
N ASN A 108 -24.91 0.64 -2.73
CA ASN A 108 -26.31 0.44 -3.06
C ASN A 108 -26.92 1.79 -3.46
N MET A 1 8.06 11.58 -19.05
CA MET A 1 6.65 11.20 -18.77
C MET A 1 5.99 12.26 -17.89
N ALA A 2 4.69 12.35 -17.92
CA ALA A 2 4.01 13.34 -17.11
C ALA A 2 4.10 12.92 -15.64
N THR A 3 4.68 13.75 -14.82
CA THR A 3 4.80 13.42 -13.41
C THR A 3 3.64 14.04 -12.64
N SER A 4 3.36 15.30 -12.88
CA SER A 4 2.27 15.94 -12.19
C SER A 4 0.94 15.40 -12.72
N SER A 5 0.98 14.65 -13.78
CA SER A 5 -0.25 14.10 -14.33
C SER A 5 -1.02 13.39 -13.22
N GLU A 6 -0.59 12.21 -12.85
CA GLU A 6 -1.31 11.49 -11.80
C GLU A 6 -1.17 12.24 -10.48
N GLU A 7 -2.02 11.92 -9.54
CA GLU A 7 -1.95 12.57 -8.25
C GLU A 7 -1.71 11.48 -7.20
N VAL A 8 -0.57 11.45 -6.57
CA VAL A 8 -0.32 10.39 -5.61
C VAL A 8 -0.58 10.92 -4.20
N LEU A 9 -0.90 10.06 -3.31
CA LEU A 9 -1.21 10.50 -1.96
C LEU A 9 -0.02 10.34 -0.99
N LEU A 10 0.74 9.26 -1.00
CA LEU A 10 1.83 9.20 -0.05
C LEU A 10 2.74 8.01 -0.34
N ILE A 11 3.95 8.07 0.15
CA ILE A 11 4.87 6.97 -0.06
C ILE A 11 5.67 6.71 1.22
N VAL A 12 5.95 5.46 1.49
CA VAL A 12 6.72 5.11 2.65
C VAL A 12 7.89 4.26 2.17
N LYS A 13 9.10 4.61 2.50
CA LYS A 13 10.18 3.80 2.00
C LYS A 13 10.17 2.45 2.71
N LYS A 14 10.71 2.35 3.86
CA LYS A 14 10.75 1.05 4.50
C LYS A 14 9.38 0.36 4.49
N VAL A 15 9.36 -0.85 3.95
CA VAL A 15 8.15 -1.63 4.04
C VAL A 15 8.52 -3.10 4.04
N ARG A 16 7.71 -3.88 4.67
CA ARG A 16 7.98 -5.29 4.77
C ARG A 16 6.80 -6.08 4.28
N GLN A 17 7.03 -6.94 3.35
CA GLN A 17 5.97 -7.76 2.88
C GLN A 17 6.48 -9.19 2.92
N LYS A 18 5.69 -10.10 3.44
CA LYS A 18 6.15 -11.47 3.65
C LYS A 18 7.10 -11.92 2.52
N LYS A 19 7.03 -11.32 1.38
CA LYS A 19 7.94 -11.70 0.32
C LYS A 19 9.33 -11.07 0.59
N GLN A 20 9.34 -9.79 0.73
CA GLN A 20 10.57 -9.05 0.82
C GLN A 20 10.36 -7.77 1.64
N ASP A 21 11.42 -7.12 2.00
CA ASP A 21 11.27 -5.87 2.70
C ASP A 21 11.65 -4.93 1.57
N GLY A 22 10.83 -3.95 1.35
CA GLY A 22 11.04 -3.06 0.24
C GLY A 22 10.26 -1.78 0.46
N ALA A 23 10.53 -0.75 -0.30
CA ALA A 23 9.82 0.49 -0.07
C ALA A 23 8.49 0.51 -0.81
N LEU A 24 7.51 1.04 -0.13
CA LEU A 24 6.16 1.08 -0.65
C LEU A 24 5.76 2.51 -1.01
N TYR A 25 5.24 2.68 -2.19
CA TYR A 25 4.78 3.97 -2.66
C TYR A 25 3.27 3.89 -2.79
N LEU A 26 2.53 4.90 -2.41
CA LEU A 26 1.09 4.78 -2.54
C LEU A 26 0.59 5.94 -3.41
N MET A 27 -0.34 5.67 -4.29
CA MET A 27 -0.89 6.71 -5.13
C MET A 27 -2.40 6.64 -5.02
N ALA A 28 -3.10 7.74 -5.14
CA ALA A 28 -4.54 7.71 -5.01
C ALA A 28 -5.10 6.47 -5.72
N GLU A 29 -4.84 6.34 -6.99
CA GLU A 29 -5.44 5.23 -7.73
C GLU A 29 -4.60 3.96 -7.67
N ARG A 30 -3.42 3.94 -7.11
CA ARG A 30 -2.71 2.67 -7.10
C ARG A 30 -1.63 2.59 -6.03
N ILE A 31 -1.20 1.39 -5.77
CA ILE A 31 -0.15 1.17 -4.78
C ILE A 31 1.12 0.73 -5.51
N ALA A 32 2.24 1.33 -5.20
CA ALA A 32 3.47 0.96 -5.88
C ALA A 32 4.51 0.41 -4.90
N TRP A 33 5.36 -0.45 -5.37
CA TRP A 33 6.36 -1.01 -4.50
C TRP A 33 7.74 -0.90 -5.15
N ALA A 34 8.72 -0.63 -4.35
CA ALA A 34 10.07 -0.51 -4.86
C ALA A 34 11.06 -0.89 -3.75
N PRO A 35 11.76 -1.98 -3.97
CA PRO A 35 12.75 -2.41 -2.96
C PRO A 35 14.11 -1.77 -3.24
N GLU A 36 15.12 -2.19 -2.53
CA GLU A 36 16.43 -1.62 -2.75
C GLU A 36 17.19 -2.45 -3.79
N GLY A 37 16.60 -2.64 -4.95
CA GLY A 37 17.26 -3.41 -5.97
C GLY A 37 17.95 -2.48 -6.96
N LYS A 38 17.36 -2.28 -8.11
CA LYS A 38 17.97 -1.40 -9.09
C LYS A 38 16.87 -0.56 -9.77
N ASP A 39 15.87 -1.20 -10.28
CA ASP A 39 14.80 -0.47 -10.94
C ASP A 39 13.80 0.01 -9.88
N ARG A 40 14.05 1.18 -9.31
CA ARG A 40 13.17 1.76 -8.27
C ARG A 40 11.78 1.13 -8.31
N PHE A 41 10.85 1.81 -8.89
CA PHE A 41 9.49 1.28 -8.93
C PHE A 41 9.51 -0.20 -9.32
N THR A 42 8.92 -1.01 -8.49
CA THR A 42 8.88 -2.43 -8.75
C THR A 42 7.42 -2.90 -8.84
N ILE A 43 6.50 -2.09 -8.39
CA ILE A 43 5.11 -2.51 -8.45
C ILE A 43 4.17 -1.31 -8.57
N SER A 44 2.99 -1.58 -9.04
CA SER A 44 1.99 -0.55 -9.17
C SER A 44 0.63 -1.19 -9.47
N HIS A 45 -0.22 -1.31 -8.48
CA HIS A 45 -1.52 -1.90 -8.73
C HIS A 45 -2.62 -0.84 -8.65
N MET A 46 -3.36 -0.67 -9.70
CA MET A 46 -4.44 0.30 -9.66
C MET A 46 -5.48 -0.19 -8.66
N TYR A 47 -5.61 0.48 -7.56
CA TYR A 47 -6.54 0.05 -6.52
C TYR A 47 -7.81 -0.58 -7.12
N ALA A 48 -8.33 -0.10 -8.21
CA ALA A 48 -9.52 -0.74 -8.79
C ALA A 48 -9.11 -2.14 -9.26
N ASP A 49 -8.00 -2.21 -9.93
CA ASP A 49 -7.46 -3.49 -10.38
C ASP A 49 -7.20 -4.39 -9.16
N ILE A 50 -7.38 -3.86 -7.98
CA ILE A 50 -7.18 -4.64 -6.78
C ILE A 50 -8.47 -4.56 -5.95
N LYS A 51 -9.23 -5.63 -5.77
CA LYS A 51 -10.41 -5.43 -4.96
C LYS A 51 -10.55 -6.48 -3.86
N CYS A 52 -10.23 -6.05 -2.70
CA CYS A 52 -10.37 -6.84 -1.50
C CYS A 52 -9.71 -6.03 -0.41
N GLN A 53 -10.30 -5.86 0.73
CA GLN A 53 -9.64 -5.03 1.69
C GLN A 53 -9.81 -5.53 3.11
N LYS A 54 -8.70 -5.67 3.79
CA LYS A 54 -8.70 -6.10 5.16
C LYS A 54 -7.57 -5.33 5.85
N ILE A 55 -7.90 -4.44 6.76
CA ILE A 55 -6.85 -3.69 7.40
C ILE A 55 -7.18 -3.50 8.88
N SER A 56 -6.57 -4.25 9.73
CA SER A 56 -6.83 -4.09 11.14
C SER A 56 -5.56 -3.69 11.90
N PRO A 57 -4.63 -3.02 11.24
CA PRO A 57 -3.41 -2.65 12.00
C PRO A 57 -3.72 -1.62 13.09
N GLU A 58 -4.92 -1.16 13.17
CA GLU A 58 -5.24 -0.19 14.20
C GLU A 58 -4.79 -0.78 15.55
N GLY A 59 -4.78 -2.08 15.66
CA GLY A 59 -4.34 -2.71 16.90
C GLY A 59 -3.58 -4.01 16.56
N LYS A 60 -2.72 -4.01 15.56
CA LYS A 60 -2.05 -5.26 15.23
C LYS A 60 -0.54 -5.21 15.45
N ALA A 61 0.10 -6.30 15.10
CA ALA A 61 1.55 -6.43 15.24
C ALA A 61 2.24 -5.08 15.07
N LYS A 62 2.25 -4.53 13.89
CA LYS A 62 2.90 -3.25 13.72
C LYS A 62 2.50 -2.56 12.42
N ILE A 63 1.26 -2.59 12.00
CA ILE A 63 0.86 -1.90 10.77
C ILE A 63 1.05 -2.77 9.51
N GLN A 64 0.09 -3.63 9.29
CA GLN A 64 0.10 -4.54 8.14
C GLN A 64 -1.28 -4.52 7.48
N LEU A 65 -1.34 -4.40 6.17
CA LEU A 65 -2.63 -4.38 5.51
C LEU A 65 -2.74 -5.54 4.51
N GLN A 66 -3.94 -5.82 4.03
CA GLN A 66 -4.11 -6.90 3.08
C GLN A 66 -5.23 -6.52 2.08
N LEU A 67 -4.93 -6.59 0.81
CA LEU A 67 -5.90 -6.25 -0.20
C LEU A 67 -5.79 -7.32 -1.28
N VAL A 68 -6.85 -7.62 -1.95
CA VAL A 68 -6.75 -8.65 -2.97
C VAL A 68 -7.10 -8.12 -4.34
N LEU A 69 -6.63 -8.82 -5.31
CA LEU A 69 -6.85 -8.46 -6.67
C LEU A 69 -8.20 -9.06 -7.10
N HIS A 70 -8.96 -8.40 -7.94
CA HIS A 70 -10.22 -8.99 -8.37
C HIS A 70 -9.88 -10.42 -8.80
N ALA A 71 -8.72 -10.54 -9.40
CA ALA A 71 -8.23 -11.82 -9.81
C ALA A 71 -7.92 -12.64 -8.55
N GLY A 72 -7.01 -13.56 -8.62
CA GLY A 72 -6.71 -14.38 -7.47
C GLY A 72 -5.35 -14.00 -6.93
N ASP A 73 -5.20 -12.74 -6.66
CA ASP A 73 -3.94 -12.25 -6.19
C ASP A 73 -4.15 -11.42 -4.94
N THR A 74 -3.28 -11.57 -3.99
CA THR A 74 -3.42 -10.82 -2.76
C THR A 74 -2.33 -9.77 -2.72
N THR A 75 -2.53 -8.74 -1.98
CA THR A 75 -1.53 -7.72 -1.85
C THR A 75 -1.31 -7.54 -0.37
N ASN A 76 -0.22 -8.02 0.17
CA ASN A 76 0.00 -7.87 1.59
C ASN A 76 1.15 -6.91 1.81
N PHE A 77 1.04 -6.05 2.78
CA PHE A 77 2.13 -5.12 2.98
C PHE A 77 2.23 -4.73 4.46
N HIS A 78 3.43 -4.59 4.92
CA HIS A 78 3.63 -4.30 6.34
C HIS A 78 4.76 -3.29 6.56
N PHE A 79 4.80 -2.73 7.74
CA PHE A 79 5.84 -1.78 8.09
C PHE A 79 6.08 -1.90 9.63
N SER A 80 7.29 -1.74 10.13
CA SER A 80 7.46 -1.79 11.59
C SER A 80 8.90 -1.51 12.00
N ASN A 81 9.56 -0.57 11.39
CA ASN A 81 10.93 -0.30 11.77
C ASN A 81 11.05 -0.22 13.29
N GLU A 82 12.17 -0.64 13.82
CA GLU A 82 12.35 -0.60 15.27
C GLU A 82 11.77 0.69 15.82
N SER A 83 12.12 1.81 15.25
CA SER A 83 11.61 3.07 15.76
C SER A 83 10.61 3.67 14.76
N THR A 84 10.46 3.09 13.60
CA THR A 84 9.51 3.66 12.65
C THR A 84 8.32 2.68 12.51
N ALA A 85 8.09 1.89 13.52
CA ALA A 85 6.93 1.02 13.51
C ALA A 85 5.77 1.73 14.21
N VAL A 86 5.35 2.85 13.73
CA VAL A 86 4.27 3.54 14.43
C VAL A 86 3.42 4.39 13.47
N LYS A 87 2.82 5.43 14.01
CA LYS A 87 1.97 6.31 13.22
C LYS A 87 2.54 6.52 11.82
N GLU A 88 3.83 6.50 11.64
CA GLU A 88 4.37 6.72 10.31
C GLU A 88 3.62 5.83 9.31
N ARG A 89 3.91 4.58 9.32
CA ARG A 89 3.24 3.68 8.42
C ARG A 89 1.78 3.60 8.87
N ASP A 90 1.57 3.67 10.16
CA ASP A 90 0.22 3.67 10.68
C ASP A 90 -0.56 4.81 10.00
N ALA A 91 0.14 5.71 9.34
CA ALA A 91 -0.52 6.75 8.60
C ALA A 91 -0.61 6.27 7.16
N VAL A 92 0.38 5.50 6.74
CA VAL A 92 0.31 4.93 5.40
C VAL A 92 -0.96 4.10 5.40
N LYS A 93 -1.07 3.24 6.37
CA LYS A 93 -2.27 2.45 6.49
C LYS A 93 -3.43 3.44 6.59
N ASP A 94 -3.30 4.41 7.47
CA ASP A 94 -4.32 5.45 7.64
C ASP A 94 -4.71 5.99 6.25
N LEU A 95 -3.86 5.85 5.29
CA LEU A 95 -4.21 6.32 3.95
C LEU A 95 -4.92 5.18 3.21
N LEU A 96 -4.34 4.03 3.25
CA LEU A 96 -4.89 2.86 2.60
C LEU A 96 -6.42 2.83 2.73
N GLN A 97 -6.91 2.63 3.91
CA GLN A 97 -8.36 2.58 4.12
C GLN A 97 -8.99 3.94 3.76
N GLN A 98 -8.21 4.90 3.36
CA GLN A 98 -8.76 6.18 2.98
C GLN A 98 -9.04 6.16 1.48
N LEU A 99 -8.17 5.56 0.70
CA LEU A 99 -8.39 5.49 -0.73
C LEU A 99 -9.28 4.28 -1.02
N LEU A 100 -9.21 3.28 -0.20
CA LEU A 100 -9.99 2.08 -0.42
C LEU A 100 -11.43 2.48 -0.74
N PRO A 101 -11.84 3.55 -0.11
CA PRO A 101 -13.21 4.07 -0.33
C PRO A 101 -13.30 4.79 -1.69
N LYS A 102 -12.23 4.85 -2.41
CA LYS A 102 -12.22 5.55 -3.69
C LYS A 102 -12.65 4.63 -4.83
N PHE A 103 -12.19 3.41 -4.83
CA PHE A 103 -12.54 2.49 -5.91
C PHE A 103 -13.58 1.50 -5.42
N LYS A 104 -14.03 1.64 -4.21
CA LYS A 104 -15.03 0.73 -3.68
C LYS A 104 -15.74 1.37 -2.49
N ARG A 105 -16.97 1.74 -2.65
CA ARG A 105 -17.71 2.35 -1.55
C ARG A 105 -19.05 1.63 -1.39
N LYS A 106 -19.89 1.71 -2.38
CA LYS A 106 -21.18 1.05 -2.30
C LYS A 106 -21.05 -0.37 -2.85
N ALA A 107 -22.12 -1.13 -2.80
CA ALA A 107 -22.06 -2.49 -3.31
C ALA A 107 -23.47 -2.98 -3.61
N ASN A 108 -23.59 -4.18 -4.11
CA ASN A 108 -24.90 -4.71 -4.43
C ASN A 108 -24.96 -6.20 -4.06
N MET A 1 -2.45 21.99 -13.17
CA MET A 1 -2.48 21.75 -14.63
C MET A 1 -1.05 21.65 -15.16
N ALA A 2 -0.14 21.16 -14.36
CA ALA A 2 1.23 21.05 -14.81
C ALA A 2 1.33 20.01 -15.93
N THR A 3 1.11 18.76 -15.62
CA THR A 3 1.18 17.74 -16.65
C THR A 3 0.15 16.65 -16.36
N SER A 4 -0.71 16.36 -17.30
CA SER A 4 -1.71 15.32 -17.07
C SER A 4 -1.02 14.00 -16.76
N SER A 5 -0.67 13.79 -15.52
CA SER A 5 0.00 12.54 -15.16
C SER A 5 -0.77 11.88 -14.01
N GLU A 6 -0.34 10.72 -13.59
CA GLU A 6 -1.04 10.05 -12.51
C GLU A 6 -0.89 10.85 -11.22
N GLU A 7 -1.74 10.60 -10.26
CA GLU A 7 -1.66 11.31 -9.00
C GLU A 7 -1.43 10.31 -7.88
N VAL A 8 -0.27 10.29 -7.27
CA VAL A 8 -0.02 9.32 -6.23
C VAL A 8 -0.22 9.97 -4.86
N LEU A 9 -0.52 9.18 -3.88
CA LEU A 9 -0.79 9.74 -2.56
C LEU A 9 0.43 9.66 -1.63
N LEU A 10 1.19 8.60 -1.58
CA LEU A 10 2.31 8.63 -0.66
C LEU A 10 3.19 7.39 -0.80
N ILE A 11 4.41 7.50 -0.37
CA ILE A 11 5.32 6.37 -0.46
C ILE A 11 6.18 6.30 0.81
N VAL A 12 6.45 5.11 1.28
CA VAL A 12 7.29 4.95 2.44
C VAL A 12 8.44 4.03 2.04
N LYS A 13 9.65 4.44 2.25
CA LYS A 13 10.73 3.58 1.82
C LYS A 13 10.68 2.29 2.63
N LYS A 14 11.20 2.28 3.80
CA LYS A 14 11.22 1.04 4.53
C LYS A 14 9.84 0.37 4.56
N VAL A 15 9.80 -0.88 4.11
CA VAL A 15 8.58 -1.64 4.23
C VAL A 15 8.96 -3.10 4.35
N ARG A 16 8.18 -3.82 5.10
CA ARG A 16 8.46 -5.20 5.32
C ARG A 16 7.26 -6.00 4.88
N GLN A 17 7.49 -7.04 4.17
CA GLN A 17 6.40 -7.85 3.74
C GLN A 17 6.85 -9.30 3.88
N LYS A 18 6.00 -10.13 4.43
CA LYS A 18 6.39 -11.50 4.73
C LYS A 18 7.33 -12.07 3.66
N LYS A 19 7.32 -11.54 2.47
CA LYS A 19 8.25 -12.05 1.48
C LYS A 19 9.63 -11.39 1.65
N GLN A 20 9.64 -10.09 1.66
CA GLN A 20 10.87 -9.33 1.70
C GLN A 20 10.67 -7.99 2.38
N ASP A 21 11.73 -7.31 2.68
CA ASP A 21 11.61 -6.00 3.24
C ASP A 21 11.99 -5.17 2.04
N GLY A 22 11.20 -4.20 1.75
CA GLY A 22 11.42 -3.40 0.56
C GLY A 22 10.66 -2.11 0.68
N ALA A 23 10.95 -1.15 -0.14
CA ALA A 23 10.26 0.09 -0.02
C ALA A 23 8.92 0.06 -0.76
N LEU A 24 7.94 0.60 -0.10
CA LEU A 24 6.59 0.56 -0.63
C LEU A 24 6.15 1.95 -1.09
N TYR A 25 5.57 2.01 -2.26
CA TYR A 25 5.09 3.25 -2.83
C TYR A 25 3.57 3.16 -2.91
N LEU A 26 2.85 4.19 -2.59
CA LEU A 26 1.40 4.08 -2.69
C LEU A 26 0.92 5.07 -3.73
N MET A 27 0.03 4.65 -4.58
CA MET A 27 -0.50 5.53 -5.59
C MET A 27 -2.02 5.51 -5.47
N ALA A 28 -2.68 6.62 -5.67
CA ALA A 28 -4.12 6.63 -5.55
C ALA A 28 -4.69 5.38 -6.22
N GLU A 29 -4.40 5.21 -7.48
CA GLU A 29 -5.01 4.11 -8.21
C GLU A 29 -4.21 2.81 -8.05
N ARG A 30 -3.06 2.78 -7.42
CA ARG A 30 -2.40 1.49 -7.31
C ARG A 30 -1.29 1.52 -6.25
N ILE A 31 -0.85 0.36 -5.85
CA ILE A 31 0.20 0.27 -4.86
C ILE A 31 1.48 -0.21 -5.55
N ALA A 32 2.61 0.40 -5.25
CA ALA A 32 3.83 -0.01 -5.92
C ALA A 32 4.89 -0.45 -4.91
N TRP A 33 5.70 -1.40 -5.28
CA TRP A 33 6.72 -1.87 -4.38
C TRP A 33 8.09 -1.82 -5.03
N ALA A 34 9.08 -1.49 -4.25
CA ALA A 34 10.43 -1.43 -4.77
C ALA A 34 11.43 -1.73 -3.65
N PRO A 35 12.21 -2.76 -3.86
CA PRO A 35 13.21 -3.11 -2.83
C PRO A 35 14.39 -2.13 -2.86
N GLU A 36 14.83 -1.75 -4.03
CA GLU A 36 15.93 -0.82 -4.11
C GLU A 36 15.71 0.16 -5.26
N GLY A 37 16.69 0.96 -5.58
CA GLY A 37 16.53 1.91 -6.66
C GLY A 37 16.66 1.18 -8.00
N LYS A 38 17.26 0.03 -8.01
CA LYS A 38 17.43 -0.71 -9.24
C LYS A 38 16.05 -1.18 -9.73
N ASP A 39 15.04 -1.02 -8.93
CA ASP A 39 13.71 -1.45 -9.34
C ASP A 39 12.66 -0.54 -8.70
N ARG A 40 12.90 0.76 -8.74
CA ARG A 40 11.99 1.73 -8.14
C ARG A 40 10.55 1.23 -8.13
N PHE A 41 10.18 0.54 -9.14
CA PHE A 41 8.82 0.02 -9.19
C PHE A 41 8.82 -1.48 -9.42
N THR A 42 9.11 -2.23 -8.39
CA THR A 42 9.12 -3.67 -8.50
C THR A 42 7.67 -4.19 -8.51
N ILE A 43 6.74 -3.34 -8.17
CA ILE A 43 5.35 -3.79 -8.16
C ILE A 43 4.39 -2.64 -8.42
N SER A 44 3.20 -2.98 -8.85
CA SER A 44 2.19 -1.98 -9.10
C SER A 44 0.83 -2.64 -9.29
N HIS A 45 -0.03 -2.61 -8.29
CA HIS A 45 -1.35 -3.21 -8.45
C HIS A 45 -2.40 -2.10 -8.50
N MET A 46 -3.15 -2.04 -9.55
CA MET A 46 -4.17 -1.02 -9.63
C MET A 46 -5.29 -1.33 -8.64
N TYR A 47 -5.49 -0.45 -7.70
CA TYR A 47 -6.51 -0.66 -6.70
C TYR A 47 -7.80 -1.26 -7.34
N ALA A 48 -8.26 -0.76 -8.47
CA ALA A 48 -9.45 -1.35 -9.10
C ALA A 48 -9.05 -2.75 -9.63
N ASP A 49 -7.84 -2.83 -10.07
CA ASP A 49 -7.24 -4.08 -10.56
C ASP A 49 -7.10 -5.07 -9.40
N ILE A 50 -7.42 -4.65 -8.21
CA ILE A 50 -7.32 -5.53 -7.07
C ILE A 50 -8.55 -5.31 -6.16
N LYS A 51 -9.19 -6.35 -5.64
CA LYS A 51 -10.31 -6.03 -4.78
C LYS A 51 -10.40 -6.96 -3.57
N CYS A 52 -10.00 -6.44 -2.48
CA CYS A 52 -10.09 -7.10 -1.20
C CYS A 52 -9.33 -6.22 -0.23
N GLN A 53 -9.85 -5.93 0.91
CA GLN A 53 -9.10 -5.04 1.77
C GLN A 53 -9.26 -5.42 3.23
N LYS A 54 -8.14 -5.58 3.89
CA LYS A 54 -8.14 -5.92 5.28
C LYS A 54 -7.00 -5.14 5.94
N ILE A 55 -7.30 -4.20 6.79
CA ILE A 55 -6.24 -3.45 7.44
C ILE A 55 -6.71 -2.99 8.81
N SER A 56 -6.27 -3.67 9.83
CA SER A 56 -6.65 -3.28 11.17
C SER A 56 -5.42 -2.93 12.02
N PRO A 57 -4.41 -2.35 11.42
CA PRO A 57 -3.22 -2.07 12.26
C PRO A 57 -3.47 -0.89 13.21
N GLU A 58 -4.52 -0.94 13.97
CA GLU A 58 -4.77 0.13 14.92
C GLU A 58 -4.37 -0.38 16.30
N GLY A 59 -4.37 -1.67 16.47
CA GLY A 59 -3.95 -2.28 17.71
C GLY A 59 -3.21 -3.57 17.34
N LYS A 60 -2.60 -3.58 16.18
CA LYS A 60 -1.95 -4.79 15.71
C LYS A 60 -0.43 -4.79 15.98
N ALA A 61 0.22 -5.80 15.48
CA ALA A 61 1.65 -5.93 15.65
C ALA A 61 2.31 -4.56 15.47
N LYS A 62 2.32 -4.04 14.27
CA LYS A 62 2.89 -2.72 14.08
C LYS A 62 2.63 -2.20 12.66
N ILE A 63 1.40 -2.20 12.18
CA ILE A 63 1.06 -1.71 10.83
C ILE A 63 1.21 -2.77 9.72
N GLN A 64 0.20 -3.60 9.62
CA GLN A 64 0.16 -4.62 8.59
C GLN A 64 -1.17 -4.49 7.82
N LEU A 65 -1.13 -4.47 6.52
CA LEU A 65 -2.36 -4.36 5.77
C LEU A 65 -2.45 -5.50 4.74
N GLN A 66 -3.61 -5.70 4.15
CA GLN A 66 -3.74 -6.78 3.18
C GLN A 66 -4.80 -6.43 2.11
N LEU A 67 -4.48 -6.68 0.86
CA LEU A 67 -5.39 -6.39 -0.21
C LEU A 67 -5.38 -7.59 -1.15
N VAL A 68 -6.44 -7.83 -1.85
CA VAL A 68 -6.41 -8.97 -2.74
C VAL A 68 -6.84 -8.58 -4.13
N LEU A 69 -6.43 -9.37 -5.05
CA LEU A 69 -6.68 -9.12 -6.44
C LEU A 69 -7.99 -9.78 -6.83
N HIS A 70 -8.79 -9.16 -7.69
CA HIS A 70 -10.02 -9.81 -8.10
C HIS A 70 -9.67 -11.25 -8.43
N ALA A 71 -8.46 -11.42 -8.89
CA ALA A 71 -7.95 -12.73 -9.20
C ALA A 71 -7.64 -13.43 -7.87
N GLY A 72 -6.74 -14.36 -7.88
CA GLY A 72 -6.42 -15.09 -6.66
C GLY A 72 -5.05 -14.69 -6.18
N ASP A 73 -4.86 -13.41 -6.08
CA ASP A 73 -3.57 -12.91 -5.66
C ASP A 73 -3.78 -11.92 -4.53
N THR A 74 -3.03 -12.08 -3.50
CA THR A 74 -3.17 -11.19 -2.37
C THR A 74 -1.99 -10.25 -2.34
N THR A 75 -2.11 -9.17 -1.64
CA THR A 75 -1.02 -8.25 -1.55
C THR A 75 -0.93 -7.88 -0.07
N ASN A 76 0.03 -8.40 0.63
CA ASN A 76 0.11 -8.07 2.03
C ASN A 76 1.33 -7.19 2.24
N PHE A 77 1.28 -6.28 3.14
CA PHE A 77 2.43 -5.44 3.35
C PHE A 77 2.56 -5.04 4.80
N HIS A 78 3.77 -4.88 5.22
CA HIS A 78 4.02 -4.55 6.61
C HIS A 78 5.16 -3.55 6.71
N PHE A 79 5.29 -2.97 7.85
CA PHE A 79 6.33 -2.00 8.10
C PHE A 79 6.94 -2.38 9.44
N SER A 80 8.23 -2.28 9.68
CA SER A 80 8.72 -2.66 10.98
C SER A 80 10.15 -2.15 11.17
N ASN A 81 10.41 -1.46 12.24
CA ASN A 81 11.75 -0.95 12.47
C ASN A 81 11.97 -0.84 13.99
N GLU A 82 12.64 0.18 14.42
CA GLU A 82 12.86 0.34 15.85
C GLU A 82 11.92 1.43 16.37
N SER A 83 11.69 2.45 15.59
CA SER A 83 10.81 3.51 16.05
C SER A 83 10.09 4.21 14.88
N THR A 84 10.15 3.68 13.67
CA THR A 84 9.47 4.36 12.58
C THR A 84 8.50 3.35 11.94
N ALA A 85 8.25 2.27 12.62
CA ALA A 85 7.33 1.29 12.08
C ALA A 85 5.87 1.48 12.52
N VAL A 86 5.45 2.65 12.93
CA VAL A 86 4.06 2.78 13.34
C VAL A 86 3.40 4.00 12.66
N LYS A 87 3.37 5.13 13.32
CA LYS A 87 2.75 6.34 12.76
C LYS A 87 2.95 6.44 11.23
N GLU A 88 4.15 6.69 10.81
CA GLU A 88 4.43 6.84 9.37
C GLU A 88 3.55 5.86 8.58
N ARG A 89 3.80 4.61 8.75
CA ARG A 89 3.01 3.61 8.06
C ARG A 89 1.55 3.84 8.43
N ASP A 90 1.33 4.17 9.68
CA ASP A 90 0.01 4.48 10.14
C ASP A 90 -0.58 5.58 9.24
N ALA A 91 0.27 6.25 8.50
CA ALA A 91 -0.21 7.25 7.58
C ALA A 91 -0.36 6.54 6.23
N VAL A 92 0.54 5.64 5.93
CA VAL A 92 0.43 4.89 4.70
C VAL A 92 -0.92 4.19 4.76
N LYS A 93 -1.14 3.44 5.81
CA LYS A 93 -2.41 2.80 5.96
C LYS A 93 -3.46 3.90 5.89
N ASP A 94 -3.30 4.93 6.70
CA ASP A 94 -4.22 6.05 6.70
C ASP A 94 -4.63 6.39 5.27
N LEU A 95 -3.81 6.08 4.30
CA LEU A 95 -4.19 6.36 2.93
C LEU A 95 -5.01 5.17 2.44
N LEU A 96 -4.52 3.98 2.68
CA LEU A 96 -5.22 2.76 2.26
C LEU A 96 -6.74 2.94 2.44
N GLN A 97 -7.17 3.16 3.65
CA GLN A 97 -8.61 3.31 3.87
C GLN A 97 -9.13 4.61 3.26
N GLN A 98 -8.27 5.38 2.71
CA GLN A 98 -8.69 6.63 2.11
C GLN A 98 -8.90 6.46 0.59
N LEU A 99 -8.15 5.59 -0.04
CA LEU A 99 -8.32 5.39 -1.48
C LEU A 99 -9.30 4.25 -1.71
N LEU A 100 -9.30 3.30 -0.83
CA LEU A 100 -10.17 2.15 -0.99
C LEU A 100 -11.58 2.64 -1.36
N PRO A 101 -11.94 3.73 -0.74
CA PRO A 101 -13.27 4.32 -1.00
C PRO A 101 -13.35 4.91 -2.42
N LYS A 102 -12.27 4.86 -3.15
CA LYS A 102 -12.27 5.43 -4.49
C LYS A 102 -12.73 4.42 -5.54
N PHE A 103 -12.27 3.20 -5.43
CA PHE A 103 -12.63 2.20 -6.44
C PHE A 103 -13.57 1.16 -5.84
N LYS A 104 -13.92 1.31 -4.59
CA LYS A 104 -14.83 0.36 -3.98
C LYS A 104 -15.56 1.03 -2.81
N ARG A 105 -16.79 1.41 -3.01
CA ARG A 105 -17.53 2.06 -1.94
C ARG A 105 -19.03 1.96 -2.23
N LYS A 106 -19.57 0.78 -2.23
CA LYS A 106 -20.99 0.61 -2.50
C LYS A 106 -21.79 1.36 -1.42
N ALA A 107 -22.79 2.10 -1.83
CA ALA A 107 -23.59 2.83 -0.86
C ALA A 107 -24.94 3.17 -1.48
N ASN A 108 -25.36 2.44 -2.47
CA ASN A 108 -26.64 2.72 -3.10
C ASN A 108 -27.75 2.46 -2.09
N MET A 1 -3.92 23.22 -11.04
CA MET A 1 -4.79 22.12 -10.53
C MET A 1 -4.13 20.77 -10.82
N ALA A 2 -3.48 20.63 -11.95
CA ALA A 2 -2.83 19.38 -12.26
C ALA A 2 -1.34 19.63 -12.49
N THR A 3 -0.50 18.74 -12.02
CA THR A 3 0.93 18.93 -12.21
C THR A 3 1.48 17.81 -13.09
N SER A 4 0.96 16.62 -12.95
CA SER A 4 1.44 15.51 -13.77
C SER A 4 0.25 14.73 -14.32
N SER A 5 0.36 13.44 -14.44
CA SER A 5 -0.73 12.66 -14.97
C SER A 5 -1.44 11.92 -13.82
N GLU A 6 -0.90 10.81 -13.39
CA GLU A 6 -1.53 10.07 -12.32
C GLU A 6 -1.40 10.84 -11.01
N GLU A 7 -2.21 10.52 -10.04
CA GLU A 7 -2.12 11.19 -8.76
C GLU A 7 -1.83 10.15 -7.68
N VAL A 8 -0.67 10.14 -7.09
CA VAL A 8 -0.38 9.14 -6.08
C VAL A 8 -0.58 9.76 -4.70
N LEU A 9 -0.86 8.95 -3.72
CA LEU A 9 -1.13 9.49 -2.40
C LEU A 9 0.09 9.41 -1.45
N LEU A 10 0.88 8.36 -1.42
CA LEU A 10 1.99 8.40 -0.48
C LEU A 10 2.99 7.28 -0.75
N ILE A 11 4.18 7.42 -0.19
CA ILE A 11 5.20 6.41 -0.37
C ILE A 11 5.95 6.21 0.95
N VAL A 12 6.29 4.99 1.26
CA VAL A 12 7.00 4.74 2.51
C VAL A 12 8.29 3.95 2.25
N LYS A 13 9.38 4.65 2.25
CA LYS A 13 10.70 4.07 2.03
C LYS A 13 10.96 2.88 2.96
N LYS A 14 10.22 2.78 3.99
CA LYS A 14 10.42 1.67 4.91
C LYS A 14 9.21 0.73 4.93
N VAL A 15 9.38 -0.50 4.49
CA VAL A 15 8.27 -1.42 4.62
C VAL A 15 8.79 -2.84 4.75
N ARG A 16 8.08 -3.63 5.49
CA ARG A 16 8.48 -4.99 5.73
C ARG A 16 7.34 -5.92 5.33
N GLN A 17 7.63 -6.89 4.55
CA GLN A 17 6.60 -7.80 4.15
C GLN A 17 7.16 -9.21 4.29
N LYS A 18 6.38 -10.12 4.80
CA LYS A 18 6.88 -11.46 5.09
C LYS A 18 7.88 -11.92 4.02
N LYS A 19 7.86 -11.38 2.84
CA LYS A 19 8.83 -11.78 1.86
C LYS A 19 10.17 -11.04 2.10
N GLN A 20 10.09 -9.74 2.12
CA GLN A 20 11.27 -8.91 2.20
C GLN A 20 10.95 -7.58 2.85
N ASP A 21 11.94 -6.84 3.18
CA ASP A 21 11.69 -5.54 3.73
C ASP A 21 12.05 -4.67 2.56
N GLY A 22 11.21 -3.74 2.26
CA GLY A 22 11.41 -2.91 1.11
C GLY A 22 10.58 -1.64 1.22
N ALA A 23 10.85 -0.67 0.40
CA ALA A 23 10.09 0.54 0.50
C ALA A 23 8.81 0.39 -0.31
N LEU A 24 7.76 0.86 0.26
CA LEU A 24 6.45 0.70 -0.32
C LEU A 24 5.94 2.03 -0.87
N TYR A 25 5.41 1.99 -2.05
CA TYR A 25 4.89 3.18 -2.68
C TYR A 25 3.37 3.01 -2.74
N LEU A 26 2.60 4.01 -2.45
CA LEU A 26 1.17 3.83 -2.53
C LEU A 26 0.64 4.80 -3.56
N MET A 27 -0.24 4.36 -4.41
CA MET A 27 -0.80 5.23 -5.42
C MET A 27 -2.31 5.10 -5.37
N ALA A 28 -3.03 6.16 -5.57
CA ALA A 28 -4.48 6.08 -5.51
C ALA A 28 -4.93 4.81 -6.24
N GLU A 29 -4.56 4.67 -7.48
CA GLU A 29 -5.03 3.55 -8.25
C GLU A 29 -4.16 2.29 -8.07
N ARG A 30 -3.02 2.36 -7.43
CA ARG A 30 -2.26 1.11 -7.30
C ARG A 30 -1.24 1.18 -6.17
N ILE A 31 -0.78 0.04 -5.76
CA ILE A 31 0.22 -0.01 -4.70
C ILE A 31 1.56 -0.44 -5.31
N ALA A 32 2.61 0.29 -5.06
CA ALA A 32 3.90 -0.05 -5.63
C ALA A 32 4.87 -0.46 -4.53
N TRP A 33 5.85 -1.24 -4.89
CA TRP A 33 6.81 -1.67 -3.90
C TRP A 33 8.21 -1.61 -4.49
N ALA A 34 9.17 -1.21 -3.71
CA ALA A 34 10.52 -1.15 -4.23
C ALA A 34 11.57 -1.36 -3.14
N PRO A 35 12.55 -2.17 -3.46
CA PRO A 35 13.63 -2.39 -2.47
C PRO A 35 14.92 -1.75 -3.01
N GLU A 36 15.33 -2.15 -4.19
CA GLU A 36 16.53 -1.57 -4.77
C GLU A 36 16.52 -1.82 -6.29
N GLY A 37 16.03 -0.88 -7.06
CA GLY A 37 16.00 -1.07 -8.50
C GLY A 37 16.07 0.28 -9.22
N LYS A 38 15.79 0.30 -10.50
CA LYS A 38 15.85 1.55 -11.23
C LYS A 38 14.44 2.03 -11.55
N ASP A 39 13.49 1.15 -11.56
CA ASP A 39 12.14 1.58 -11.82
C ASP A 39 11.66 2.32 -10.59
N ARG A 40 10.70 3.17 -10.74
CA ARG A 40 10.20 3.92 -9.60
C ARG A 40 9.96 2.95 -8.45
N PHE A 41 9.71 1.72 -8.78
CA PHE A 41 9.52 0.71 -7.76
C PHE A 41 9.72 -0.68 -8.35
N THR A 42 9.50 -1.68 -7.56
CA THR A 42 9.66 -3.05 -8.02
C THR A 42 8.32 -3.58 -8.58
N ILE A 43 7.21 -3.22 -7.97
CA ILE A 43 5.93 -3.70 -8.48
C ILE A 43 4.88 -2.60 -8.35
N SER A 44 3.71 -2.82 -8.90
CA SER A 44 2.65 -1.83 -8.82
C SER A 44 1.33 -2.55 -9.15
N HIS A 45 0.42 -2.64 -8.21
CA HIS A 45 -0.83 -3.34 -8.49
C HIS A 45 -1.98 -2.35 -8.55
N MET A 46 -2.71 -2.36 -9.63
CA MET A 46 -3.83 -1.47 -9.75
C MET A 46 -4.91 -1.90 -8.76
N TYR A 47 -5.10 -1.14 -7.72
CA TYR A 47 -6.09 -1.50 -6.71
C TYR A 47 -7.35 -2.09 -7.36
N ALA A 48 -7.82 -1.55 -8.44
CA ALA A 48 -8.99 -2.13 -9.08
C ALA A 48 -8.61 -3.52 -9.61
N ASP A 49 -7.48 -3.58 -10.26
CA ASP A 49 -7.02 -4.84 -10.80
C ASP A 49 -7.15 -5.88 -9.70
N ILE A 50 -7.01 -5.45 -8.49
CA ILE A 50 -7.05 -6.38 -7.40
C ILE A 50 -8.33 -6.20 -6.59
N LYS A 51 -8.84 -7.22 -5.93
CA LYS A 51 -10.01 -6.99 -5.13
C LYS A 51 -9.99 -7.83 -3.86
N CYS A 52 -9.68 -7.19 -2.79
CA CYS A 52 -9.68 -7.82 -1.50
C CYS A 52 -9.07 -6.82 -0.53
N GLN A 53 -9.71 -6.54 0.55
CA GLN A 53 -9.10 -5.57 1.45
C GLN A 53 -9.37 -5.94 2.90
N LYS A 54 -8.32 -6.05 3.65
CA LYS A 54 -8.44 -6.39 5.05
C LYS A 54 -7.40 -5.57 5.83
N ILE A 55 -7.86 -4.63 6.64
CA ILE A 55 -6.92 -3.84 7.40
C ILE A 55 -7.33 -3.92 8.88
N SER A 56 -6.63 -4.71 9.64
CA SER A 56 -6.97 -4.83 11.04
C SER A 56 -5.81 -4.39 11.95
N PRO A 57 -4.87 -3.63 11.44
CA PRO A 57 -3.78 -3.25 12.35
C PRO A 57 -4.31 -2.41 13.51
N GLU A 58 -5.53 -1.97 13.42
CA GLU A 58 -6.07 -1.19 14.50
C GLU A 58 -5.85 -1.95 15.81
N GLY A 59 -5.68 -3.25 15.74
CA GLY A 59 -5.42 -4.02 16.94
C GLY A 59 -4.42 -5.15 16.63
N LYS A 60 -3.69 -5.06 15.54
CA LYS A 60 -2.75 -6.13 15.21
C LYS A 60 -1.46 -6.00 16.02
N ALA A 61 -0.31 -5.90 15.37
CA ALA A 61 0.92 -5.81 16.11
C ALA A 61 1.66 -4.52 15.75
N LYS A 62 1.78 -4.18 14.49
CA LYS A 62 2.49 -2.96 14.17
C LYS A 62 2.13 -2.42 12.78
N ILE A 63 0.88 -2.40 12.40
CA ILE A 63 0.48 -1.89 11.09
C ILE A 63 0.81 -2.86 9.94
N GLN A 64 -0.10 -3.77 9.78
CA GLN A 64 -0.02 -4.76 8.73
C GLN A 64 -1.30 -4.68 7.89
N LEU A 65 -1.19 -4.70 6.58
CA LEU A 65 -2.40 -4.64 5.79
C LEU A 65 -2.43 -5.81 4.79
N GLN A 66 -3.60 -6.09 4.23
CA GLN A 66 -3.69 -7.21 3.30
C GLN A 66 -4.71 -6.93 2.18
N LEU A 67 -4.32 -7.16 0.97
CA LEU A 67 -5.18 -6.91 -0.18
C LEU A 67 -5.07 -8.10 -1.13
N VAL A 68 -6.10 -8.40 -1.88
CA VAL A 68 -5.97 -9.53 -2.79
C VAL A 68 -6.38 -9.15 -4.18
N LEU A 69 -5.88 -9.92 -5.08
CA LEU A 69 -6.06 -9.71 -6.48
C LEU A 69 -7.31 -10.45 -6.95
N HIS A 70 -8.04 -9.93 -7.92
CA HIS A 70 -9.22 -10.65 -8.40
C HIS A 70 -8.77 -12.10 -8.58
N ALA A 71 -7.52 -12.23 -8.93
CA ALA A 71 -6.92 -13.53 -9.09
C ALA A 71 -6.63 -14.11 -7.71
N GLY A 72 -5.68 -14.99 -7.60
CA GLY A 72 -5.39 -15.63 -6.33
C GLY A 72 -4.06 -15.11 -5.80
N ASP A 73 -3.94 -13.84 -5.74
CA ASP A 73 -2.72 -13.24 -5.27
C ASP A 73 -3.06 -12.23 -4.19
N THR A 74 -2.41 -12.34 -3.07
CA THR A 74 -2.69 -11.42 -2.00
C THR A 74 -1.52 -10.49 -1.85
N THR A 75 -1.70 -9.40 -1.17
CA THR A 75 -0.62 -8.49 -0.98
C THR A 75 -0.54 -8.23 0.52
N ASN A 76 0.48 -8.66 1.17
CA ASN A 76 0.58 -8.42 2.59
C ASN A 76 1.69 -7.40 2.78
N PHE A 77 1.49 -6.42 3.59
CA PHE A 77 2.55 -5.45 3.74
C PHE A 77 2.61 -4.93 5.18
N HIS A 78 3.79 -4.69 5.64
CA HIS A 78 3.96 -4.24 7.00
C HIS A 78 5.06 -3.18 7.11
N PHE A 79 5.07 -2.50 8.20
CA PHE A 79 6.08 -1.49 8.45
C PHE A 79 6.71 -1.92 9.76
N SER A 80 8.01 -2.01 9.92
CA SER A 80 8.49 -2.40 11.24
C SER A 80 10.05 -2.44 11.27
N ASN A 81 10.67 -2.59 10.11
CA ASN A 81 12.13 -2.71 10.03
C ASN A 81 12.81 -1.99 11.19
N GLU A 82 13.16 -0.74 11.02
CA GLU A 82 13.81 -0.05 12.12
C GLU A 82 12.85 -0.06 13.31
N SER A 83 12.35 1.08 13.72
CA SER A 83 11.40 1.10 14.80
C SER A 83 10.54 2.31 14.52
N THR A 84 9.48 2.15 13.78
CA THR A 84 8.65 3.29 13.45
C THR A 84 7.20 2.83 13.23
N ALA A 85 6.89 1.60 13.59
CA ALA A 85 5.54 1.12 13.38
C ALA A 85 4.62 1.88 14.33
N VAL A 86 4.30 3.06 13.93
CA VAL A 86 3.42 3.90 14.72
C VAL A 86 2.66 4.85 13.78
N LYS A 87 2.42 6.06 14.23
CA LYS A 87 1.68 7.02 13.41
C LYS A 87 2.12 6.92 11.93
N GLU A 88 3.39 7.09 11.67
CA GLU A 88 3.87 7.02 10.29
C GLU A 88 3.14 5.92 9.52
N ARG A 89 3.46 4.70 9.80
CA ARG A 89 2.82 3.60 9.12
C ARG A 89 1.31 3.75 9.35
N ASP A 90 0.96 4.09 10.56
CA ASP A 90 -0.44 4.29 10.89
C ASP A 90 -1.02 5.33 9.91
N ALA A 91 -0.17 6.03 9.19
CA ALA A 91 -0.65 6.97 8.22
C ALA A 91 -0.69 6.27 6.86
N VAL A 92 0.27 5.43 6.59
CA VAL A 92 0.23 4.70 5.34
C VAL A 92 -1.08 3.93 5.35
N LYS A 93 -1.31 3.21 6.42
CA LYS A 93 -2.53 2.50 6.56
C LYS A 93 -3.66 3.53 6.43
N ASP A 94 -3.55 4.60 7.20
CA ASP A 94 -4.54 5.67 7.15
C ASP A 94 -4.95 5.95 5.70
N LEU A 95 -4.08 5.73 4.74
CA LEU A 95 -4.49 5.94 3.36
C LEU A 95 -5.17 4.68 2.88
N LEU A 96 -4.59 3.55 3.21
CA LEU A 96 -5.15 2.27 2.82
C LEU A 96 -6.67 2.31 2.92
N GLN A 97 -7.16 2.43 4.12
CA GLN A 97 -8.61 2.46 4.32
C GLN A 97 -9.23 3.65 3.58
N GLN A 98 -8.44 4.46 2.94
CA GLN A 98 -8.99 5.59 2.23
C GLN A 98 -9.01 5.30 0.72
N LEU A 99 -8.16 4.42 0.25
CA LEU A 99 -8.17 4.13 -1.19
C LEU A 99 -9.10 2.95 -1.45
N LEU A 100 -9.16 1.99 -0.57
CA LEU A 100 -10.01 0.84 -0.84
C LEU A 100 -11.39 1.35 -1.29
N PRO A 101 -11.79 2.44 -0.69
CA PRO A 101 -13.09 3.04 -1.05
C PRO A 101 -13.05 3.68 -2.44
N LYS A 102 -11.88 3.80 -3.01
CA LYS A 102 -11.74 4.43 -4.31
C LYS A 102 -12.15 3.46 -5.43
N PHE A 103 -11.67 2.26 -5.36
CA PHE A 103 -11.97 1.30 -6.43
C PHE A 103 -13.04 0.32 -5.97
N LYS A 104 -13.60 0.53 -4.82
CA LYS A 104 -14.65 -0.37 -4.37
C LYS A 104 -15.89 0.43 -4.00
N ARG A 105 -15.99 1.62 -4.51
CA ARG A 105 -17.14 2.45 -4.20
C ARG A 105 -17.54 3.29 -5.42
N LYS A 106 -16.82 3.20 -6.51
CA LYS A 106 -17.17 3.99 -7.67
C LYS A 106 -17.02 3.13 -8.93
N ALA A 107 -17.59 3.57 -10.03
CA ALA A 107 -17.49 2.81 -11.25
C ALA A 107 -16.34 3.35 -12.10
N ASN A 108 -15.89 4.55 -11.81
CA ASN A 108 -14.80 5.12 -12.58
C ASN A 108 -13.47 4.58 -12.07
N MET A 1 6.27 16.82 -19.96
CA MET A 1 6.84 18.07 -19.40
C MET A 1 7.57 17.76 -18.08
N ALA A 2 8.28 18.71 -17.55
CA ALA A 2 8.98 18.48 -16.31
C ALA A 2 8.05 17.80 -15.31
N THR A 3 7.02 18.50 -14.89
CA THR A 3 6.09 17.91 -13.94
C THR A 3 5.58 16.58 -14.48
N SER A 4 5.54 15.56 -13.65
CA SER A 4 5.07 14.26 -14.11
C SER A 4 3.65 14.40 -14.67
N SER A 5 2.94 13.32 -14.80
CA SER A 5 1.60 13.39 -15.34
C SER A 5 0.60 12.88 -14.30
N GLU A 6 0.77 11.66 -13.85
CA GLU A 6 -0.16 11.11 -12.88
C GLU A 6 -0.05 11.87 -11.57
N GLU A 7 -1.03 11.70 -10.75
CA GLU A 7 -1.03 12.34 -9.46
C GLU A 7 -1.08 11.29 -8.36
N VAL A 8 -0.02 11.11 -7.61
CA VAL A 8 -0.02 10.08 -6.59
C VAL A 8 -0.32 10.71 -5.22
N LEU A 9 -0.83 9.93 -4.32
CA LEU A 9 -1.22 10.46 -3.03
C LEU A 9 -0.15 10.23 -1.93
N LEU A 10 0.65 9.20 -1.97
CA LEU A 10 1.64 9.07 -0.91
C LEU A 10 2.52 7.85 -1.16
N ILE A 11 3.77 7.93 -0.81
CA ILE A 11 4.65 6.80 -1.02
C ILE A 11 5.59 6.65 0.19
N VAL A 12 5.86 5.44 0.56
CA VAL A 12 6.75 5.22 1.67
C VAL A 12 7.99 4.46 1.17
N LYS A 13 9.07 5.17 1.03
CA LYS A 13 10.32 4.58 0.57
C LYS A 13 10.71 3.41 1.47
N LYS A 14 10.16 3.38 2.62
CA LYS A 14 10.46 2.32 3.54
C LYS A 14 9.22 1.44 3.76
N VAL A 15 9.30 0.17 3.42
CA VAL A 15 8.19 -0.70 3.73
C VAL A 15 8.71 -2.11 3.92
N ARG A 16 8.06 -2.84 4.77
CA ARG A 16 8.46 -4.18 5.02
C ARG A 16 7.30 -5.08 4.73
N GLN A 17 7.55 -6.24 4.24
CA GLN A 17 6.48 -7.14 3.96
C GLN A 17 7.02 -8.54 4.19
N LYS A 18 6.28 -9.36 4.89
CA LYS A 18 6.80 -10.69 5.26
C LYS A 18 7.66 -11.27 4.12
N LYS A 19 7.47 -10.85 2.91
CA LYS A 19 8.30 -11.37 1.85
C LYS A 19 9.67 -10.65 1.86
N GLN A 20 9.65 -9.36 1.78
CA GLN A 20 10.87 -8.57 1.67
C GLN A 20 10.65 -7.20 2.27
N ASP A 21 11.70 -6.47 2.44
CA ASP A 21 11.54 -5.13 2.95
C ASP A 21 11.79 -4.30 1.69
N GLY A 22 10.88 -3.42 1.41
CA GLY A 22 10.99 -2.64 0.20
C GLY A 22 10.12 -1.39 0.26
N ALA A 23 10.35 -0.47 -0.64
CA ALA A 23 9.64 0.76 -0.61
C ALA A 23 8.30 0.64 -1.31
N LEU A 24 7.32 1.13 -0.63
CA LEU A 24 5.94 1.02 -1.09
C LEU A 24 5.48 2.39 -1.56
N TYR A 25 4.83 2.42 -2.69
CA TYR A 25 4.36 3.68 -3.26
C TYR A 25 2.85 3.67 -3.30
N LEU A 26 2.19 4.73 -2.95
CA LEU A 26 0.75 4.73 -3.02
C LEU A 26 0.37 5.74 -4.11
N MET A 27 -0.49 5.35 -5.00
CA MET A 27 -0.90 6.25 -6.05
C MET A 27 -2.41 6.42 -5.99
N ALA A 28 -2.91 7.54 -6.43
CA ALA A 28 -4.34 7.78 -6.39
C ALA A 28 -5.11 6.51 -6.68
N GLU A 29 -4.88 5.85 -7.78
CA GLU A 29 -5.66 4.66 -8.07
C GLU A 29 -4.86 3.36 -7.84
N ARG A 30 -3.62 3.40 -7.42
CA ARG A 30 -2.94 2.12 -7.25
C ARG A 30 -1.80 2.16 -6.25
N ILE A 31 -1.41 1.00 -5.81
CA ILE A 31 -0.31 0.89 -4.87
C ILE A 31 0.89 0.27 -5.59
N ALA A 32 2.05 0.86 -5.45
CA ALA A 32 3.22 0.35 -6.12
C ALA A 32 4.25 -0.13 -5.11
N TRP A 33 5.16 -0.96 -5.56
CA TRP A 33 6.17 -1.44 -4.66
C TRP A 33 7.54 -1.42 -5.32
N ALA A 34 8.52 -1.16 -4.53
CA ALA A 34 9.87 -1.12 -5.04
C ALA A 34 10.85 -1.51 -3.93
N PRO A 35 11.34 -2.72 -4.03
CA PRO A 35 12.30 -3.19 -3.00
C PRO A 35 13.64 -2.47 -3.14
N GLU A 36 14.45 -2.55 -2.13
CA GLU A 36 15.75 -1.88 -2.17
C GLU A 36 16.62 -2.54 -3.24
N GLY A 37 16.17 -3.61 -3.84
CA GLY A 37 16.95 -4.27 -4.86
C GLY A 37 17.62 -3.25 -5.79
N LYS A 38 17.00 -2.93 -6.89
CA LYS A 38 17.61 -1.96 -7.80
C LYS A 38 16.54 -1.33 -8.70
N ASP A 39 15.81 -2.13 -9.42
CA ASP A 39 14.79 -1.61 -10.32
C ASP A 39 13.81 -0.67 -9.59
N ARG A 40 14.20 0.58 -9.41
CA ARG A 40 13.40 1.56 -8.68
C ARG A 40 11.94 1.15 -8.54
N PHE A 41 11.35 0.70 -9.57
CA PHE A 41 9.95 0.30 -9.47
C PHE A 41 9.82 -1.22 -9.62
N THR A 42 8.87 -1.80 -8.93
CA THR A 42 8.69 -3.23 -9.01
C THR A 42 7.23 -3.56 -9.40
N ILE A 43 6.28 -2.94 -8.77
CA ILE A 43 4.89 -3.26 -9.10
C ILE A 43 3.96 -2.08 -8.89
N SER A 44 2.70 -2.27 -9.21
CA SER A 44 1.69 -1.23 -9.06
C SER A 44 0.33 -1.90 -9.27
N HIS A 45 -0.49 -1.96 -8.25
CA HIS A 45 -1.79 -2.60 -8.41
C HIS A 45 -2.89 -1.56 -8.39
N MET A 46 -3.65 -1.47 -9.45
CA MET A 46 -4.73 -0.51 -9.50
C MET A 46 -5.79 -0.87 -8.47
N TYR A 47 -5.81 -0.15 -7.39
CA TYR A 47 -6.75 -0.38 -6.31
C TYR A 47 -8.07 -1.01 -6.81
N ALA A 48 -8.61 -0.58 -7.91
CA ALA A 48 -9.86 -1.19 -8.37
C ALA A 48 -9.58 -2.64 -8.77
N ASP A 49 -8.53 -2.85 -9.50
CA ASP A 49 -8.15 -4.21 -9.89
C ASP A 49 -7.84 -5.01 -8.63
N ILE A 50 -7.71 -4.34 -7.51
CA ILE A 50 -7.42 -5.03 -6.27
C ILE A 50 -8.66 -4.94 -5.36
N LYS A 51 -9.29 -6.03 -4.98
CA LYS A 51 -10.42 -5.81 -4.08
C LYS A 51 -10.45 -6.84 -2.96
N CYS A 52 -10.03 -6.40 -1.82
CA CYS A 52 -10.09 -7.20 -0.63
C CYS A 52 -9.34 -6.43 0.44
N GLN A 53 -9.92 -6.18 1.55
CA GLN A 53 -9.17 -5.39 2.51
C GLN A 53 -9.40 -5.85 3.93
N LYS A 54 -8.31 -6.18 4.55
CA LYS A 54 -8.32 -6.68 5.90
C LYS A 54 -7.25 -5.90 6.69
N ILE A 55 -7.64 -5.11 7.65
CA ILE A 55 -6.65 -4.38 8.42
C ILE A 55 -6.62 -4.92 9.86
N SER A 56 -5.63 -5.70 10.18
CA SER A 56 -5.56 -6.24 11.52
C SER A 56 -4.29 -5.79 12.27
N PRO A 57 -3.74 -4.63 11.94
CA PRO A 57 -2.55 -4.26 12.75
C PRO A 57 -2.96 -3.55 14.03
N GLU A 58 -3.93 -4.10 14.72
CA GLU A 58 -4.36 -3.49 15.97
C GLU A 58 -3.56 -4.12 17.11
N GLY A 59 -3.13 -5.34 16.93
CA GLY A 59 -2.34 -6.01 17.95
C GLY A 59 -1.25 -6.82 17.23
N LYS A 60 -0.69 -6.25 16.20
CA LYS A 60 0.34 -6.94 15.44
C LYS A 60 1.72 -6.47 15.92
N ALA A 61 2.65 -6.25 15.02
CA ALA A 61 3.95 -5.78 15.43
C ALA A 61 3.96 -4.27 15.20
N LYS A 62 3.16 -3.82 14.28
CA LYS A 62 3.07 -2.40 14.02
C LYS A 62 1.92 -2.13 13.07
N ILE A 63 2.13 -2.45 11.85
CA ILE A 63 1.13 -2.16 10.85
C ILE A 63 1.25 -3.02 9.58
N GLN A 64 0.67 -4.19 9.61
CA GLN A 64 0.70 -5.05 8.44
C GLN A 64 -0.72 -5.09 7.85
N LEU A 65 -0.87 -4.89 6.58
CA LEU A 65 -2.22 -4.89 6.02
C LEU A 65 -2.36 -5.95 4.93
N GLN A 66 -3.58 -6.26 4.55
CA GLN A 66 -3.80 -7.27 3.54
C GLN A 66 -4.81 -6.77 2.48
N LEU A 67 -4.46 -6.91 1.24
CA LEU A 67 -5.33 -6.47 0.16
C LEU A 67 -5.36 -7.59 -0.88
N VAL A 68 -6.51 -7.99 -1.32
CA VAL A 68 -6.54 -9.06 -2.31
C VAL A 68 -6.97 -8.52 -3.65
N LEU A 69 -6.62 -9.24 -4.65
CA LEU A 69 -6.91 -8.85 -6.00
C LEU A 69 -8.28 -9.38 -6.40
N HIS A 70 -9.00 -8.67 -7.25
CA HIS A 70 -10.29 -9.18 -7.68
C HIS A 70 -10.07 -10.65 -8.06
N ALA A 71 -8.88 -10.91 -8.54
CA ALA A 71 -8.50 -12.25 -8.90
C ALA A 71 -8.16 -13.02 -7.61
N GLY A 72 -7.28 -13.96 -7.68
CA GLY A 72 -6.95 -14.75 -6.50
C GLY A 72 -5.54 -14.42 -6.05
N ASP A 73 -5.29 -13.17 -5.87
CA ASP A 73 -3.96 -12.75 -5.48
C ASP A 73 -4.05 -11.87 -4.26
N THR A 74 -3.13 -12.02 -3.36
CA THR A 74 -3.17 -11.23 -2.15
C THR A 74 -2.05 -10.21 -2.18
N THR A 75 -2.22 -9.14 -1.47
CA THR A 75 -1.21 -8.12 -1.40
C THR A 75 -1.01 -7.82 0.08
N ASN A 76 0.05 -8.27 0.67
CA ASN A 76 0.23 -8.01 2.08
C ASN A 76 1.40 -7.06 2.26
N PHE A 77 1.28 -6.13 3.16
CA PHE A 77 2.37 -5.21 3.36
C PHE A 77 2.54 -4.88 4.84
N HIS A 78 3.73 -4.53 5.18
CA HIS A 78 4.08 -4.23 6.56
C HIS A 78 4.93 -2.96 6.60
N PHE A 79 5.14 -2.43 7.76
CA PHE A 79 5.95 -1.23 7.86
C PHE A 79 6.92 -1.37 9.02
N SER A 80 8.07 -0.77 8.90
CA SER A 80 9.01 -0.83 10.00
C SER A 80 10.26 -0.01 9.73
N ASN A 81 10.50 0.99 10.53
CA ASN A 81 11.69 1.80 10.37
C ASN A 81 12.31 2.06 11.74
N GLU A 82 13.61 2.14 11.81
CA GLU A 82 14.27 2.39 13.08
C GLU A 82 13.50 3.48 13.84
N SER A 83 12.93 4.41 13.14
CA SER A 83 12.20 5.47 13.82
C SER A 83 10.96 5.88 13.03
N THR A 84 10.61 5.18 11.99
CA THR A 84 9.43 5.55 11.24
C THR A 84 8.48 4.34 11.22
N ALA A 85 8.53 3.58 12.26
CA ALA A 85 7.67 2.40 12.33
C ALA A 85 6.32 2.66 13.03
N VAL A 86 5.77 3.84 13.04
CA VAL A 86 4.52 4.00 13.77
C VAL A 86 3.52 4.94 13.05
N LYS A 87 3.07 6.00 13.71
CA LYS A 87 2.09 6.91 13.12
C LYS A 87 2.31 7.04 11.62
N GLU A 88 3.51 7.32 11.21
CA GLU A 88 3.81 7.44 9.79
C GLU A 88 3.11 6.31 9.02
N ARG A 89 3.45 5.09 9.35
CA ARG A 89 2.81 3.97 8.70
C ARG A 89 1.35 4.02 9.09
N ASP A 90 1.12 4.17 10.38
CA ASP A 90 -0.24 4.25 10.89
C ASP A 90 -1.10 5.04 9.90
N ALA A 91 -0.60 6.14 9.42
CA ALA A 91 -1.34 6.91 8.45
C ALA A 91 -1.43 6.09 7.16
N VAL A 92 -0.32 5.57 6.70
CA VAL A 92 -0.34 4.77 5.47
C VAL A 92 -1.59 3.87 5.49
N LYS A 93 -1.71 3.04 6.48
CA LYS A 93 -2.88 2.17 6.56
C LYS A 93 -4.10 3.06 6.75
N ASP A 94 -3.91 4.19 7.41
CA ASP A 94 -4.99 5.12 7.61
C ASP A 94 -5.43 5.66 6.25
N LEU A 95 -4.63 5.42 5.24
CA LEU A 95 -5.00 5.87 3.90
C LEU A 95 -5.57 4.67 3.13
N LEU A 96 -4.89 3.55 3.19
CA LEU A 96 -5.34 2.34 2.49
C LEU A 96 -6.84 2.08 2.69
N GLN A 97 -7.26 1.79 3.89
CA GLN A 97 -8.68 1.52 4.13
C GLN A 97 -9.53 2.76 3.79
N GLN A 98 -8.91 3.84 3.40
CA GLN A 98 -9.68 5.01 3.08
C GLN A 98 -9.94 5.04 1.56
N LEU A 99 -8.99 4.64 0.77
CA LEU A 99 -9.22 4.63 -0.67
C LEU A 99 -9.96 3.35 -1.03
N LEU A 100 -9.79 2.31 -0.26
CA LEU A 100 -10.45 1.06 -0.57
C LEU A 100 -11.90 1.36 -0.97
N PRO A 101 -12.42 2.38 -0.34
CA PRO A 101 -13.78 2.83 -0.65
C PRO A 101 -13.81 3.61 -1.98
N LYS A 102 -12.76 4.35 -2.24
CA LYS A 102 -12.68 5.13 -3.45
C LYS A 102 -13.04 4.29 -4.68
N PHE A 103 -12.69 3.04 -4.67
CA PHE A 103 -12.98 2.21 -5.82
C PHE A 103 -13.91 1.07 -5.39
N LYS A 104 -14.21 0.99 -4.12
CA LYS A 104 -15.08 -0.06 -3.64
C LYS A 104 -15.96 0.47 -2.53
N ARG A 105 -17.11 1.02 -2.85
CA ARG A 105 -17.98 1.54 -1.82
C ARG A 105 -19.31 0.79 -1.86
N LYS A 106 -19.96 0.77 -2.99
CA LYS A 106 -21.23 0.08 -3.09
C LYS A 106 -21.01 -1.30 -3.73
N ALA A 107 -22.06 -1.94 -4.16
CA ALA A 107 -21.92 -3.24 -4.79
C ALA A 107 -22.88 -3.34 -5.98
N ASN A 108 -24.07 -3.83 -5.76
CA ASN A 108 -25.01 -3.95 -6.86
C ASN A 108 -25.55 -2.56 -7.22
#